data_2Y3R
#
_entry.id   2Y3R
#
_cell.length_a   71.088
_cell.length_b   106.171
_cell.length_c   151.172
_cell.angle_alpha   90.00
_cell.angle_beta   94.63
_cell.angle_gamma   90.00
#
_symmetry.space_group_name_H-M   'P 1 21 1'
#
loop_
_entity.id
_entity.type
_entity.pdbx_description
1 polymer TAML
2 non-polymer 'FLAVIN-ADENINE DINUCLEOTIDE'
3 non-polymer 'TIRANDAMYCIN E'
4 non-polymer 'MAGNESIUM ION'
5 non-polymer GLYCEROL
6 non-polymer 'CHLORIDE ION'
7 non-polymer 'TIRANDAMYCIN D'
8 water water
#
_entity_poly.entity_id   1
_entity_poly.type   'polypeptide(L)'
_entity_poly.pdbx_seq_one_letter_code
;MGSHHHHHHHHGSDYDIPTTENLYFQGSEFMKHIDSVAPGDIRYEDLRRGENLRFVGDPEEIHLVGSAAEIEQVLSRAVR
SGKRVAVRSGGHCYEDFVANSDVRVVMDMSRLSAVGFDEERGAFAVEAGATLGAVYKTLFRVWGVTLPGGACPDVGAGGH
ILGGGYGPLSRMHGSIVDYLHAVEVVVVDASGDARTVIATREPSDPNHDLWWAHTGGGGGNFGVVVRYWLRTAEADVPPE
PGRLLPRPPAEVLLNTTVWPWEGLDEAAFARLVRNHGRWFEQNSGPDSPWCDLYSVLALTRSQSGALAMTTQLDATGPDA
EKRLETYLAAVSEGVGVQPHSDTRRLPWLHSTRWPGIAGDGDMTGRAKIKAAYARRSFDDRQIGTLYTRLTSTDYDNPAG
VVALIAYGGKVNAVPADRTAVAQRDSILKIVYVTTWEDPAQDPVHVRWIRELYRDVYADTGGVPVPGGAADGAYVNYPDV
DLADEEWNTSGVPWSELYYKDAYPRLQAVKARWDPRNVFRHALSVRVPPA
;
_entity_poly.pdbx_strand_id   A,B,C,D
#
loop_
_chem_comp.id
_chem_comp.type
_chem_comp.name
_chem_comp.formula
CL non-polymer 'CHLORIDE ION' 'Cl -1'
FAD non-polymer 'FLAVIN-ADENINE DINUCLEOTIDE' 'C27 H33 N9 O15 P2'
GOL non-polymer GLYCEROL 'C3 H8 O3'
MG non-polymer 'MAGNESIUM ION' 'Mg 2'
TIR non-polymer 'TIRANDAMYCIN E' 'C22 H29 N O6'
TRK non-polymer 'TIRANDAMYCIN D' 'C22 H27 N O6'
#
# COMPACT_ATOMS: atom_id res chain seq x y z
N ILE A 34 -13.00 -14.69 19.34
CA ILE A 34 -13.95 -13.64 19.78
C ILE A 34 -15.23 -13.37 18.88
N ASP A 35 -15.27 -13.70 17.57
CA ASP A 35 -16.54 -13.49 16.77
C ASP A 35 -17.34 -14.80 16.61
N SER A 36 -18.39 -14.95 17.41
CA SER A 36 -18.98 -16.26 17.65
C SER A 36 -20.50 -16.13 17.62
N VAL A 37 -21.19 -17.14 17.10
CA VAL A 37 -22.65 -17.04 16.91
C VAL A 37 -23.36 -18.25 17.56
N ALA A 38 -24.29 -17.96 18.48
CA ALA A 38 -24.98 -18.98 19.25
C ALA A 38 -26.45 -18.92 18.87
N PRO A 39 -27.24 -19.97 19.21
CA PRO A 39 -28.68 -19.88 18.94
C PRO A 39 -29.26 -18.60 19.51
N GLY A 40 -30.21 -17.98 18.81
CA GLY A 40 -30.76 -16.69 19.30
C GLY A 40 -30.09 -15.49 18.65
N ASP A 41 -28.85 -15.64 18.14
CA ASP A 41 -28.20 -14.59 17.36
C ASP A 41 -28.92 -14.41 16.00
N ILE A 42 -29.07 -13.17 15.57
CA ILE A 42 -29.69 -12.85 14.28
C ILE A 42 -29.04 -13.65 13.10
N ARG A 43 -27.73 -13.94 13.23
CA ARG A 43 -26.99 -14.65 12.17
C ARG A 43 -27.14 -16.19 12.23
N TYR A 44 -27.74 -16.73 13.32
CA TYR A 44 -27.75 -18.19 13.53
C TYR A 44 -28.47 -19.01 12.47
N GLU A 45 -29.70 -18.58 12.07
CA GLU A 45 -30.36 -19.27 10.96
C GLU A 45 -29.56 -19.38 9.68
N ASP A 46 -28.80 -18.35 9.29
CA ASP A 46 -27.98 -18.49 8.08
C ASP A 46 -26.72 -19.35 8.33
N LEU A 47 -26.05 -19.08 9.44
CA LEU A 47 -24.74 -19.72 9.69
C LEU A 47 -24.86 -21.17 10.14
N ARG A 48 -26.05 -21.61 10.60
CA ARG A 48 -26.17 -23.01 10.96
C ARG A 48 -26.32 -23.93 9.76
N ARG A 49 -26.48 -23.35 8.55
CA ARG A 49 -26.73 -24.08 7.30
C ARG A 49 -25.58 -23.77 6.34
N GLY A 50 -25.34 -24.66 5.40
CA GLY A 50 -24.48 -24.33 4.27
C GLY A 50 -25.42 -23.91 3.17
N GLU A 51 -25.06 -24.27 1.94
CA GLU A 51 -25.88 -23.95 0.77
C GLU A 51 -26.85 -25.07 0.43
N ASN A 52 -26.74 -26.23 1.10
CA ASN A 52 -27.67 -27.38 0.96
C ASN A 52 -28.79 -27.28 1.97
N LEU A 53 -29.97 -26.87 1.52
CA LEU A 53 -31.05 -26.58 2.51
C LEU A 53 -31.63 -27.84 3.17
N ARG A 54 -31.23 -29.00 2.67
CA ARG A 54 -31.73 -30.28 3.27
C ARG A 54 -31.19 -30.41 4.66
N PHE A 55 -30.06 -29.69 4.93
CA PHE A 55 -29.30 -30.00 6.17
C PHE A 55 -29.25 -28.87 7.16
N VAL A 56 -29.89 -29.06 8.31
CA VAL A 56 -29.93 -27.99 9.31
C VAL A 56 -29.07 -28.37 10.46
N GLY A 57 -28.00 -27.62 10.68
CA GLY A 57 -27.14 -27.88 11.82
C GLY A 57 -27.72 -27.42 13.17
N ASP A 58 -27.23 -28.03 14.24
CA ASP A 58 -27.42 -27.64 15.66
C ASP A 58 -26.20 -27.25 16.45
N PRO A 59 -25.26 -26.50 15.84
CA PRO A 59 -24.05 -26.25 16.66
C PRO A 59 -24.36 -25.27 17.80
N GLU A 60 -23.65 -25.41 18.91
CA GLU A 60 -23.81 -24.48 20.07
C GLU A 60 -23.09 -23.17 19.76
N GLU A 61 -22.06 -23.25 18.90
CA GLU A 61 -21.28 -22.02 18.57
C GLU A 61 -20.79 -22.16 17.13
N ILE A 62 -20.91 -21.07 16.34
CA ILE A 62 -20.24 -21.01 15.06
C ILE A 62 -19.19 -19.90 15.18
N HIS A 63 -17.91 -20.24 15.00
CA HIS A 63 -16.86 -19.22 15.20
C HIS A 63 -16.47 -18.70 13.85
N LEU A 64 -16.56 -17.38 13.69
CA LEU A 64 -16.04 -16.73 12.48
C LEU A 64 -14.56 -16.45 12.70
N VAL A 65 -13.72 -17.48 12.49
CA VAL A 65 -12.32 -17.41 12.85
C VAL A 65 -11.58 -16.42 11.94
N GLY A 66 -10.67 -15.66 12.50
CA GLY A 66 -9.94 -14.65 11.71
C GLY A 66 -8.48 -15.03 11.52
N SER A 67 -8.05 -16.17 12.03
CA SER A 67 -6.64 -16.50 11.91
C SER A 67 -6.38 -17.96 12.31
N ALA A 68 -5.26 -18.48 11.84
CA ALA A 68 -4.78 -19.80 12.34
C ALA A 68 -4.77 -19.95 13.87
N ALA A 69 -4.35 -18.89 14.57
CA ALA A 69 -4.23 -18.93 16.04
C ALA A 69 -5.64 -19.07 16.65
N GLU A 70 -6.62 -18.39 16.05
CA GLU A 70 -8.00 -18.51 16.50
C GLU A 70 -8.60 -19.88 16.26
N ILE A 71 -8.31 -20.49 15.10
CA ILE A 71 -8.61 -21.90 14.86
C ILE A 71 -7.96 -22.85 15.90
N GLU A 72 -6.66 -22.70 16.20
CA GLU A 72 -6.04 -23.48 17.25
C GLU A 72 -6.77 -23.37 18.63
N GLN A 73 -7.20 -22.17 19.01
N GLN A 73 -7.16 -22.16 19.01
CA GLN A 73 -7.90 -22.00 20.29
CA GLN A 73 -7.92 -21.97 20.25
C GLN A 73 -9.34 -22.54 20.30
C GLN A 73 -9.22 -22.76 20.21
N VAL A 74 -9.99 -22.59 19.14
CA VAL A 74 -11.31 -23.24 19.03
C VAL A 74 -11.13 -24.72 19.08
N LEU A 75 -10.17 -25.23 18.31
CA LEU A 75 -9.91 -26.68 18.35
C LEU A 75 -9.49 -27.23 19.68
N SER A 76 -8.50 -26.63 20.35
N SER A 76 -8.50 -26.61 20.34
CA SER A 76 -8.02 -27.13 21.64
CA SER A 76 -8.01 -27.07 21.63
C SER A 76 -9.11 -27.12 22.71
C SER A 76 -9.12 -27.13 22.67
N ARG A 77 -9.92 -26.07 22.74
CA ARG A 77 -11.08 -26.03 23.65
C ARG A 77 -12.13 -27.12 23.34
N ALA A 78 -12.39 -27.34 22.07
CA ALA A 78 -13.40 -28.33 21.69
C ALA A 78 -12.92 -29.72 22.00
N VAL A 79 -11.66 -30.00 21.70
CA VAL A 79 -11.04 -31.24 22.10
C VAL A 79 -11.04 -31.47 23.66
N ARG A 80 -10.63 -30.50 24.46
N ARG A 80 -10.60 -30.47 24.44
CA ARG A 80 -10.70 -30.71 25.93
CA ARG A 80 -10.68 -30.51 25.92
C ARG A 80 -12.15 -30.86 26.44
C ARG A 80 -12.09 -30.87 26.38
N SER A 81 -13.14 -30.33 25.71
N SER A 81 -13.10 -30.36 25.69
CA SER A 81 -14.54 -30.51 26.15
CA SER A 81 -14.49 -30.51 26.17
C SER A 81 -15.18 -31.81 25.63
C SER A 81 -15.25 -31.67 25.49
N GLY A 82 -14.61 -32.39 24.57
CA GLY A 82 -15.25 -33.54 23.92
C GLY A 82 -16.33 -33.15 22.92
N LYS A 83 -16.27 -31.90 22.41
CA LYS A 83 -17.27 -31.40 21.49
C LYS A 83 -16.86 -31.59 20.03
N ARG A 84 -17.79 -32.17 19.26
CA ARG A 84 -17.52 -32.55 17.90
C ARG A 84 -17.47 -31.29 17.05
N VAL A 85 -16.46 -31.23 16.17
CA VAL A 85 -16.23 -30.01 15.35
C VAL A 85 -16.45 -30.27 13.90
N ALA A 86 -16.67 -29.18 13.15
CA ALA A 86 -16.66 -29.29 11.68
C ALA A 86 -16.28 -27.90 11.09
N VAL A 87 -15.72 -27.89 9.89
N VAL A 87 -15.67 -27.85 9.91
CA VAL A 87 -15.33 -26.66 9.21
CA VAL A 87 -15.36 -26.56 9.32
C VAL A 87 -16.33 -26.33 8.08
C VAL A 87 -16.23 -26.29 8.07
N ARG A 88 -16.65 -25.02 7.89
CA ARG A 88 -17.45 -24.64 6.76
C ARG A 88 -16.63 -23.57 6.04
N SER A 89 -16.39 -23.74 4.74
CA SER A 89 -15.80 -22.67 3.92
C SER A 89 -16.90 -22.16 2.98
N GLY A 90 -17.03 -22.73 1.80
CA GLY A 90 -18.04 -22.23 0.82
C GLY A 90 -19.45 -22.76 1.10
N GLY A 91 -19.59 -23.79 1.98
CA GLY A 91 -20.94 -24.32 2.32
C GLY A 91 -21.58 -25.18 1.24
N HIS A 92 -20.80 -25.59 0.21
CA HIS A 92 -21.40 -26.35 -0.91
C HIS A 92 -21.51 -27.89 -0.73
N CYS A 93 -21.14 -28.39 0.44
CA CYS A 93 -21.15 -29.86 0.64
C CYS A 93 -22.51 -30.46 0.15
N TYR A 94 -22.44 -31.46 -0.73
CA TYR A 94 -23.68 -32.15 -1.14
C TYR A 94 -24.22 -33.12 -0.06
N GLU A 95 -23.41 -33.39 0.96
CA GLU A 95 -23.85 -34.29 2.08
C GLU A 95 -23.86 -33.54 3.42
N ASP A 96 -24.16 -34.25 4.51
CA ASP A 96 -24.45 -33.63 5.81
C ASP A 96 -23.20 -33.57 6.65
N PHE A 97 -22.03 -33.49 6.01
CA PHE A 97 -20.76 -33.58 6.75
C PHE A 97 -20.54 -32.49 7.77
N VAL A 98 -21.01 -31.28 7.44
CA VAL A 98 -20.86 -30.11 8.32
C VAL A 98 -22.07 -29.87 9.27
N ALA A 99 -23.27 -30.06 8.73
CA ALA A 99 -24.51 -29.67 9.36
C ALA A 99 -25.05 -30.86 10.19
N ASN A 100 -24.37 -32.03 10.16
CA ASN A 100 -24.75 -33.22 11.00
C ASN A 100 -25.18 -32.72 12.42
N SER A 101 -26.36 -33.14 12.94
CA SER A 101 -26.83 -32.65 14.27
C SER A 101 -25.85 -32.93 15.43
N ASP A 102 -24.97 -33.93 15.30
CA ASP A 102 -23.95 -34.21 16.31
C ASP A 102 -22.78 -33.18 16.33
N VAL A 103 -22.65 -32.32 15.31
CA VAL A 103 -21.59 -31.30 15.30
C VAL A 103 -21.99 -30.19 16.30
N ARG A 104 -21.11 -29.94 17.28
CA ARG A 104 -21.39 -28.98 18.32
C ARG A 104 -20.74 -27.61 18.03
N VAL A 105 -19.62 -27.60 17.30
CA VAL A 105 -18.83 -26.38 17.11
C VAL A 105 -18.43 -26.29 15.65
N VAL A 106 -18.73 -25.15 15.00
CA VAL A 106 -18.34 -24.98 13.61
C VAL A 106 -17.35 -23.84 13.57
N MET A 107 -16.30 -24.02 12.76
CA MET A 107 -15.38 -22.98 12.37
C MET A 107 -15.72 -22.60 10.92
N ASP A 108 -16.23 -21.39 10.78
CA ASP A 108 -16.67 -20.80 9.55
C ASP A 108 -15.55 -19.90 9.09
N MET A 109 -15.08 -20.15 7.88
CA MET A 109 -13.88 -19.51 7.33
C MET A 109 -14.17 -18.25 6.54
N SER A 110 -15.36 -17.67 6.67
CA SER A 110 -15.73 -16.50 5.82
C SER A 110 -14.75 -15.31 5.84
N ARG A 111 -14.12 -15.10 6.99
CA ARG A 111 -13.26 -13.94 7.13
C ARG A 111 -11.90 -14.25 6.52
N LEU A 112 -11.66 -15.50 6.16
CA LEU A 112 -10.37 -15.86 5.62
C LEU A 112 -10.57 -16.05 4.12
N SER A 113 -10.67 -14.97 3.39
CA SER A 113 -11.08 -15.12 1.98
C SER A 113 -10.13 -14.45 0.99
N ALA A 114 -8.93 -14.10 1.44
CA ALA A 114 -7.98 -13.38 0.62
C ALA A 114 -7.43 -14.26 -0.50
N VAL A 115 -7.15 -13.64 -1.64
CA VAL A 115 -6.46 -14.31 -2.79
C VAL A 115 -5.35 -13.37 -3.18
N GLY A 116 -4.09 -13.83 -3.32
CA GLY A 116 -3.03 -12.85 -3.72
C GLY A 116 -1.82 -13.64 -4.16
N PHE A 117 -0.75 -12.93 -4.44
CA PHE A 117 0.50 -13.57 -4.81
C PHE A 117 1.43 -13.48 -3.60
N ASP A 118 2.01 -14.58 -3.18
CA ASP A 118 2.96 -14.54 -2.10
C ASP A 118 4.38 -14.54 -2.69
N GLU A 119 5.01 -13.35 -2.85
N GLU A 119 4.96 -13.34 -2.79
CA GLU A 119 6.34 -13.23 -3.50
CA GLU A 119 6.26 -13.09 -3.38
C GLU A 119 7.39 -14.12 -2.84
C GLU A 119 7.39 -13.96 -2.82
N GLU A 120 7.36 -14.13 -1.50
CA GLU A 120 8.41 -14.83 -0.76
C GLU A 120 8.34 -16.33 -1.02
N ARG A 121 7.14 -16.87 -1.05
CA ARG A 121 6.95 -18.21 -1.47
C ARG A 121 6.98 -18.39 -3.00
N GLY A 122 6.78 -17.36 -3.79
CA GLY A 122 6.69 -17.58 -5.23
C GLY A 122 5.45 -18.37 -5.67
N ALA A 123 4.29 -18.10 -5.08
CA ALA A 123 3.12 -18.91 -5.40
C ALA A 123 1.90 -18.06 -5.05
N PHE A 124 0.78 -18.38 -5.67
CA PHE A 124 -0.49 -17.72 -5.32
C PHE A 124 -1.08 -18.28 -4.04
N ALA A 125 -1.57 -17.39 -3.16
CA ALA A 125 -2.12 -17.83 -1.88
C ALA A 125 -3.61 -17.68 -1.98
N VAL A 126 -4.33 -18.76 -1.63
CA VAL A 126 -5.80 -18.72 -1.59
C VAL A 126 -6.27 -19.21 -0.26
N GLU A 127 -6.91 -18.33 0.55
CA GLU A 127 -7.36 -18.68 1.84
C GLU A 127 -8.62 -19.52 1.63
N ALA A 128 -8.89 -20.41 2.60
CA ALA A 128 -9.91 -21.43 2.44
C ALA A 128 -11.31 -20.82 2.24
N GLY A 129 -11.59 -19.63 2.83
CA GLY A 129 -12.91 -19.02 2.71
C GLY A 129 -13.20 -18.29 1.40
N ALA A 130 -12.19 -18.21 0.51
CA ALA A 130 -12.39 -17.56 -0.81
C ALA A 130 -13.31 -18.39 -1.68
N THR A 131 -14.24 -17.72 -2.37
CA THR A 131 -15.05 -18.39 -3.36
C THR A 131 -14.33 -18.44 -4.73
N LEU A 132 -14.69 -19.44 -5.56
CA LEU A 132 -14.07 -19.58 -6.87
C LEU A 132 -14.28 -18.31 -7.71
N GLY A 133 -15.40 -17.64 -7.51
CA GLY A 133 -15.65 -16.40 -8.25
C GLY A 133 -14.61 -15.30 -7.96
N ALA A 134 -14.26 -15.13 -6.69
CA ALA A 134 -13.25 -14.20 -6.26
C ALA A 134 -11.88 -14.66 -6.70
N VAL A 135 -11.59 -15.94 -6.54
CA VAL A 135 -10.37 -16.54 -7.10
C VAL A 135 -10.18 -16.19 -8.58
N TYR A 136 -11.17 -16.46 -9.42
CA TYR A 136 -10.92 -16.32 -10.84
C TYR A 136 -10.84 -14.85 -11.20
N LYS A 137 -11.68 -14.04 -10.57
CA LYS A 137 -11.65 -12.59 -10.86
C LYS A 137 -10.28 -11.96 -10.50
N THR A 138 -9.77 -12.28 -9.30
CA THR A 138 -8.58 -11.66 -8.79
C THR A 138 -7.35 -12.18 -9.64
N LEU A 139 -7.24 -13.50 -9.81
CA LEU A 139 -6.10 -14.06 -10.59
C LEU A 139 -6.11 -13.51 -12.02
N PHE A 140 -7.30 -13.53 -12.64
CA PHE A 140 -7.34 -13.08 -14.03
C PHE A 140 -7.21 -11.57 -14.20
N ARG A 141 -8.08 -10.76 -13.56
CA ARG A 141 -7.95 -9.34 -13.78
C ARG A 141 -6.59 -8.82 -13.34
N VAL A 142 -6.03 -9.35 -12.24
CA VAL A 142 -4.85 -8.74 -11.74
C VAL A 142 -3.63 -9.29 -12.44
N TRP A 143 -3.61 -10.61 -12.71
CA TRP A 143 -2.35 -11.27 -13.18
C TRP A 143 -2.47 -11.98 -14.49
N GLY A 144 -3.67 -12.05 -15.03
CA GLY A 144 -3.95 -12.69 -16.33
C GLY A 144 -3.82 -14.23 -16.28
N VAL A 145 -3.93 -14.82 -15.09
CA VAL A 145 -3.85 -16.31 -14.99
C VAL A 145 -5.10 -16.88 -14.36
N THR A 146 -5.14 -18.20 -14.27
CA THR A 146 -6.30 -18.87 -13.66
C THR A 146 -5.95 -20.24 -13.12
N LEU A 147 -6.92 -20.89 -12.49
CA LEU A 147 -6.79 -22.29 -11.99
C LEU A 147 -7.90 -23.10 -12.62
N PRO A 148 -7.61 -24.38 -13.04
CA PRO A 148 -8.63 -25.20 -13.72
C PRO A 148 -9.55 -25.88 -12.66
N GLY A 149 -10.27 -25.04 -11.90
CA GLY A 149 -11.14 -25.54 -10.89
C GLY A 149 -12.60 -25.52 -11.36
N GLY A 150 -13.51 -25.49 -10.40
CA GLY A 150 -14.91 -25.63 -10.67
C GLY A 150 -15.59 -24.55 -11.47
N ALA A 151 -16.68 -24.96 -12.08
CA ALA A 151 -17.70 -24.06 -12.60
C ALA A 151 -18.53 -23.72 -11.35
N CYS A 152 -19.10 -22.58 -11.25
CA CYS A 152 -19.82 -22.42 -9.95
C CYS A 152 -19.11 -21.42 -9.08
N PRO A 153 -19.39 -20.13 -9.31
CA PRO A 153 -18.64 -19.07 -8.61
C PRO A 153 -18.78 -19.04 -7.07
N ASP A 154 -19.83 -19.69 -6.53
CA ASP A 154 -20.09 -19.60 -5.10
C ASP A 154 -19.33 -20.67 -4.29
N VAL A 155 -18.65 -21.62 -4.98
CA VAL A 155 -18.02 -22.75 -4.23
C VAL A 155 -16.82 -22.21 -3.49
N GLY A 156 -16.57 -22.70 -2.28
CA GLY A 156 -15.44 -22.26 -1.49
C GLY A 156 -14.19 -23.05 -1.81
N ALA A 157 -13.03 -22.37 -1.73
CA ALA A 157 -11.75 -23.06 -2.02
C ALA A 157 -11.48 -24.22 -0.98
N GLY A 158 -11.94 -23.99 0.26
CA GLY A 158 -11.66 -24.87 1.39
C GLY A 158 -11.99 -26.30 1.10
N GLY A 159 -13.25 -26.59 0.76
CA GLY A 159 -13.62 -27.97 0.41
C GLY A 159 -13.30 -28.39 -1.02
N HIS A 160 -13.20 -27.42 -1.92
CA HIS A 160 -13.18 -27.72 -3.29
C HIS A 160 -11.77 -28.22 -3.73
N ILE A 161 -10.71 -27.52 -3.32
CA ILE A 161 -9.37 -27.97 -3.75
C ILE A 161 -9.02 -29.29 -3.10
N LEU A 162 -9.16 -29.41 -1.80
N LEU A 162 -9.25 -29.36 -1.78
CA LEU A 162 -8.69 -30.69 -1.25
CA LEU A 162 -9.01 -30.57 -0.97
C LEU A 162 -9.56 -31.91 -1.67
C LEU A 162 -9.59 -31.83 -1.62
N GLY A 163 -10.75 -31.67 -2.27
CA GLY A 163 -11.50 -32.81 -2.88
C GLY A 163 -11.09 -33.12 -4.32
N GLY A 164 -10.06 -32.48 -4.87
CA GLY A 164 -9.73 -32.65 -6.28
C GLY A 164 -10.53 -31.87 -7.33
N GLY A 165 -10.90 -30.63 -7.03
CA GLY A 165 -11.63 -29.75 -7.96
C GLY A 165 -11.20 -29.77 -9.45
N TYR A 166 -12.20 -29.77 -10.34
CA TYR A 166 -11.99 -29.72 -11.79
C TYR A 166 -13.09 -28.82 -12.36
N GLY A 167 -12.97 -28.49 -13.64
CA GLY A 167 -14.02 -27.72 -14.30
C GLY A 167 -13.80 -27.58 -15.78
N PRO A 168 -14.36 -26.51 -16.39
CA PRO A 168 -14.35 -26.26 -17.84
C PRO A 168 -12.96 -26.35 -18.40
N LEU A 169 -11.98 -25.90 -17.62
CA LEU A 169 -10.57 -25.90 -18.07
C LEU A 169 -9.72 -27.10 -17.75
N SER A 170 -10.32 -28.17 -17.16
CA SER A 170 -9.55 -29.33 -16.75
C SER A 170 -8.96 -30.12 -17.91
N ARG A 171 -9.70 -30.23 -19.00
CA ARG A 171 -9.18 -31.00 -20.13
C ARG A 171 -7.93 -30.30 -20.68
N MET A 172 -7.90 -28.98 -20.57
CA MET A 172 -6.74 -28.21 -21.08
C MET A 172 -5.62 -28.15 -20.07
N HIS A 173 -5.94 -28.19 -18.76
CA HIS A 173 -4.88 -27.83 -17.75
C HIS A 173 -4.82 -28.75 -16.54
N GLY A 174 -5.68 -29.76 -16.47
CA GLY A 174 -5.65 -30.72 -15.34
C GLY A 174 -6.60 -30.30 -14.21
N SER A 175 -6.43 -30.92 -13.06
CA SER A 175 -7.20 -30.63 -11.88
C SER A 175 -6.54 -29.47 -11.11
N ILE A 176 -7.32 -28.78 -10.31
CA ILE A 176 -6.76 -27.72 -9.56
C ILE A 176 -5.65 -28.23 -8.63
N VAL A 177 -5.74 -29.49 -8.20
CA VAL A 177 -4.72 -30.02 -7.31
C VAL A 177 -3.40 -30.19 -7.99
N ASP A 178 -3.41 -30.17 -9.30
CA ASP A 178 -2.16 -30.32 -10.07
C ASP A 178 -1.30 -29.07 -10.00
N TYR A 179 -1.78 -28.07 -9.26
CA TYR A 179 -1.08 -26.77 -9.05
C TYR A 179 -0.90 -26.50 -7.57
N LEU A 180 -1.27 -27.46 -6.70
CA LEU A 180 -1.16 -27.24 -5.26
C LEU A 180 0.29 -27.44 -4.88
N HIS A 181 0.96 -26.35 -4.46
CA HIS A 181 2.35 -26.47 -4.11
C HIS A 181 2.56 -26.68 -2.60
N ALA A 182 1.67 -26.11 -1.79
CA ALA A 182 1.84 -26.10 -0.35
C ALA A 182 0.54 -25.77 0.28
N VAL A 183 0.38 -26.20 1.52
N VAL A 183 0.42 -26.09 1.56
CA VAL A 183 -0.78 -25.93 2.34
CA VAL A 183 -0.80 -25.92 2.30
C VAL A 183 -0.37 -25.57 3.75
C VAL A 183 -0.47 -25.68 3.77
N GLU A 184 -1.19 -24.72 4.36
CA GLU A 184 -1.09 -24.44 5.78
C GLU A 184 -2.32 -25.06 6.46
N VAL A 185 -2.11 -25.90 7.47
N VAL A 185 -2.09 -25.91 7.47
CA VAL A 185 -3.24 -26.62 8.06
CA VAL A 185 -3.16 -26.72 8.08
C VAL A 185 -3.10 -26.70 9.57
C VAL A 185 -3.05 -26.61 9.61
N VAL A 186 -4.19 -26.45 10.29
CA VAL A 186 -4.20 -26.59 11.75
C VAL A 186 -4.60 -28.03 12.03
N VAL A 187 -3.76 -28.70 12.78
CA VAL A 187 -3.92 -30.15 13.04
C VAL A 187 -3.93 -30.38 14.57
N VAL A 188 -4.47 -31.50 15.04
CA VAL A 188 -4.43 -31.86 16.46
C VAL A 188 -3.61 -33.15 16.70
N ASP A 189 -2.69 -33.14 17.66
CA ASP A 189 -1.82 -34.30 17.97
C ASP A 189 -2.48 -35.23 19.00
N ALA A 190 -1.81 -36.33 19.33
CA ALA A 190 -2.39 -37.30 20.29
C ALA A 190 -2.82 -36.73 21.63
N SER A 191 -2.06 -35.75 22.13
N SER A 191 -2.08 -35.75 22.15
CA SER A 191 -2.32 -35.17 23.45
CA SER A 191 -2.37 -35.18 23.47
C SER A 191 -3.51 -34.22 23.41
C SER A 191 -3.48 -34.15 23.41
N GLY A 192 -3.96 -33.85 22.20
CA GLY A 192 -5.13 -32.96 22.05
C GLY A 192 -4.81 -31.47 21.85
N ASP A 193 -3.55 -31.15 21.69
CA ASP A 193 -3.08 -29.77 21.39
C ASP A 193 -3.12 -29.52 19.87
N ALA A 194 -3.48 -28.30 19.50
CA ALA A 194 -3.57 -27.87 18.10
C ALA A 194 -2.31 -27.07 17.72
N ARG A 195 -1.84 -27.20 16.48
N ARG A 195 -1.84 -27.21 16.48
CA ARG A 195 -0.71 -26.38 16.03
CA ARG A 195 -0.63 -26.51 16.01
C ARG A 195 -0.97 -26.09 14.58
C ARG A 195 -0.73 -26.32 14.51
N THR A 196 -0.17 -25.22 13.99
CA THR A 196 -0.30 -24.90 12.58
C THR A 196 0.97 -25.45 11.94
N VAL A 197 0.82 -26.21 10.84
CA VAL A 197 1.96 -26.72 10.06
C VAL A 197 1.86 -26.30 8.58
N ILE A 198 2.97 -26.37 7.88
CA ILE A 198 3.00 -26.06 6.46
C ILE A 198 3.45 -27.39 5.87
N ALA A 199 2.82 -27.83 4.78
CA ALA A 199 3.24 -29.06 4.09
C ALA A 199 3.40 -28.74 2.63
N THR A 200 4.48 -29.20 2.01
CA THR A 200 4.73 -28.84 0.59
C THR A 200 4.99 -30.07 -0.28
N ARG A 201 4.94 -29.86 -1.61
CA ARG A 201 5.21 -30.80 -2.69
C ARG A 201 6.71 -31.21 -2.73
N GLU A 202 7.59 -30.47 -2.06
CA GLU A 202 9.05 -30.89 -2.08
C GLU A 202 9.21 -32.29 -1.45
N PRO A 203 9.85 -33.24 -2.18
CA PRO A 203 9.98 -34.66 -1.78
C PRO A 203 10.62 -34.82 -0.41
N SER A 204 11.55 -33.92 -0.07
CA SER A 204 12.27 -34.00 1.18
C SER A 204 11.51 -33.26 2.29
N ASP A 205 10.39 -32.65 1.97
CA ASP A 205 9.70 -31.94 3.02
C ASP A 205 9.26 -32.99 4.04
N PRO A 206 9.50 -32.73 5.34
CA PRO A 206 9.11 -33.61 6.50
C PRO A 206 7.59 -33.90 6.52
N ASN A 207 6.83 -32.92 6.02
CA ASN A 207 5.37 -32.97 5.93
C ASN A 207 4.81 -33.27 4.55
N HIS A 208 5.66 -33.87 3.71
CA HIS A 208 5.29 -34.16 2.39
C HIS A 208 4.07 -35.04 2.30
N ASP A 209 3.91 -36.01 3.21
CA ASP A 209 2.75 -36.86 3.16
C ASP A 209 1.46 -36.09 3.35
N LEU A 210 1.49 -35.10 4.24
CA LEU A 210 0.31 -34.32 4.53
C LEU A 210 -0.10 -33.49 3.32
N TRP A 211 0.88 -32.98 2.59
CA TRP A 211 0.65 -32.26 1.32
C TRP A 211 0.01 -33.18 0.33
N TRP A 212 0.54 -34.39 0.22
CA TRP A 212 -0.04 -35.30 -0.75
C TRP A 212 -1.53 -35.53 -0.46
N ALA A 213 -1.90 -35.72 0.81
CA ALA A 213 -3.31 -36.03 1.15
C ALA A 213 -4.23 -34.83 0.79
N HIS A 214 -3.70 -33.62 0.66
CA HIS A 214 -4.51 -32.45 0.29
C HIS A 214 -4.73 -32.33 -1.24
N THR A 215 -4.10 -33.21 -2.04
CA THR A 215 -4.33 -33.18 -3.47
C THR A 215 -5.48 -34.17 -3.82
N GLY A 216 -6.57 -34.17 -3.05
CA GLY A 216 -7.69 -35.05 -3.40
C GLY A 216 -8.25 -35.87 -2.25
N GLY A 217 -7.64 -35.75 -1.07
CA GLY A 217 -8.08 -36.52 0.11
C GLY A 217 -9.46 -36.11 0.60
N GLY A 218 -9.91 -34.92 0.21
CA GLY A 218 -11.26 -34.53 0.60
C GLY A 218 -11.33 -33.76 1.90
N GLY A 219 -12.29 -32.83 1.97
CA GLY A 219 -12.53 -32.05 3.18
C GLY A 219 -12.89 -32.79 4.47
N GLY A 220 -12.63 -32.12 5.62
CA GLY A 220 -13.11 -32.52 6.95
C GLY A 220 -12.43 -33.81 7.40
N ASN A 221 -11.22 -34.14 6.89
CA ASN A 221 -10.47 -35.40 7.21
C ASN A 221 -9.18 -35.25 8.00
N PHE A 222 -8.35 -34.25 7.62
CA PHE A 222 -6.99 -34.19 8.16
C PHE A 222 -6.71 -33.06 9.17
N GLY A 223 -7.44 -31.95 9.10
CA GLY A 223 -7.17 -30.79 9.97
C GLY A 223 -7.80 -29.62 9.20
N VAL A 224 -7.61 -28.39 9.67
CA VAL A 224 -8.29 -27.23 9.06
C VAL A 224 -7.31 -26.52 8.14
N VAL A 225 -7.56 -26.58 6.82
CA VAL A 225 -6.75 -25.78 5.89
C VAL A 225 -7.03 -24.28 6.06
N VAL A 226 -5.95 -23.53 6.16
CA VAL A 226 -6.03 -22.08 6.30
C VAL A 226 -5.87 -21.47 4.94
N ARG A 227 -4.89 -21.93 4.18
CA ARG A 227 -4.65 -21.34 2.86
C ARG A 227 -3.92 -22.37 2.05
N TYR A 228 -4.10 -22.25 0.76
CA TYR A 228 -3.47 -23.10 -0.20
C TYR A 228 -2.50 -22.20 -0.95
N TRP A 229 -1.32 -22.73 -1.31
CA TRP A 229 -0.43 -22.00 -2.22
C TRP A 229 -0.32 -22.77 -3.49
N LEU A 230 -0.52 -22.07 -4.61
CA LEU A 230 -0.62 -22.73 -5.90
C LEU A 230 0.30 -22.15 -6.96
N ARG A 231 0.95 -23.04 -7.67
CA ARG A 231 1.81 -22.62 -8.76
C ARG A 231 2.06 -23.83 -9.69
N THR A 232 2.44 -23.57 -10.94
CA THR A 232 2.81 -24.64 -11.88
C THR A 232 4.00 -25.46 -11.29
N ALA A 233 3.99 -26.77 -11.50
CA ALA A 233 5.08 -27.64 -11.08
C ALA A 233 6.23 -27.38 -12.04
N GLU A 234 5.93 -27.29 -13.34
CA GLU A 234 6.94 -27.05 -14.40
C GLU A 234 8.24 -26.47 -13.85
N PRO A 238 10.12 -19.27 -14.93
CA PRO A 238 10.47 -17.87 -14.59
C PRO A 238 9.59 -17.40 -13.46
N PRO A 239 10.14 -16.63 -12.48
CA PRO A 239 9.43 -16.25 -11.24
C PRO A 239 8.52 -14.98 -11.30
N GLU A 240 7.92 -14.75 -12.47
CA GLU A 240 6.90 -13.74 -12.68
C GLU A 240 5.55 -14.37 -12.31
N PRO A 241 4.74 -13.69 -11.46
CA PRO A 241 3.40 -14.23 -11.20
C PRO A 241 2.59 -14.53 -12.47
N GLY A 242 2.67 -13.67 -13.49
CA GLY A 242 1.94 -13.92 -14.77
C GLY A 242 2.37 -15.18 -15.53
N ARG A 243 3.48 -15.81 -15.14
CA ARG A 243 3.88 -17.05 -15.78
C ARG A 243 3.80 -18.27 -14.86
N LEU A 244 3.35 -18.10 -13.62
CA LEU A 244 3.36 -19.18 -12.63
C LEU A 244 2.05 -19.98 -12.51
N LEU A 245 1.00 -19.60 -13.26
CA LEU A 245 -0.24 -20.41 -13.37
C LEU A 245 -0.69 -20.31 -14.81
N PRO A 246 -1.54 -21.24 -15.27
CA PRO A 246 -1.87 -21.25 -16.70
C PRO A 246 -2.67 -20.01 -17.15
N ARG A 247 -2.45 -19.55 -18.36
CA ARG A 247 -3.32 -18.45 -18.85
C ARG A 247 -4.53 -19.07 -19.50
N PRO A 248 -5.72 -18.49 -19.27
CA PRO A 248 -6.86 -19.08 -19.97
C PRO A 248 -6.93 -18.61 -21.42
N PRO A 249 -7.83 -19.21 -22.24
CA PRO A 249 -8.02 -18.60 -23.58
C PRO A 249 -8.55 -17.19 -23.39
N ALA A 250 -8.17 -16.26 -24.23
CA ALA A 250 -8.70 -14.92 -24.11
C ALA A 250 -10.21 -14.88 -24.42
N GLU A 251 -10.65 -15.67 -25.41
CA GLU A 251 -12.09 -15.74 -25.78
C GLU A 251 -12.50 -17.19 -25.98
N VAL A 252 -13.76 -17.49 -25.71
CA VAL A 252 -14.34 -18.85 -25.92
C VAL A 252 -15.60 -18.76 -26.80
N LEU A 253 -15.86 -19.80 -27.58
CA LEU A 253 -17.14 -19.98 -28.24
C LEU A 253 -17.98 -20.75 -27.27
N LEU A 254 -19.22 -20.32 -27.12
CA LEU A 254 -20.13 -21.00 -26.22
C LEU A 254 -21.39 -21.37 -26.94
N ASN A 255 -21.76 -22.62 -26.87
CA ASN A 255 -22.93 -23.06 -27.63
C ASN A 255 -23.95 -23.70 -26.68
N THR A 256 -25.23 -23.39 -26.91
N THR A 256 -25.22 -23.42 -26.98
CA THR A 256 -26.30 -24.10 -26.27
CA THR A 256 -26.36 -24.01 -26.34
C THR A 256 -27.10 -24.75 -27.37
C THR A 256 -27.11 -24.75 -27.42
N THR A 257 -27.26 -26.07 -27.24
CA THR A 257 -27.98 -26.91 -28.23
C THR A 257 -29.14 -27.58 -27.48
N VAL A 258 -30.32 -27.57 -28.09
CA VAL A 258 -31.52 -28.05 -27.43
C VAL A 258 -32.24 -28.99 -28.41
N TRP A 259 -32.54 -30.20 -27.97
CA TRP A 259 -33.40 -31.11 -28.76
C TRP A 259 -34.75 -31.26 -28.07
N PRO A 260 -35.88 -31.00 -28.79
CA PRO A 260 -37.20 -31.21 -28.18
C PRO A 260 -37.40 -32.67 -27.77
N TRP A 261 -37.91 -32.90 -26.58
CA TRP A 261 -38.29 -34.25 -26.17
C TRP A 261 -39.51 -34.84 -26.94
N GLU A 262 -40.45 -33.98 -27.37
CA GLU A 262 -41.66 -34.39 -28.10
C GLU A 262 -41.48 -35.45 -29.18
N GLY A 263 -40.69 -35.18 -30.20
CA GLY A 263 -40.55 -36.20 -31.27
C GLY A 263 -39.36 -37.17 -31.13
N LEU A 264 -39.08 -37.58 -29.89
CA LEU A 264 -37.82 -38.25 -29.62
C LEU A 264 -38.03 -39.62 -29.00
N ASP A 265 -37.94 -40.65 -29.81
CA ASP A 265 -38.12 -42.00 -29.32
C ASP A 265 -36.80 -42.59 -28.74
N GLU A 266 -36.86 -43.86 -28.28
CA GLU A 266 -35.70 -44.56 -27.66
C GLU A 266 -34.53 -44.71 -28.61
N ALA A 267 -34.80 -45.01 -29.87
CA ALA A 267 -33.73 -45.19 -30.88
C ALA A 267 -32.96 -43.85 -31.12
N ALA A 268 -33.71 -42.73 -31.13
CA ALA A 268 -33.14 -41.42 -31.37
C ALA A 268 -32.30 -40.99 -30.14
N PHE A 269 -32.85 -41.22 -28.96
CA PHE A 269 -32.18 -40.93 -27.70
C PHE A 269 -30.89 -41.75 -27.64
N ALA A 270 -30.98 -43.03 -28.03
CA ALA A 270 -29.86 -43.93 -27.83
C ALA A 270 -28.75 -43.54 -28.77
N ARG A 271 -29.09 -43.13 -29.99
CA ARG A 271 -28.10 -42.67 -31.02
C ARG A 271 -27.30 -41.40 -30.53
N LEU A 272 -28.03 -40.41 -30.01
CA LEU A 272 -27.44 -39.20 -29.43
C LEU A 272 -26.45 -39.59 -28.32
N VAL A 273 -26.90 -40.41 -27.36
CA VAL A 273 -26.02 -40.81 -26.24
C VAL A 273 -24.80 -41.53 -26.76
N ARG A 274 -25.04 -42.48 -27.66
CA ARG A 274 -23.90 -43.23 -28.27
C ARG A 274 -22.95 -42.32 -29.08
N ASN A 275 -23.48 -41.44 -29.92
CA ASN A 275 -22.67 -40.47 -30.62
C ASN A 275 -21.74 -39.72 -29.67
N HIS A 276 -22.30 -39.10 -28.61
CA HIS A 276 -21.56 -38.31 -27.65
C HIS A 276 -20.53 -39.21 -26.97
N GLY A 277 -20.93 -40.44 -26.60
CA GLY A 277 -20.06 -41.37 -25.90
C GLY A 277 -18.84 -41.74 -26.74
N ARG A 278 -19.07 -42.23 -27.95
CA ARG A 278 -17.99 -42.48 -28.91
C ARG A 278 -17.09 -41.32 -29.16
N TRP A 279 -17.64 -40.12 -29.31
CA TRP A 279 -16.78 -38.95 -29.54
C TRP A 279 -15.80 -38.77 -28.33
N PHE A 280 -16.35 -38.88 -27.12
CA PHE A 280 -15.49 -38.72 -25.94
C PHE A 280 -14.52 -39.87 -25.78
N GLU A 281 -14.92 -41.07 -26.18
CA GLU A 281 -13.99 -42.20 -26.15
C GLU A 281 -12.79 -41.94 -27.05
N GLN A 282 -13.05 -41.28 -28.19
CA GLN A 282 -12.01 -41.09 -29.17
C GLN A 282 -11.20 -39.84 -28.90
N ASN A 283 -11.78 -38.84 -28.23
CA ASN A 283 -11.16 -37.49 -28.20
C ASN A 283 -10.84 -36.90 -26.80
N SER A 284 -10.41 -37.76 -25.87
CA SER A 284 -10.13 -37.33 -24.50
C SER A 284 -8.74 -37.74 -24.00
N GLY A 285 -7.84 -38.09 -24.92
CA GLY A 285 -6.45 -38.36 -24.54
C GLY A 285 -5.72 -37.09 -24.14
N PRO A 286 -4.66 -37.23 -23.30
CA PRO A 286 -3.92 -36.05 -22.86
C PRO A 286 -3.26 -35.31 -24.03
N ASP A 287 -3.07 -35.97 -25.17
CA ASP A 287 -2.46 -35.21 -26.28
C ASP A 287 -3.46 -34.87 -27.37
N SER A 288 -4.75 -35.02 -27.10
CA SER A 288 -5.79 -34.70 -28.10
C SER A 288 -5.84 -33.21 -28.37
N PRO A 289 -6.00 -32.85 -29.63
CA PRO A 289 -6.22 -31.41 -29.92
C PRO A 289 -7.55 -30.99 -29.32
N TRP A 290 -8.42 -31.92 -28.97
CA TRP A 290 -9.70 -31.55 -28.36
C TRP A 290 -9.63 -31.29 -26.87
N CYS A 291 -8.44 -31.33 -26.29
CA CYS A 291 -8.28 -30.88 -24.89
C CYS A 291 -8.86 -29.45 -24.64
N ASP A 292 -9.12 -28.66 -25.69
CA ASP A 292 -9.59 -27.29 -25.50
C ASP A 292 -11.12 -27.15 -25.61
N LEU A 293 -11.81 -28.29 -25.63
CA LEU A 293 -13.25 -28.30 -25.62
C LEU A 293 -13.78 -28.88 -24.30
N TYR A 294 -14.87 -28.31 -23.81
CA TYR A 294 -15.56 -28.83 -22.63
C TYR A 294 -17.05 -28.81 -22.99
N SER A 295 -17.80 -29.75 -22.46
CA SER A 295 -19.25 -29.75 -22.71
C SER A 295 -19.99 -30.47 -21.60
N VAL A 296 -21.27 -30.13 -21.42
CA VAL A 296 -22.13 -30.84 -20.52
C VAL A 296 -23.36 -31.23 -21.32
N LEU A 297 -23.61 -32.55 -21.43
CA LEU A 297 -24.87 -33.05 -22.05
C LEU A 297 -25.83 -33.36 -20.92
N ALA A 298 -27.00 -32.71 -20.92
CA ALA A 298 -28.03 -32.96 -19.90
C ALA A 298 -29.16 -33.85 -20.41
N LEU A 299 -29.24 -35.08 -19.87
CA LEU A 299 -30.30 -36.01 -20.21
C LEU A 299 -31.35 -35.71 -19.17
N THR A 300 -32.33 -34.95 -19.58
CA THR A 300 -33.37 -34.41 -18.66
C THR A 300 -34.60 -35.33 -18.65
N ARG A 301 -35.47 -35.19 -17.64
CA ARG A 301 -36.79 -35.83 -17.69
C ARG A 301 -37.52 -35.33 -18.92
N SER A 302 -38.24 -36.20 -19.64
CA SER A 302 -38.98 -35.76 -20.83
C SER A 302 -40.06 -34.71 -20.47
N GLN A 303 -40.58 -34.79 -19.26
CA GLN A 303 -41.50 -33.82 -18.65
C GLN A 303 -40.97 -32.41 -18.91
N SER A 304 -39.66 -32.25 -18.82
CA SER A 304 -39.04 -30.92 -18.96
C SER A 304 -39.21 -30.29 -20.34
N GLY A 305 -39.49 -31.10 -21.37
CA GLY A 305 -39.73 -30.63 -22.72
C GLY A 305 -38.51 -30.68 -23.62
N ALA A 306 -37.31 -30.66 -23.05
CA ALA A 306 -36.10 -30.68 -23.90
C ALA A 306 -34.85 -31.21 -23.23
N LEU A 307 -34.03 -31.83 -24.06
CA LEU A 307 -32.67 -32.33 -23.79
C LEU A 307 -31.75 -31.15 -24.22
N ALA A 308 -30.65 -30.96 -23.52
CA ALA A 308 -29.78 -29.83 -23.85
C ALA A 308 -28.30 -30.14 -23.67
N MET A 309 -27.48 -29.35 -24.33
CA MET A 309 -26.03 -29.50 -24.20
C MET A 309 -25.35 -28.12 -24.25
N THR A 310 -24.38 -27.90 -23.36
CA THR A 310 -23.54 -26.68 -23.38
C THR A 310 -22.13 -27.03 -23.69
N THR A 311 -21.52 -26.27 -24.62
CA THR A 311 -20.21 -26.52 -25.11
C THR A 311 -19.42 -25.22 -25.01
N GLN A 312 -18.16 -25.34 -24.56
CA GLN A 312 -17.18 -24.27 -24.54
C GLN A 312 -15.94 -24.76 -25.31
N LEU A 313 -15.43 -23.90 -26.21
CA LEU A 313 -14.26 -24.19 -26.97
C LEU A 313 -13.40 -22.93 -27.04
N ASP A 314 -12.12 -23.08 -26.78
CA ASP A 314 -11.12 -22.01 -26.95
C ASP A 314 -11.27 -21.41 -28.35
N ALA A 315 -11.52 -20.10 -28.41
CA ALA A 315 -11.86 -19.44 -29.69
C ALA A 315 -10.65 -18.79 -30.36
N THR A 316 -9.46 -18.98 -29.82
N THR A 316 -9.47 -19.01 -29.77
CA THR A 316 -8.32 -18.22 -30.38
CA THR A 316 -8.19 -18.41 -30.20
C THR A 316 -7.70 -18.75 -31.69
C THR A 316 -7.79 -18.74 -31.65
N GLY A 317 -7.88 -20.02 -32.00
CA GLY A 317 -7.50 -20.53 -33.34
C GLY A 317 -8.45 -19.97 -34.44
N PRO A 318 -7.96 -19.77 -35.67
CA PRO A 318 -8.87 -19.13 -36.66
C PRO A 318 -9.97 -20.10 -37.19
N ASP A 319 -9.84 -21.42 -36.95
CA ASP A 319 -10.86 -22.37 -37.40
C ASP A 319 -11.75 -22.90 -36.25
N ALA A 320 -11.82 -22.16 -35.14
CA ALA A 320 -12.54 -22.58 -33.97
C ALA A 320 -14.02 -22.86 -34.32
N GLU A 321 -14.63 -22.02 -35.16
CA GLU A 321 -16.02 -22.19 -35.47
C GLU A 321 -16.25 -23.50 -36.22
N LYS A 322 -15.41 -23.82 -37.21
CA LYS A 322 -15.55 -25.09 -37.95
C LYS A 322 -15.34 -26.30 -36.97
N ARG A 323 -14.41 -26.16 -36.04
CA ARG A 323 -14.18 -27.28 -35.07
C ARG A 323 -15.41 -27.49 -34.16
N LEU A 324 -15.99 -26.39 -33.70
CA LEU A 324 -17.15 -26.51 -32.83
C LEU A 324 -18.24 -27.26 -33.64
N GLU A 325 -18.45 -26.83 -34.88
CA GLU A 325 -19.50 -27.37 -35.71
C GLU A 325 -19.26 -28.89 -35.91
N THR A 326 -17.99 -29.33 -36.01
CA THR A 326 -17.78 -30.76 -36.23
C THR A 326 -18.15 -31.55 -35.00
N TYR A 327 -17.87 -31.00 -33.80
CA TYR A 327 -18.28 -31.67 -32.57
C TYR A 327 -19.81 -31.75 -32.51
N LEU A 328 -20.51 -30.61 -32.68
CA LEU A 328 -21.98 -30.59 -32.67
C LEU A 328 -22.60 -31.54 -33.72
N ALA A 329 -22.02 -31.58 -34.92
CA ALA A 329 -22.48 -32.49 -35.97
C ALA A 329 -22.29 -33.92 -35.56
N ALA A 330 -21.17 -34.24 -34.93
CA ALA A 330 -20.97 -35.63 -34.46
C ALA A 330 -22.06 -36.03 -33.42
N VAL A 331 -22.43 -35.11 -32.51
CA VAL A 331 -23.38 -35.45 -31.45
C VAL A 331 -24.79 -35.69 -32.06
N SER A 332 -25.14 -34.87 -33.06
CA SER A 332 -26.46 -34.99 -33.70
C SER A 332 -26.58 -36.01 -34.89
N GLU A 333 -25.50 -36.65 -35.32
CA GLU A 333 -25.57 -37.38 -36.57
C GLU A 333 -26.60 -38.52 -36.52
N GLY A 334 -27.41 -38.61 -37.58
CA GLY A 334 -28.45 -39.65 -37.69
C GLY A 334 -29.45 -39.70 -36.53
N VAL A 335 -29.47 -38.66 -35.70
CA VAL A 335 -30.42 -38.69 -34.59
C VAL A 335 -31.85 -38.50 -35.11
N GLY A 336 -32.01 -37.72 -36.18
CA GLY A 336 -33.29 -37.58 -36.84
C GLY A 336 -34.07 -36.45 -36.18
N VAL A 337 -33.50 -35.81 -35.16
CA VAL A 337 -34.14 -34.68 -34.48
C VAL A 337 -33.22 -33.46 -34.69
N GLN A 338 -33.73 -32.41 -35.31
CA GLN A 338 -32.87 -31.24 -35.56
C GLN A 338 -32.74 -30.37 -34.27
N PRO A 339 -31.52 -30.17 -33.77
CA PRO A 339 -31.44 -29.34 -32.59
C PRO A 339 -31.52 -27.87 -32.92
N HIS A 340 -31.99 -27.10 -31.95
N HIS A 340 -32.05 -27.08 -31.97
CA HIS A 340 -31.90 -25.65 -32.01
CA HIS A 340 -31.90 -25.62 -31.98
C HIS A 340 -30.55 -25.25 -31.36
C HIS A 340 -30.50 -25.35 -31.43
N SER A 341 -29.76 -24.46 -32.09
CA SER A 341 -28.36 -24.24 -31.75
C SER A 341 -28.01 -22.74 -31.75
N ASP A 342 -27.34 -22.28 -30.68
CA ASP A 342 -27.08 -20.87 -30.47
C ASP A 342 -25.61 -20.77 -30.05
N THR A 343 -24.78 -20.16 -30.90
CA THR A 343 -23.34 -19.95 -30.55
C THR A 343 -23.03 -18.51 -30.29
N ARG A 344 -22.33 -18.19 -29.20
CA ARG A 344 -21.86 -16.79 -28.91
C ARG A 344 -20.37 -16.81 -28.59
N ARG A 345 -19.65 -15.75 -28.92
CA ARG A 345 -18.21 -15.65 -28.68
C ARG A 345 -18.02 -14.65 -27.55
N LEU A 346 -17.40 -15.04 -26.45
CA LEU A 346 -17.30 -14.23 -25.27
C LEU A 346 -15.89 -14.11 -24.75
N PRO A 347 -15.52 -12.93 -24.21
CA PRO A 347 -14.27 -12.89 -23.47
C PRO A 347 -14.23 -13.92 -22.31
N TRP A 348 -13.06 -14.47 -21.99
CA TRP A 348 -13.03 -15.60 -21.06
C TRP A 348 -13.62 -15.31 -19.66
N LEU A 349 -13.17 -14.26 -18.99
CA LEU A 349 -13.67 -14.06 -17.60
C LEU A 349 -15.20 -13.92 -17.57
N HIS A 350 -15.74 -13.11 -18.51
CA HIS A 350 -17.18 -12.96 -18.71
C HIS A 350 -17.84 -14.35 -18.86
N SER A 351 -17.20 -15.28 -19.58
CA SER A 351 -17.82 -16.59 -19.85
C SER A 351 -18.07 -17.39 -18.56
N THR A 352 -17.17 -17.27 -17.59
CA THR A 352 -17.23 -18.03 -16.36
C THR A 352 -18.44 -17.63 -15.49
N ARG A 353 -19.06 -16.47 -15.77
CA ARG A 353 -20.24 -16.07 -15.00
C ARG A 353 -21.54 -16.27 -15.77
N TRP A 354 -21.45 -16.71 -17.04
CA TRP A 354 -22.63 -17.10 -17.82
C TRP A 354 -23.25 -18.39 -17.21
N PRO A 355 -24.54 -18.34 -16.80
CA PRO A 355 -25.19 -19.50 -16.15
C PRO A 355 -25.15 -20.76 -17.00
N GLY A 356 -25.08 -20.62 -18.32
CA GLY A 356 -24.90 -21.84 -19.13
C GLY A 356 -23.71 -22.69 -18.67
N ILE A 357 -22.65 -22.06 -18.19
CA ILE A 357 -21.44 -22.72 -17.69
C ILE A 357 -21.45 -22.79 -16.16
N ALA A 358 -21.75 -21.66 -15.53
CA ALA A 358 -21.68 -21.49 -14.06
C ALA A 358 -22.81 -22.16 -13.32
N GLY A 359 -23.89 -22.54 -14.01
CA GLY A 359 -25.12 -22.92 -13.31
C GLY A 359 -25.95 -21.69 -12.95
N ASP A 360 -27.17 -21.93 -12.50
CA ASP A 360 -28.13 -20.86 -12.33
C ASP A 360 -28.05 -20.18 -10.96
N GLY A 361 -27.12 -20.57 -10.08
CA GLY A 361 -27.03 -19.93 -8.76
C GLY A 361 -28.17 -20.17 -7.74
N ASP A 362 -29.17 -21.00 -8.09
CA ASP A 362 -30.31 -21.20 -7.21
C ASP A 362 -30.03 -22.38 -6.27
N MET A 363 -29.66 -22.09 -5.03
CA MET A 363 -29.37 -23.16 -4.03
C MET A 363 -30.50 -23.36 -3.01
N THR A 364 -31.65 -22.74 -3.29
CA THR A 364 -32.84 -22.96 -2.49
C THR A 364 -33.46 -24.28 -2.97
N GLY A 365 -34.57 -24.70 -2.35
CA GLY A 365 -35.08 -26.04 -2.65
C GLY A 365 -34.10 -27.11 -2.13
N ARG A 366 -34.26 -28.36 -2.58
CA ARG A 366 -33.56 -29.52 -1.99
C ARG A 366 -33.04 -30.34 -3.11
N ALA A 367 -31.89 -30.94 -2.89
CA ALA A 367 -31.32 -31.69 -3.98
C ALA A 367 -30.62 -32.95 -3.47
N LYS A 368 -30.66 -34.00 -4.28
CA LYS A 368 -29.80 -35.14 -4.05
C LYS A 368 -28.97 -35.42 -5.29
N ILE A 369 -27.67 -35.61 -5.07
CA ILE A 369 -26.67 -35.77 -6.15
C ILE A 369 -26.04 -37.17 -6.00
N LYS A 370 -25.81 -37.87 -7.12
CA LYS A 370 -24.97 -39.04 -7.10
C LYS A 370 -24.07 -38.88 -8.27
N ALA A 371 -23.00 -39.70 -8.32
CA ALA A 371 -22.07 -39.50 -9.38
C ALA A 371 -21.15 -40.64 -9.62
N ALA A 372 -20.55 -40.61 -10.81
CA ALA A 372 -19.61 -41.64 -11.16
C ALA A 372 -18.61 -41.20 -12.18
N TYR A 373 -17.43 -41.84 -12.16
CA TYR A 373 -16.49 -41.71 -13.28
C TYR A 373 -16.82 -42.70 -14.40
N ALA A 374 -16.76 -42.24 -15.66
CA ALA A 374 -16.89 -43.11 -16.85
C ALA A 374 -15.57 -43.21 -17.57
N ARG A 375 -15.12 -44.45 -17.76
CA ARG A 375 -13.95 -44.78 -18.60
C ARG A 375 -14.35 -45.05 -20.04
N ARG A 376 -15.58 -45.53 -20.20
CA ARG A 376 -16.17 -45.71 -21.52
C ARG A 376 -17.66 -45.29 -21.37
N SER A 377 -18.34 -45.13 -22.51
CA SER A 377 -19.69 -44.62 -22.53
C SER A 377 -20.72 -45.69 -22.23
N PHE A 378 -21.97 -45.28 -21.94
CA PHE A 378 -23.03 -46.21 -21.52
C PHE A 378 -23.30 -47.36 -22.51
N ASP A 379 -23.57 -48.55 -22.00
CA ASP A 379 -23.92 -49.70 -22.86
C ASP A 379 -25.45 -49.68 -23.17
N ASP A 380 -25.95 -50.64 -23.96
CA ASP A 380 -27.35 -50.75 -24.36
C ASP A 380 -28.33 -50.78 -23.21
N ARG A 381 -28.08 -51.63 -22.21
N ARG A 381 -28.09 -51.64 -22.21
CA ARG A 381 -28.96 -51.77 -21.06
CA ARG A 381 -28.97 -51.75 -21.05
C ARG A 381 -29.02 -50.46 -20.25
C ARG A 381 -29.03 -50.43 -20.29
N GLN A 382 -27.89 -49.76 -20.15
CA GLN A 382 -27.83 -48.51 -19.41
C GLN A 382 -28.58 -47.40 -20.10
N ILE A 383 -28.41 -47.30 -21.42
CA ILE A 383 -29.13 -46.29 -22.25
C ILE A 383 -30.64 -46.52 -22.12
N GLY A 384 -31.05 -47.80 -22.17
CA GLY A 384 -32.43 -48.28 -22.02
C GLY A 384 -33.01 -47.84 -20.71
N THR A 385 -32.26 -48.07 -19.62
CA THR A 385 -32.72 -47.69 -18.27
C THR A 385 -32.90 -46.17 -18.10
N LEU A 386 -31.94 -45.38 -18.60
CA LEU A 386 -32.04 -43.93 -18.64
C LEU A 386 -33.27 -43.51 -19.38
N TYR A 387 -33.48 -44.08 -20.58
CA TYR A 387 -34.64 -43.70 -21.37
C TYR A 387 -35.92 -43.97 -20.57
N THR A 388 -36.07 -45.19 -20.11
CA THR A 388 -37.23 -45.55 -19.31
C THR A 388 -37.45 -44.66 -18.08
N ARG A 389 -36.39 -44.47 -17.30
CA ARG A 389 -36.57 -43.69 -16.07
C ARG A 389 -36.67 -42.17 -16.32
N LEU A 390 -36.25 -41.70 -17.49
CA LEU A 390 -36.38 -40.25 -17.84
C LEU A 390 -37.76 -39.87 -18.42
N THR A 391 -38.42 -40.86 -19.02
CA THR A 391 -39.75 -40.71 -19.62
C THR A 391 -40.94 -41.29 -18.81
N SER A 392 -40.65 -42.02 -17.74
CA SER A 392 -41.69 -42.68 -16.94
C SER A 392 -42.52 -41.72 -16.09
N THR A 393 -43.78 -42.06 -15.88
CA THR A 393 -44.67 -41.17 -15.13
C THR A 393 -44.74 -41.50 -13.63
N ASP A 394 -43.69 -42.13 -13.12
CA ASP A 394 -43.81 -42.73 -11.80
C ASP A 394 -43.19 -41.83 -10.76
N TYR A 395 -43.49 -42.19 -9.49
CA TYR A 395 -42.98 -41.50 -8.27
C TYR A 395 -43.83 -40.26 -7.83
N ASP A 396 -43.32 -39.06 -8.08
CA ASP A 396 -44.20 -37.90 -8.18
C ASP A 396 -43.75 -37.22 -9.52
N ASN A 397 -43.71 -35.89 -9.59
CA ASN A 397 -43.38 -35.26 -10.90
C ASN A 397 -41.84 -35.15 -11.13
N ALA A 399 -37.80 -32.20 -13.44
CA ALA A 399 -36.82 -32.12 -12.30
C ALA A 399 -35.47 -32.89 -12.51
N GLY A 400 -35.50 -34.19 -12.33
CA GLY A 400 -34.25 -34.97 -12.45
C GLY A 400 -33.46 -34.77 -13.74
N VAL A 401 -32.18 -35.12 -13.70
CA VAL A 401 -31.34 -35.06 -14.88
C VAL A 401 -30.10 -35.93 -14.68
N VAL A 402 -29.58 -36.51 -15.76
CA VAL A 402 -28.25 -37.10 -15.76
C VAL A 402 -27.32 -36.27 -16.66
N ALA A 403 -26.29 -35.66 -16.07
CA ALA A 403 -25.47 -34.72 -16.81
C ALA A 403 -24.11 -35.41 -17.06
N LEU A 404 -23.68 -35.40 -18.31
CA LEU A 404 -22.44 -36.07 -18.70
C LEU A 404 -21.42 -34.94 -18.96
N ILE A 405 -20.41 -34.85 -18.09
CA ILE A 405 -19.49 -33.74 -18.04
C ILE A 405 -18.16 -34.15 -18.64
N ALA A 406 -17.73 -33.44 -19.67
CA ALA A 406 -16.46 -33.71 -20.31
C ALA A 406 -15.33 -33.70 -19.28
N TYR A 407 -14.44 -34.70 -19.42
CA TYR A 407 -13.36 -34.88 -18.51
C TYR A 407 -12.11 -35.48 -19.19
N GLY A 408 -11.09 -35.86 -18.43
CA GLY A 408 -9.93 -36.44 -19.09
C GLY A 408 -9.02 -35.33 -19.63
N GLY A 409 -8.56 -35.46 -20.89
CA GLY A 409 -7.60 -34.47 -21.47
C GLY A 409 -6.33 -34.45 -20.59
N LYS A 410 -5.81 -33.27 -20.32
CA LYS A 410 -4.60 -33.15 -19.53
C LYS A 410 -4.69 -33.68 -18.11
N VAL A 411 -5.90 -33.86 -17.56
CA VAL A 411 -6.00 -34.54 -16.26
C VAL A 411 -5.27 -35.87 -16.37
N ASN A 412 -5.38 -36.51 -17.53
CA ASN A 412 -4.97 -37.91 -17.65
C ASN A 412 -3.51 -38.04 -18.01
N ALA A 413 -2.80 -36.91 -18.07
CA ALA A 413 -1.34 -36.93 -18.27
C ALA A 413 -0.65 -37.20 -16.94
N VAL A 414 -1.40 -37.14 -15.84
CA VAL A 414 -0.80 -37.27 -14.52
C VAL A 414 -0.84 -38.74 -14.06
N PRO A 415 0.30 -39.35 -13.58
CA PRO A 415 0.26 -40.76 -13.08
C PRO A 415 -0.74 -40.87 -11.95
N ALA A 416 -1.43 -41.99 -11.90
CA ALA A 416 -2.57 -42.14 -11.00
C ALA A 416 -2.18 -42.00 -9.52
N ASP A 417 -0.90 -42.22 -9.18
CA ASP A 417 -0.48 -42.22 -7.78
C ASP A 417 0.21 -40.92 -7.42
N ARG A 418 0.33 -40.00 -8.35
CA ARG A 418 1.05 -38.77 -8.04
C ARG A 418 0.33 -37.83 -7.05
N THR A 419 -1.00 -37.86 -7.09
CA THR A 419 -1.83 -37.05 -6.22
C THR A 419 -2.83 -38.03 -5.56
N ALA A 420 -3.66 -37.50 -4.69
CA ALA A 420 -4.74 -38.28 -4.11
C ALA A 420 -6.00 -38.30 -5.01
N VAL A 421 -5.88 -37.81 -6.25
CA VAL A 421 -6.93 -38.01 -7.24
C VAL A 421 -6.50 -39.21 -8.07
N ALA A 422 -7.08 -40.39 -7.81
CA ALA A 422 -6.61 -41.65 -8.47
C ALA A 422 -7.18 -41.94 -9.85
N GLN A 423 -8.29 -41.26 -10.24
CA GLN A 423 -8.92 -41.52 -11.52
C GLN A 423 -8.30 -40.63 -12.51
N ARG A 424 -7.29 -41.18 -13.15
CA ARG A 424 -6.58 -40.46 -14.21
C ARG A 424 -6.63 -41.12 -15.58
N ASP A 425 -7.74 -41.81 -15.88
CA ASP A 425 -7.93 -42.29 -17.24
C ASP A 425 -9.40 -42.26 -17.66
N SER A 426 -10.20 -41.41 -17.02
CA SER A 426 -11.62 -41.34 -17.37
C SER A 426 -11.87 -40.30 -18.47
N ILE A 427 -13.04 -40.36 -19.09
CA ILE A 427 -13.36 -39.43 -20.21
C ILE A 427 -14.54 -38.56 -19.81
N LEU A 428 -15.32 -39.01 -18.81
CA LEU A 428 -16.50 -38.22 -18.38
C LEU A 428 -16.75 -38.35 -16.88
N LYS A 429 -17.30 -37.29 -16.28
CA LYS A 429 -17.90 -37.47 -14.95
C LYS A 429 -19.41 -37.50 -15.19
N ILE A 430 -20.11 -38.43 -14.53
CA ILE A 430 -21.59 -38.55 -14.76
C ILE A 430 -22.24 -38.13 -13.48
N VAL A 431 -23.16 -37.14 -13.53
CA VAL A 431 -23.79 -36.63 -12.29
C VAL A 431 -25.29 -36.86 -12.42
N TYR A 432 -25.89 -37.47 -11.42
CA TYR A 432 -27.31 -37.82 -11.40
C TYR A 432 -27.93 -36.87 -10.41
N VAL A 433 -29.02 -36.20 -10.77
CA VAL A 433 -29.52 -35.17 -9.83
C VAL A 433 -31.02 -35.25 -9.78
N THR A 434 -31.61 -35.03 -8.62
CA THR A 434 -33.05 -34.72 -8.57
C THR A 434 -33.23 -33.54 -7.63
N THR A 435 -34.17 -32.65 -7.93
CA THR A 435 -34.41 -31.49 -7.06
C THR A 435 -35.89 -31.35 -6.79
N TRP A 436 -36.24 -30.76 -5.66
CA TRP A 436 -37.65 -30.59 -5.32
C TRP A 436 -37.79 -29.52 -4.28
N GLU A 437 -39.02 -29.13 -4.00
CA GLU A 437 -39.29 -28.04 -3.09
C GLU A 437 -39.89 -28.43 -1.73
N ASP A 438 -40.75 -29.44 -1.71
CA ASP A 438 -41.58 -29.66 -0.56
C ASP A 438 -40.76 -30.53 0.42
N PRO A 439 -40.48 -30.01 1.66
CA PRO A 439 -39.53 -30.70 2.51
C PRO A 439 -40.16 -31.98 3.12
N ALA A 440 -41.46 -32.25 2.88
CA ALA A 440 -42.17 -33.47 3.29
C ALA A 440 -42.05 -34.62 2.22
N GLN A 441 -41.42 -34.30 1.09
N GLN A 441 -41.48 -34.32 1.06
CA GLN A 441 -41.38 -35.21 -0.03
CA GLN A 441 -41.41 -35.30 -0.02
C GLN A 441 -39.98 -35.75 -0.31
C GLN A 441 -40.00 -35.79 -0.30
N ASP A 442 -39.11 -35.82 0.69
CA ASP A 442 -37.73 -36.32 0.42
C ASP A 442 -37.73 -37.79 -0.05
N PRO A 443 -38.53 -38.65 0.62
CA PRO A 443 -38.34 -40.06 0.23
C PRO A 443 -38.55 -40.41 -1.28
N VAL A 444 -39.60 -39.89 -1.91
N VAL A 444 -39.61 -39.89 -1.91
CA VAL A 444 -39.91 -40.29 -3.28
CA VAL A 444 -39.91 -40.29 -3.29
C VAL A 444 -38.79 -39.85 -4.19
C VAL A 444 -38.82 -39.83 -4.23
N HIS A 445 -38.21 -38.70 -3.90
CA HIS A 445 -37.10 -38.13 -4.75
C HIS A 445 -35.78 -38.86 -4.52
N VAL A 446 -35.48 -39.14 -3.25
CA VAL A 446 -34.29 -39.92 -2.91
C VAL A 446 -34.40 -41.33 -3.51
N ARG A 447 -35.62 -41.89 -3.45
CA ARG A 447 -35.85 -43.23 -4.01
C ARG A 447 -35.73 -43.24 -5.52
N TRP A 448 -36.31 -42.24 -6.18
CA TRP A 448 -36.17 -42.15 -7.64
C TRP A 448 -34.70 -42.23 -8.08
N ILE A 449 -33.88 -41.35 -7.52
CA ILE A 449 -32.49 -41.27 -7.93
C ILE A 449 -31.68 -42.47 -7.41
N ARG A 450 -32.00 -43.00 -6.23
CA ARG A 450 -31.36 -44.30 -5.79
C ARG A 450 -31.59 -45.44 -6.75
N GLU A 451 -32.85 -45.61 -7.16
N GLU A 451 -32.86 -45.63 -7.14
CA GLU A 451 -33.18 -46.67 -8.09
CA GLU A 451 -33.22 -46.68 -8.10
C GLU A 451 -32.63 -46.49 -9.51
C GLU A 451 -32.60 -46.48 -9.49
N LEU A 452 -32.62 -45.25 -9.99
CA LEU A 452 -32.02 -44.96 -11.28
C LEU A 452 -30.52 -45.33 -11.27
N TYR A 453 -29.81 -44.92 -10.25
CA TYR A 453 -28.35 -45.13 -10.20
C TYR A 453 -28.02 -46.62 -10.00
N ARG A 454 -28.72 -47.23 -9.05
CA ARG A 454 -28.57 -48.65 -8.81
C ARG A 454 -28.80 -49.44 -10.10
N ASP A 455 -29.85 -49.05 -10.84
N ASP A 455 -29.83 -49.05 -10.85
CA ASP A 455 -30.19 -49.72 -12.08
CA ASP A 455 -30.20 -49.74 -12.08
C ASP A 455 -29.08 -49.52 -13.14
C ASP A 455 -29.12 -49.52 -13.17
N VAL A 456 -28.60 -48.29 -13.30
CA VAL A 456 -27.51 -48.05 -14.20
C VAL A 456 -26.29 -48.91 -13.88
N TYR A 457 -25.94 -49.02 -12.60
CA TYR A 457 -24.72 -49.76 -12.18
C TYR A 457 -25.08 -51.15 -11.66
N ALA A 458 -26.25 -51.67 -12.03
CA ALA A 458 -26.72 -52.98 -11.50
C ALA A 458 -25.78 -54.14 -11.80
N ASP A 459 -24.96 -54.03 -12.84
CA ASP A 459 -24.15 -55.18 -13.23
C ASP A 459 -22.93 -55.24 -12.37
N THR A 460 -22.68 -54.14 -11.66
CA THR A 460 -21.61 -54.17 -10.67
C THR A 460 -22.03 -53.79 -9.26
N GLY A 461 -23.11 -54.40 -8.77
CA GLY A 461 -23.48 -54.26 -7.36
C GLY A 461 -24.11 -52.91 -7.03
N GLY A 462 -24.58 -52.21 -8.09
CA GLY A 462 -25.30 -50.96 -7.89
C GLY A 462 -24.45 -49.76 -7.79
N VAL A 463 -23.14 -49.92 -7.94
CA VAL A 463 -22.24 -48.80 -7.76
C VAL A 463 -21.17 -48.82 -8.88
N PRO A 464 -20.56 -47.62 -9.22
CA PRO A 464 -19.54 -47.64 -10.32
C PRO A 464 -18.20 -48.28 -9.82
N VAL A 465 -18.10 -49.59 -9.73
CA VAL A 465 -16.83 -50.25 -9.37
C VAL A 465 -15.68 -49.82 -10.30
N PRO A 466 -14.54 -49.48 -9.73
CA PRO A 466 -13.44 -49.03 -10.57
C PRO A 466 -12.85 -50.11 -11.48
N GLY A 467 -12.11 -49.64 -12.50
CA GLY A 467 -11.28 -50.49 -13.32
C GLY A 467 -12.06 -51.22 -14.36
N GLY A 468 -13.30 -50.79 -14.64
CA GLY A 468 -14.12 -51.39 -15.73
C GLY A 468 -14.65 -50.28 -16.64
N ALA A 469 -15.93 -50.34 -17.01
CA ALA A 469 -16.59 -49.20 -17.73
C ALA A 469 -16.59 -47.91 -16.90
N ALA A 470 -16.56 -48.05 -15.57
CA ALA A 470 -16.58 -46.92 -14.60
C ALA A 470 -15.26 -46.85 -13.86
N ASP A 471 -14.97 -45.72 -13.24
CA ASP A 471 -13.77 -45.72 -12.41
C ASP A 471 -14.02 -45.26 -10.99
N GLY A 472 -15.12 -45.66 -10.39
CA GLY A 472 -15.46 -45.22 -9.04
C GLY A 472 -16.17 -43.87 -9.00
N ALA A 473 -15.95 -43.12 -7.91
CA ALA A 473 -16.72 -41.90 -7.58
C ALA A 473 -15.81 -40.76 -7.12
N TYR A 474 -16.35 -39.52 -7.09
CA TYR A 474 -15.55 -38.34 -6.94
C TYR A 474 -15.96 -37.76 -5.58
N VAL A 475 -14.98 -37.54 -4.70
CA VAL A 475 -15.25 -37.18 -3.35
C VAL A 475 -15.89 -35.80 -3.15
N ASN A 476 -15.76 -34.88 -4.15
CA ASN A 476 -16.50 -33.62 -4.03
C ASN A 476 -17.98 -33.76 -4.43
N TYR A 477 -18.39 -34.94 -4.96
CA TYR A 477 -19.83 -35.25 -5.13
C TYR A 477 -20.21 -36.41 -4.16
N PRO A 478 -20.17 -36.18 -2.83
CA PRO A 478 -20.21 -37.38 -2.00
C PRO A 478 -21.64 -37.94 -1.90
N ASP A 479 -21.73 -39.24 -1.69
CA ASP A 479 -23.05 -39.89 -1.60
C ASP A 479 -22.92 -41.04 -0.54
N VAL A 480 -23.50 -40.83 0.63
CA VAL A 480 -23.43 -41.84 1.68
C VAL A 480 -23.99 -43.25 1.38
N ASP A 481 -24.84 -43.36 0.34
CA ASP A 481 -25.40 -44.67 -0.08
C ASP A 481 -24.28 -45.58 -0.60
N LEU A 482 -23.12 -45.02 -0.99
CA LEU A 482 -22.01 -45.89 -1.43
C LEU A 482 -21.41 -46.74 -0.26
N ALA A 483 -21.71 -46.36 0.98
CA ALA A 483 -21.30 -47.12 2.13
C ALA A 483 -22.48 -47.85 2.77
N ASP A 484 -23.60 -47.90 2.07
CA ASP A 484 -24.83 -48.45 2.66
C ASP A 484 -25.03 -49.86 2.06
N GLU A 485 -24.97 -50.92 2.87
CA GLU A 485 -25.16 -52.30 2.37
C GLU A 485 -26.46 -52.50 1.51
N GLU A 486 -27.47 -51.66 1.73
N GLU A 486 -27.48 -51.66 1.74
CA GLU A 486 -28.74 -51.75 1.03
CA GLU A 486 -28.76 -51.76 1.05
C GLU A 486 -28.65 -51.24 -0.42
C GLU A 486 -28.64 -51.25 -0.42
N TRP A 487 -27.61 -50.46 -0.71
CA TRP A 487 -27.47 -49.86 -2.03
C TRP A 487 -26.16 -50.25 -2.75
N ASN A 488 -25.20 -50.77 -2.00
CA ASN A 488 -23.92 -51.25 -2.54
C ASN A 488 -23.83 -52.76 -2.24
N THR A 489 -24.02 -53.60 -3.25
CA THR A 489 -23.96 -55.05 -3.10
C THR A 489 -22.77 -55.57 -3.89
N SER A 490 -21.84 -54.64 -4.19
CA SER A 490 -20.67 -54.97 -5.03
C SER A 490 -19.54 -55.68 -4.24
N GLY A 491 -19.56 -55.65 -2.92
CA GLY A 491 -18.39 -56.18 -2.12
C GLY A 491 -17.19 -55.21 -2.06
N VAL A 492 -17.30 -54.08 -2.74
CA VAL A 492 -16.20 -53.09 -2.78
C VAL A 492 -16.59 -51.94 -1.85
N PRO A 493 -15.72 -51.62 -0.87
CA PRO A 493 -16.08 -50.61 0.09
C PRO A 493 -16.11 -49.18 -0.50
N TRP A 494 -16.90 -48.29 0.10
CA TRP A 494 -16.98 -46.86 -0.29
C TRP A 494 -15.58 -46.26 -0.54
N SER A 495 -14.61 -46.64 0.29
CA SER A 495 -13.27 -46.05 0.25
C SER A 495 -12.49 -46.42 -1.04
N GLU A 496 -12.69 -47.62 -1.54
CA GLU A 496 -12.02 -48.00 -2.77
C GLU A 496 -12.71 -47.33 -3.98
N LEU A 497 -14.03 -47.19 -3.91
CA LEU A 497 -14.81 -46.46 -4.94
C LEU A 497 -14.33 -45.01 -5.08
N TYR A 498 -14.11 -44.29 -3.98
CA TYR A 498 -13.63 -42.87 -4.08
C TYR A 498 -12.15 -42.72 -4.32
N TYR A 499 -11.36 -43.57 -3.63
CA TYR A 499 -9.93 -43.39 -3.61
C TYR A 499 -9.14 -44.46 -4.29
N LYS A 500 -9.76 -45.56 -4.74
CA LYS A 500 -8.93 -46.63 -5.29
C LYS A 500 -7.67 -46.99 -4.43
N ASP A 501 -6.50 -47.17 -5.06
CA ASP A 501 -5.35 -47.58 -4.33
C ASP A 501 -4.73 -46.52 -3.47
N ALA A 502 -5.16 -45.25 -3.61
CA ALA A 502 -4.73 -44.17 -2.71
C ALA A 502 -5.20 -44.35 -1.26
N TYR A 503 -6.19 -45.19 -1.01
CA TYR A 503 -6.74 -45.21 0.37
C TYR A 503 -5.72 -45.61 1.47
N PRO A 504 -4.89 -46.70 1.28
CA PRO A 504 -4.01 -47.00 2.42
C PRO A 504 -3.02 -45.83 2.71
N ARG A 505 -2.58 -45.12 1.68
CA ARG A 505 -1.70 -44.01 1.96
C ARG A 505 -2.47 -42.89 2.70
N LEU A 506 -3.72 -42.63 2.30
CA LEU A 506 -4.54 -41.63 3.04
C LEU A 506 -4.71 -42.04 4.51
N GLN A 507 -4.89 -43.34 4.73
CA GLN A 507 -5.01 -43.86 6.09
C GLN A 507 -3.79 -43.67 6.93
N ALA A 508 -2.62 -43.81 6.30
CA ALA A 508 -1.38 -43.61 7.00
C ALA A 508 -1.21 -42.12 7.40
N VAL A 509 -1.62 -41.20 6.50
CA VAL A 509 -1.61 -39.77 6.81
C VAL A 509 -2.60 -39.50 7.96
N LYS A 510 -3.79 -40.13 7.91
CA LYS A 510 -4.78 -39.98 8.98
C LYS A 510 -4.16 -40.37 10.34
N ALA A 511 -3.52 -41.53 10.37
CA ALA A 511 -2.97 -42.09 11.66
C ALA A 511 -1.93 -41.12 12.16
N ARG A 512 -1.17 -40.52 11.24
CA ARG A 512 -0.04 -39.71 11.71
C ARG A 512 -0.48 -38.28 12.11
N TRP A 513 -1.46 -37.73 11.40
CA TRP A 513 -1.77 -36.31 11.59
C TRP A 513 -3.04 -36.02 12.35
N ASP A 514 -3.97 -36.97 12.31
CA ASP A 514 -5.21 -36.86 13.11
C ASP A 514 -5.47 -38.15 13.96
N PRO A 515 -4.53 -38.50 14.83
CA PRO A 515 -4.63 -39.78 15.60
C PRO A 515 -5.87 -39.89 16.46
N ARG A 516 -6.40 -38.74 16.89
CA ARG A 516 -7.57 -38.75 17.74
C ARG A 516 -8.85 -38.84 16.92
N ASN A 517 -8.74 -38.73 15.58
CA ASN A 517 -9.91 -38.71 14.70
C ASN A 517 -10.88 -37.56 15.06
N VAL A 518 -10.29 -36.38 15.29
CA VAL A 518 -11.09 -35.20 15.58
C VAL A 518 -11.90 -34.83 14.35
N PHE A 519 -11.35 -35.11 13.15
CA PHE A 519 -11.97 -34.67 11.90
C PHE A 519 -12.67 -35.83 11.22
N ARG A 520 -13.99 -35.90 11.32
CA ARG A 520 -14.68 -37.11 10.78
C ARG A 520 -16.08 -36.74 10.29
N HIS A 521 -16.72 -37.66 9.53
CA HIS A 521 -18.09 -37.52 8.96
C HIS A 521 -18.36 -38.83 8.26
N ALA A 522 -19.59 -39.12 7.84
CA ALA A 522 -19.77 -40.25 6.88
C ALA A 522 -18.76 -40.11 5.76
N LEU A 523 -18.13 -41.22 5.39
CA LEU A 523 -17.19 -41.22 4.25
C LEU A 523 -15.88 -40.45 4.57
N SER A 524 -15.54 -40.27 5.84
CA SER A 524 -14.23 -39.71 6.19
C SER A 524 -13.17 -40.80 6.22
N VAL A 525 -11.95 -40.42 5.82
CA VAL A 525 -10.82 -41.33 5.87
C VAL A 525 -10.66 -41.82 7.32
N ARG A 526 -10.49 -43.12 7.52
CA ARG A 526 -10.55 -43.71 8.86
C ARG A 526 -9.51 -44.75 8.87
N VAL A 527 -8.72 -44.76 9.93
CA VAL A 527 -7.65 -45.77 10.06
C VAL A 527 -8.29 -47.18 10.17
N PRO A 528 -7.51 -48.22 9.89
CA PRO A 528 -7.99 -49.62 10.04
C PRO A 528 -8.46 -49.90 11.45
N PRO A 529 -9.50 -50.74 11.59
CA PRO A 529 -10.02 -51.13 12.91
C PRO A 529 -9.01 -51.96 13.73
N ASP B 35 -1.86 -3.40 -12.15
CA ASP B 35 -1.22 -3.31 -13.49
C ASP B 35 -1.97 -2.37 -14.46
N SER B 36 -1.46 -2.37 -15.67
CA SER B 36 -1.99 -1.52 -16.72
C SER B 36 -2.30 -2.46 -17.88
N VAL B 37 -3.46 -2.29 -18.52
CA VAL B 37 -3.86 -3.24 -19.52
C VAL B 37 -4.11 -2.54 -20.82
N ALA B 38 -3.40 -2.96 -21.87
CA ALA B 38 -3.44 -2.28 -23.17
C ALA B 38 -3.90 -3.27 -24.22
N PRO B 39 -4.28 -2.77 -25.42
CA PRO B 39 -4.67 -3.76 -26.42
C PRO B 39 -3.59 -4.79 -26.66
N GLY B 40 -4.01 -6.02 -26.88
CA GLY B 40 -3.11 -7.15 -27.07
C GLY B 40 -2.85 -7.99 -25.82
N ASP B 41 -3.05 -7.39 -24.65
CA ASP B 41 -2.95 -8.09 -23.36
C ASP B 41 -4.11 -9.09 -23.30
N ILE B 42 -3.85 -10.28 -22.76
CA ILE B 42 -4.90 -11.32 -22.65
C ILE B 42 -6.15 -10.83 -21.88
N ARG B 43 -5.96 -9.89 -20.97
CA ARG B 43 -7.11 -9.36 -20.19
C ARG B 43 -7.92 -8.26 -20.90
N TYR B 44 -7.42 -7.80 -22.03
CA TYR B 44 -8.08 -6.63 -22.68
C TYR B 44 -9.54 -6.81 -23.12
N GLU B 45 -9.86 -7.95 -23.75
CA GLU B 45 -11.21 -8.22 -24.18
C GLU B 45 -12.21 -8.18 -23.00
N ASP B 46 -11.81 -8.67 -21.82
CA ASP B 46 -12.72 -8.60 -20.66
C ASP B 46 -12.80 -7.20 -20.05
N LEU B 47 -11.63 -6.59 -19.83
CA LEU B 47 -11.61 -5.36 -19.09
C LEU B 47 -12.04 -4.17 -19.91
N ARG B 48 -12.08 -4.33 -21.24
CA ARG B 48 -12.57 -3.20 -22.08
C ARG B 48 -14.08 -3.09 -22.05
N ARG B 49 -14.72 -4.09 -21.42
CA ARG B 49 -16.16 -4.17 -21.33
C ARG B 49 -16.61 -4.06 -19.90
N GLY B 50 -17.86 -3.63 -19.71
CA GLY B 50 -18.44 -3.83 -18.39
C GLY B 50 -19.28 -5.12 -18.50
N GLU B 51 -20.36 -5.15 -17.78
CA GLU B 51 -21.29 -6.28 -17.85
C GLU B 51 -22.39 -6.01 -18.86
N ASN B 52 -22.39 -4.85 -19.53
CA ASN B 52 -23.33 -4.62 -20.63
C ASN B 52 -22.62 -4.84 -21.98
N LEU B 53 -22.98 -5.92 -22.68
CA LEU B 53 -22.20 -6.36 -23.81
C LEU B 53 -22.49 -5.57 -25.05
N ARG B 54 -23.48 -4.67 -25.00
CA ARG B 54 -23.75 -3.80 -26.16
C ARG B 54 -22.58 -2.81 -26.39
N PHE B 55 -21.80 -2.56 -25.33
CA PHE B 55 -20.80 -1.49 -25.37
C PHE B 55 -19.39 -2.00 -25.26
N VAL B 56 -18.60 -1.75 -26.30
CA VAL B 56 -17.23 -2.22 -26.27
C VAL B 56 -16.32 -1.02 -26.19
N GLY B 57 -15.55 -0.88 -25.10
CA GLY B 57 -14.67 0.26 -24.92
C GLY B 57 -13.43 0.15 -25.81
N ASP B 58 -12.84 1.29 -26.17
CA ASP B 58 -11.57 1.33 -26.86
C ASP B 58 -10.46 2.01 -26.05
N PRO B 59 -10.34 1.76 -24.72
CA PRO B 59 -9.36 2.57 -24.03
C PRO B 59 -7.95 2.22 -24.50
N GLU B 60 -7.05 3.19 -24.55
CA GLU B 60 -5.66 2.85 -24.78
C GLU B 60 -5.03 2.10 -23.59
N GLU B 61 -5.49 2.40 -22.36
CA GLU B 61 -4.95 1.80 -21.15
C GLU B 61 -6.07 1.61 -20.17
N ILE B 62 -6.07 0.44 -19.51
CA ILE B 62 -6.97 0.23 -18.39
C ILE B 62 -6.05 0.03 -17.15
N HIS B 63 -6.21 0.90 -16.14
CA HIS B 63 -5.33 0.84 -15.02
C HIS B 63 -6.05 0.21 -13.87
N LEU B 64 -5.54 -0.96 -13.41
CA LEU B 64 -6.13 -1.52 -12.18
C LEU B 64 -5.49 -0.81 -11.00
N VAL B 65 -6.07 0.34 -10.63
CA VAL B 65 -5.49 1.17 -9.63
C VAL B 65 -5.51 0.50 -8.23
N GLY B 66 -4.43 0.72 -7.47
CA GLY B 66 -4.32 0.14 -6.14
C GLY B 66 -4.47 1.07 -4.95
N SER B 67 -4.59 2.40 -5.16
CA SER B 67 -4.64 3.39 -4.06
C SER B 67 -5.07 4.77 -4.58
N ALA B 68 -5.53 5.65 -3.69
CA ALA B 68 -5.76 7.05 -4.07
C ALA B 68 -4.55 7.69 -4.82
N ALA B 69 -3.35 7.40 -4.33
CA ALA B 69 -2.13 7.95 -4.94
C ALA B 69 -1.96 7.52 -6.42
N GLU B 70 -2.24 6.25 -6.72
CA GLU B 70 -2.18 5.77 -8.11
C GLU B 70 -3.31 6.40 -8.95
N ILE B 71 -4.51 6.52 -8.38
CA ILE B 71 -5.57 7.24 -9.09
C ILE B 71 -5.10 8.68 -9.40
N GLU B 72 -4.48 9.39 -8.44
CA GLU B 72 -4.09 10.80 -8.72
C GLU B 72 -3.09 10.83 -9.89
N GLN B 73 -2.21 9.82 -9.96
N GLN B 73 -2.24 9.80 -9.93
CA GLN B 73 -1.16 9.79 -11.01
CA GLN B 73 -1.20 9.68 -10.97
C GLN B 73 -1.71 9.47 -12.40
C GLN B 73 -1.84 9.59 -12.34
N VAL B 74 -2.73 8.62 -12.49
CA VAL B 74 -3.37 8.29 -13.75
C VAL B 74 -4.19 9.51 -14.21
N LEU B 75 -4.89 10.16 -13.26
CA LEU B 75 -5.69 11.36 -13.58
C LEU B 75 -4.84 12.52 -14.08
N SER B 76 -3.89 12.94 -13.27
N SER B 76 -3.89 12.93 -13.25
CA SER B 76 -3.04 14.10 -13.65
CA SER B 76 -2.98 14.04 -13.60
C SER B 76 -2.28 13.88 -14.96
C SER B 76 -2.37 13.85 -14.99
N ARG B 77 -1.88 12.63 -15.20
CA ARG B 77 -1.27 12.25 -16.46
C ARG B 77 -2.27 12.29 -17.60
N ALA B 78 -3.49 11.74 -17.40
CA ALA B 78 -4.52 11.86 -18.50
C ALA B 78 -4.96 13.30 -18.78
N VAL B 79 -5.18 14.09 -17.74
CA VAL B 79 -5.55 15.48 -17.95
C VAL B 79 -4.45 16.29 -18.71
N ARG B 80 -3.18 16.15 -18.33
CA ARG B 80 -2.03 16.68 -19.12
C ARG B 80 -2.04 16.25 -20.59
N SER B 81 -2.24 14.95 -20.88
CA SER B 81 -2.40 14.44 -22.28
C SER B 81 -3.68 14.79 -23.00
N GLY B 82 -4.65 15.32 -22.31
CA GLY B 82 -5.92 15.58 -22.99
C GLY B 82 -6.70 14.31 -23.30
N LYS B 83 -6.38 13.21 -22.64
CA LYS B 83 -7.14 11.95 -22.87
C LYS B 83 -8.33 11.82 -21.90
N ARG B 84 -9.51 11.53 -22.46
CA ARG B 84 -10.76 11.42 -21.70
C ARG B 84 -10.71 10.14 -20.81
N VAL B 85 -11.23 10.24 -19.59
CA VAL B 85 -11.09 9.12 -18.62
C VAL B 85 -12.44 8.59 -18.24
N ALA B 86 -12.48 7.36 -17.73
CA ALA B 86 -13.69 6.95 -17.01
C ALA B 86 -13.35 5.92 -15.96
N VAL B 87 -14.22 5.77 -14.97
N VAL B 87 -14.16 5.79 -14.93
CA VAL B 87 -14.02 4.84 -13.86
CA VAL B 87 -13.93 4.77 -13.92
C VAL B 87 -14.93 3.62 -14.06
C VAL B 87 -14.90 3.63 -14.03
N ARG B 88 -14.39 2.40 -13.85
CA ARG B 88 -15.26 1.21 -13.79
C ARG B 88 -15.10 0.58 -12.42
N SER B 89 -16.21 0.40 -11.70
CA SER B 89 -16.20 -0.39 -10.48
C SER B 89 -16.89 -1.69 -10.80
N GLY B 90 -18.19 -1.84 -10.55
CA GLY B 90 -18.85 -3.12 -10.81
C GLY B 90 -19.24 -3.39 -12.29
N GLY B 91 -19.14 -2.36 -13.15
CA GLY B 91 -19.40 -2.56 -14.60
C GLY B 91 -20.85 -2.75 -14.93
N HIS B 92 -21.75 -2.45 -13.99
CA HIS B 92 -23.20 -2.59 -14.35
C HIS B 92 -23.87 -1.46 -15.07
N CYS B 93 -23.12 -0.41 -15.49
CA CYS B 93 -23.80 0.74 -16.12
C CYS B 93 -24.74 0.26 -17.22
N TYR B 94 -26.01 0.71 -17.23
CA TYR B 94 -26.92 0.33 -18.27
C TYR B 94 -26.68 1.16 -19.58
N GLU B 95 -25.88 2.20 -19.50
CA GLU B 95 -25.56 3.03 -20.65
C GLU B 95 -24.06 2.97 -20.99
N ASP B 96 -23.63 3.77 -21.96
CA ASP B 96 -22.26 3.61 -22.51
C ASP B 96 -21.34 4.65 -21.86
N PHE B 97 -21.60 5.01 -20.61
CA PHE B 97 -20.81 6.08 -19.93
C PHE B 97 -19.32 5.74 -19.80
N VAL B 98 -18.99 4.46 -19.62
CA VAL B 98 -17.59 4.03 -19.32
C VAL B 98 -16.94 3.54 -20.60
N ALA B 99 -17.72 2.82 -21.39
CA ALA B 99 -17.22 2.17 -22.63
C ALA B 99 -17.31 3.08 -23.88
N ASN B 100 -17.81 4.29 -23.74
CA ASN B 100 -17.91 5.26 -24.84
C ASN B 100 -16.61 5.30 -25.64
N SER B 101 -16.71 5.31 -26.98
CA SER B 101 -15.50 5.15 -27.83
C SER B 101 -14.45 6.27 -27.66
N ASP B 102 -14.85 7.46 -27.17
CA ASP B 102 -13.96 8.62 -26.87
C ASP B 102 -13.11 8.43 -25.60
N VAL B 103 -13.48 7.47 -24.73
CA VAL B 103 -12.77 7.25 -23.45
C VAL B 103 -11.44 6.54 -23.81
N ARG B 104 -10.33 7.18 -23.46
CA ARG B 104 -8.99 6.67 -23.80
C ARG B 104 -8.36 6.00 -22.59
N VAL B 105 -8.79 6.33 -21.39
CA VAL B 105 -8.15 5.80 -20.19
C VAL B 105 -9.21 5.38 -19.19
N VAL B 106 -9.12 4.13 -18.75
CA VAL B 106 -10.11 3.61 -17.77
C VAL B 106 -9.38 3.33 -16.46
N MET B 107 -9.93 3.78 -15.35
CA MET B 107 -9.46 3.33 -14.05
C MET B 107 -10.45 2.28 -13.53
N ASP B 108 -9.95 1.07 -13.34
CA ASP B 108 -10.80 -0.08 -12.99
C ASP B 108 -10.49 -0.33 -11.52
N MET B 109 -11.55 -0.37 -10.69
CA MET B 109 -11.35 -0.36 -9.23
C MET B 109 -11.31 -1.78 -8.63
N SER B 110 -11.11 -2.80 -9.45
CA SER B 110 -11.23 -4.21 -8.93
C SER B 110 -10.31 -4.54 -7.74
N ARG B 111 -9.14 -3.90 -7.65
CA ARG B 111 -8.21 -4.24 -6.59
C ARG B 111 -8.62 -3.55 -5.30
N LEU B 112 -9.52 -2.57 -5.38
CA LEU B 112 -9.98 -1.87 -4.20
C LEU B 112 -11.38 -2.40 -3.91
N SER B 113 -11.49 -3.62 -3.34
CA SER B 113 -12.79 -4.17 -3.02
C SER B 113 -13.00 -4.53 -1.56
N ALA B 114 -12.25 -3.91 -0.65
CA ALA B 114 -12.34 -4.27 0.77
C ALA B 114 -13.66 -3.78 1.38
N VAL B 115 -14.17 -4.53 2.36
CA VAL B 115 -15.32 -4.10 3.18
C VAL B 115 -14.93 -4.36 4.62
N GLY B 116 -15.10 -3.40 5.55
CA GLY B 116 -14.61 -3.67 6.92
C GLY B 116 -15.10 -2.54 7.82
N PHE B 117 -14.86 -2.62 9.10
CA PHE B 117 -15.23 -1.50 9.95
C PHE B 117 -14.00 -0.66 10.26
N ASP B 118 -14.09 0.65 10.05
CA ASP B 118 -12.92 1.52 10.20
C ASP B 118 -12.94 2.20 11.59
N GLU B 119 -12.07 1.74 12.50
CA GLU B 119 -12.10 2.13 13.91
C GLU B 119 -11.85 3.59 14.07
N GLU B 120 -10.99 4.11 13.25
CA GLU B 120 -10.76 5.55 13.28
C GLU B 120 -11.98 6.44 13.00
N ARG B 121 -12.78 6.09 12.01
CA ARG B 121 -13.88 6.99 11.67
C ARG B 121 -15.13 6.52 12.30
N GLY B 122 -15.09 5.35 12.95
CA GLY B 122 -16.31 4.86 13.62
C GLY B 122 -17.37 4.57 12.58
N ALA B 123 -16.99 4.08 11.38
CA ALA B 123 -18.00 3.70 10.42
C ALA B 123 -17.58 2.53 9.52
N PHE B 124 -18.48 1.93 8.76
CA PHE B 124 -18.09 0.83 7.82
C PHE B 124 -17.54 1.41 6.50
N ALA B 125 -16.42 0.87 6.02
CA ALA B 125 -15.71 1.40 4.92
C ALA B 125 -15.92 0.36 3.82
N VAL B 126 -16.47 0.82 2.71
CA VAL B 126 -16.74 0.00 1.53
C VAL B 126 -15.94 0.62 0.39
N GLU B 127 -14.93 -0.08 -0.07
CA GLU B 127 -14.18 0.46 -1.19
C GLU B 127 -15.03 0.37 -2.43
N ALA B 128 -14.71 1.21 -3.46
CA ALA B 128 -15.57 1.37 -4.66
C ALA B 128 -15.76 0.09 -5.45
N GLY B 129 -14.71 -0.76 -5.49
CA GLY B 129 -14.75 -1.98 -6.31
C GLY B 129 -15.44 -3.14 -5.63
N ALA B 130 -15.91 -2.96 -4.38
CA ALA B 130 -16.65 -4.06 -3.65
C ALA B 130 -17.98 -4.33 -4.35
N THR B 131 -18.27 -5.60 -4.63
CA THR B 131 -19.63 -5.99 -5.07
C THR B 131 -20.63 -6.06 -3.89
N LEU B 132 -21.91 -5.83 -4.20
CA LEU B 132 -22.95 -5.89 -3.17
C LEU B 132 -22.95 -7.26 -2.52
N GLY B 133 -22.69 -8.34 -3.25
CA GLY B 133 -22.76 -9.70 -2.59
C GLY B 133 -21.67 -9.76 -1.54
N ALA B 134 -20.49 -9.23 -1.83
CA ALA B 134 -19.41 -9.21 -0.83
C ALA B 134 -19.74 -8.29 0.37
N VAL B 135 -20.32 -7.15 0.09
CA VAL B 135 -20.70 -6.20 1.15
C VAL B 135 -21.73 -6.91 2.05
N TYR B 136 -22.78 -7.50 1.47
CA TYR B 136 -23.83 -8.07 2.33
C TYR B 136 -23.30 -9.26 3.09
N LYS B 137 -22.47 -10.07 2.47
CA LYS B 137 -21.93 -11.26 3.18
C LYS B 137 -21.05 -10.85 4.38
N THR B 138 -20.15 -9.89 4.14
CA THR B 138 -19.22 -9.46 5.13
C THR B 138 -19.96 -8.75 6.28
N LEU B 139 -20.81 -7.79 5.94
CA LEU B 139 -21.48 -7.02 7.01
C LEU B 139 -22.35 -7.98 7.83
N PHE B 140 -23.06 -8.87 7.17
CA PHE B 140 -23.99 -9.70 7.91
C PHE B 140 -23.30 -10.85 8.64
N ARG B 141 -22.49 -11.66 7.96
CA ARG B 141 -21.83 -12.71 8.73
C ARG B 141 -20.93 -12.18 9.85
N VAL B 142 -20.19 -11.10 9.60
CA VAL B 142 -19.25 -10.70 10.62
C VAL B 142 -19.92 -9.89 11.73
N TRP B 143 -20.89 -9.05 11.38
CA TRP B 143 -21.43 -8.08 12.37
C TRP B 143 -22.92 -8.10 12.57
N GLY B 144 -23.66 -8.88 11.75
CA GLY B 144 -25.11 -8.96 11.90
C GLY B 144 -25.87 -7.73 11.38
N VAL B 145 -25.25 -6.99 10.46
CA VAL B 145 -25.86 -5.76 9.92
C VAL B 145 -25.93 -5.79 8.43
N THR B 146 -26.62 -4.79 7.87
CA THR B 146 -26.73 -4.73 6.40
C THR B 146 -26.93 -3.27 5.94
N LEU B 147 -26.88 -3.07 4.62
CA LEU B 147 -27.23 -1.79 3.99
C LEU B 147 -28.40 -2.03 3.03
N PRO B 148 -29.37 -1.12 3.00
CA PRO B 148 -30.50 -1.33 2.12
C PRO B 148 -30.22 -0.93 0.66
N GLY B 149 -29.27 -1.64 0.04
CA GLY B 149 -28.97 -1.38 -1.36
C GLY B 149 -29.62 -2.37 -2.32
N GLY B 150 -28.99 -2.56 -3.48
CA GLY B 150 -29.59 -3.30 -4.60
C GLY B 150 -29.80 -4.78 -4.36
N ALA B 151 -30.73 -5.35 -5.13
CA ALA B 151 -30.81 -6.77 -5.37
C ALA B 151 -29.72 -7.04 -6.35
N CYS B 152 -29.10 -8.17 -6.35
CA CYS B 152 -28.11 -8.22 -7.51
C CYS B 152 -26.71 -8.16 -6.98
N PRO B 153 -26.23 -9.31 -6.57
CA PRO B 153 -24.92 -9.37 -5.92
C PRO B 153 -23.71 -8.88 -6.73
N ASP B 154 -23.77 -8.88 -8.08
CA ASP B 154 -22.57 -8.54 -8.91
C ASP B 154 -22.42 -7.00 -9.08
N VAL B 155 -23.37 -6.19 -8.57
CA VAL B 155 -23.30 -4.73 -8.77
C VAL B 155 -22.15 -4.15 -7.95
N GLY B 156 -21.42 -3.16 -8.49
CA GLY B 156 -20.35 -2.54 -7.69
C GLY B 156 -20.89 -1.38 -6.80
N ALA B 157 -20.29 -1.18 -5.63
CA ALA B 157 -20.56 -0.02 -4.74
C ALA B 157 -20.27 1.29 -5.44
N GLY B 158 -19.21 1.32 -6.26
CA GLY B 158 -18.78 2.58 -6.87
C GLY B 158 -19.91 3.34 -7.54
N GLY B 159 -20.54 2.72 -8.54
CA GLY B 159 -21.66 3.38 -9.26
C GLY B 159 -22.94 3.37 -8.49
N HIS B 160 -23.13 2.30 -7.70
CA HIS B 160 -24.42 2.06 -7.09
C HIS B 160 -24.79 3.09 -5.97
N ILE B 161 -23.85 3.31 -5.06
CA ILE B 161 -24.12 4.17 -3.92
C ILE B 161 -24.31 5.59 -4.43
N LEU B 162 -23.40 6.13 -5.23
N LEU B 162 -23.38 6.01 -5.29
CA LEU B 162 -23.60 7.56 -5.49
CA LEU B 162 -23.32 7.38 -5.85
C LEU B 162 -24.67 7.82 -6.58
C LEU B 162 -24.67 7.74 -6.45
N GLY B 163 -25.26 6.76 -7.15
CA GLY B 163 -26.52 6.92 -7.90
C GLY B 163 -27.81 6.82 -7.10
N GLY B 164 -27.70 6.61 -5.80
CA GLY B 164 -28.92 6.47 -4.96
C GLY B 164 -29.45 5.05 -4.74
N GLY B 165 -28.56 4.09 -4.57
CA GLY B 165 -28.96 2.70 -4.61
C GLY B 165 -30.07 2.33 -3.65
N TYR B 166 -30.94 1.45 -4.12
CA TYR B 166 -32.07 0.98 -3.26
C TYR B 166 -32.29 -0.49 -3.61
N GLY B 167 -33.12 -1.13 -2.80
CA GLY B 167 -33.39 -2.55 -2.98
C GLY B 167 -34.49 -3.14 -2.11
N PRO B 168 -34.45 -4.49 -1.90
CA PRO B 168 -35.48 -5.18 -1.16
C PRO B 168 -35.77 -4.57 0.22
N LEU B 169 -34.73 -4.12 0.92
CA LEU B 169 -34.95 -3.59 2.28
C LEU B 169 -35.21 -2.07 2.30
N SER B 170 -35.33 -1.42 1.15
CA SER B 170 -35.49 0.04 1.16
C SER B 170 -36.75 0.55 1.78
N ARG B 171 -37.86 -0.14 1.57
CA ARG B 171 -39.06 0.31 2.27
C ARG B 171 -38.94 0.30 3.82
N MET B 172 -38.14 -0.63 4.34
CA MET B 172 -37.95 -0.80 5.77
C MET B 172 -36.90 0.14 6.29
N HIS B 173 -35.87 0.46 5.47
CA HIS B 173 -34.63 1.13 5.96
C HIS B 173 -34.11 2.31 5.13
N GLY B 174 -34.80 2.66 4.02
CA GLY B 174 -34.42 3.81 3.15
C GLY B 174 -33.42 3.46 2.05
N SER B 175 -32.83 4.47 1.41
CA SER B 175 -31.84 4.28 0.39
C SER B 175 -30.49 4.02 1.10
N ILE B 176 -29.58 3.34 0.40
CA ILE B 176 -28.22 3.18 0.86
C ILE B 176 -27.56 4.54 1.16
N VAL B 177 -27.94 5.60 0.43
CA VAL B 177 -27.32 6.91 0.63
C VAL B 177 -27.77 7.52 1.94
N ASP B 178 -28.91 7.08 2.46
CA ASP B 178 -29.32 7.47 3.83
C ASP B 178 -28.38 7.02 4.99
N TYR B 179 -27.34 6.25 4.64
CA TYR B 179 -26.29 5.81 5.58
C TYR B 179 -24.90 6.34 5.19
N LEU B 180 -24.82 7.16 4.16
CA LEU B 180 -23.54 7.68 3.78
C LEU B 180 -23.09 8.72 4.79
N HIS B 181 -22.01 8.39 5.50
CA HIS B 181 -21.42 9.29 6.47
C HIS B 181 -20.27 10.13 5.90
N ALA B 182 -19.43 9.54 5.04
CA ALA B 182 -18.30 10.24 4.49
C ALA B 182 -17.84 9.53 3.21
N VAL B 183 -17.10 10.24 2.40
CA VAL B 183 -16.61 9.62 1.15
C VAL B 183 -15.23 10.16 0.86
N GLU B 184 -14.37 9.32 0.26
CA GLU B 184 -13.03 9.74 -0.14
C GLU B 184 -13.03 9.78 -1.66
N VAL B 185 -12.70 10.93 -2.23
N VAL B 185 -12.63 10.94 -2.20
CA VAL B 185 -12.78 11.08 -3.68
CA VAL B 185 -12.81 11.29 -3.61
C VAL B 185 -11.63 11.91 -4.24
C VAL B 185 -11.48 11.86 -4.14
N VAL B 186 -11.06 11.43 -5.33
CA VAL B 186 -9.96 12.07 -5.95
C VAL B 186 -10.58 13.03 -7.00
N VAL B 187 -10.20 14.31 -6.92
CA VAL B 187 -10.79 15.37 -7.72
C VAL B 187 -9.70 16.09 -8.49
N VAL B 188 -10.09 16.80 -9.57
CA VAL B 188 -9.13 17.54 -10.36
C VAL B 188 -9.44 19.07 -10.28
N ASP B 189 -8.43 19.90 -9.98
CA ASP B 189 -8.67 21.36 -9.83
C ASP B 189 -8.55 22.12 -11.16
N ALA B 190 -8.78 23.44 -11.16
CA ALA B 190 -8.80 24.21 -12.43
C ALA B 190 -7.51 24.07 -13.19
N SER B 191 -6.41 23.91 -12.45
CA SER B 191 -5.09 23.87 -13.08
C SER B 191 -4.73 22.48 -13.54
N GLY B 192 -5.57 21.47 -13.20
CA GLY B 192 -5.40 20.18 -13.82
C GLY B 192 -4.64 19.22 -12.92
N ASP B 193 -4.48 19.59 -11.66
CA ASP B 193 -3.77 18.68 -10.72
C ASP B 193 -4.78 17.89 -9.92
N ALA B 194 -4.46 16.61 -9.73
CA ALA B 194 -5.37 15.74 -8.97
C ALA B 194 -5.06 15.72 -7.50
N ARG B 195 -6.07 15.63 -6.66
CA ARG B 195 -5.83 15.58 -5.24
C ARG B 195 -6.91 14.74 -4.59
N THR B 196 -6.65 14.29 -3.36
CA THR B 196 -7.61 13.43 -2.64
C THR B 196 -8.22 14.25 -1.55
N VAL B 197 -9.53 14.18 -1.44
CA VAL B 197 -10.27 14.87 -0.38
C VAL B 197 -11.27 13.94 0.36
N ILE B 198 -11.61 14.32 1.59
CA ILE B 198 -12.62 13.61 2.33
C ILE B 198 -13.75 14.58 2.47
N ALA B 199 -14.98 14.12 2.22
CA ALA B 199 -16.18 14.95 2.44
C ALA B 199 -17.12 14.21 3.35
N THR B 200 -17.79 14.90 4.26
CA THR B 200 -18.64 14.21 5.24
C THR B 200 -19.96 14.89 5.48
N ARG B 201 -20.84 14.19 6.18
CA ARG B 201 -22.20 14.56 6.46
C ARG B 201 -22.24 15.71 7.50
N GLU B 202 -21.15 15.91 8.24
CA GLU B 202 -21.16 16.97 9.29
C GLU B 202 -21.35 18.39 8.60
N PRO B 203 -22.40 19.18 8.99
CA PRO B 203 -22.65 20.50 8.38
C PRO B 203 -21.46 21.44 8.33
N SER B 204 -20.63 21.41 9.35
CA SER B 204 -19.43 22.24 9.36
C SER B 204 -18.27 21.72 8.47
N ASP B 205 -18.36 20.50 7.93
CA ASP B 205 -17.32 19.96 7.04
C ASP B 205 -17.11 20.94 5.90
N PRO B 206 -15.84 21.33 5.60
CA PRO B 206 -15.65 22.29 4.50
C PRO B 206 -16.05 21.70 3.16
N ASN B 207 -15.98 20.37 3.08
CA ASN B 207 -16.37 19.67 1.88
C ASN B 207 -17.78 19.09 1.92
N HIS B 208 -18.62 19.63 2.81
CA HIS B 208 -19.98 19.14 3.01
C HIS B 208 -20.76 19.08 1.74
N ASP B 209 -20.57 20.08 0.87
CA ASP B 209 -21.36 20.11 -0.37
C ASP B 209 -21.01 18.91 -1.31
N LEU B 210 -19.74 18.53 -1.33
CA LEU B 210 -19.30 17.39 -2.14
C LEU B 210 -19.88 16.06 -1.61
N TRP B 211 -19.99 15.95 -0.27
CA TRP B 211 -20.65 14.77 0.37
C TRP B 211 -22.11 14.73 -0.07
N TRP B 212 -22.82 15.86 0.00
CA TRP B 212 -24.22 15.87 -0.44
C TRP B 212 -24.41 15.40 -1.90
N ALA B 213 -23.53 15.84 -2.81
CA ALA B 213 -23.64 15.38 -4.17
C ALA B 213 -23.43 13.87 -4.34
N HIS B 214 -22.74 13.22 -3.38
CA HIS B 214 -22.57 11.71 -3.46
C HIS B 214 -23.75 10.93 -2.95
N THR B 215 -24.77 11.64 -2.44
CA THR B 215 -26.03 11.00 -2.01
C THR B 215 -27.12 10.97 -3.11
N GLY B 216 -26.71 10.57 -4.31
CA GLY B 216 -27.61 10.31 -5.39
C GLY B 216 -27.17 11.08 -6.64
N GLY B 217 -26.06 11.82 -6.56
CA GLY B 217 -25.68 12.62 -7.73
C GLY B 217 -25.30 11.85 -9.00
N GLY B 218 -25.02 10.55 -8.86
CA GLY B 218 -24.67 9.68 -10.00
C GLY B 218 -23.19 9.50 -10.25
N GLY B 219 -22.79 8.32 -10.73
CA GLY B 219 -21.38 8.11 -11.03
C GLY B 219 -20.83 8.97 -12.19
N GLY B 220 -19.51 9.15 -12.22
CA GLY B 220 -18.86 9.64 -13.37
C GLY B 220 -19.01 11.13 -13.54
N ASN B 221 -19.44 11.84 -12.47
CA ASN B 221 -19.71 13.29 -12.48
C ASN B 221 -18.69 14.22 -11.75
N PHE B 222 -18.21 13.80 -10.58
CA PHE B 222 -17.45 14.73 -9.69
C PHE B 222 -15.97 14.37 -9.45
N GLY B 223 -15.62 13.10 -9.56
CA GLY B 223 -14.27 12.67 -9.23
C GLY B 223 -14.38 11.18 -8.97
N VAL B 224 -13.27 10.59 -8.55
CA VAL B 224 -13.19 9.13 -8.40
C VAL B 224 -13.41 8.80 -6.96
N VAL B 225 -14.51 8.13 -6.64
CA VAL B 225 -14.67 7.64 -5.28
C VAL B 225 -13.73 6.46 -5.01
N VAL B 226 -12.94 6.57 -3.94
CA VAL B 226 -12.09 5.46 -3.50
C VAL B 226 -12.85 4.54 -2.55
N ARG B 227 -13.52 5.13 -1.55
CA ARG B 227 -14.26 4.35 -0.57
C ARG B 227 -15.32 5.24 0.03
N TYR B 228 -16.38 4.59 0.43
CA TYR B 228 -17.46 5.19 1.15
C TYR B 228 -17.40 4.74 2.60
N TRP B 229 -17.83 5.62 3.52
CA TRP B 229 -18.01 5.21 4.92
C TRP B 229 -19.48 5.32 5.25
N LEU B 230 -20.07 4.25 5.81
CA LEU B 230 -21.51 4.23 6.04
C LEU B 230 -21.79 3.90 7.50
N ARG B 231 -22.78 4.58 8.08
CA ARG B 231 -23.35 4.23 9.37
C ARG B 231 -24.62 5.00 9.58
N THR B 232 -25.39 4.53 10.56
CA THR B 232 -26.62 5.20 10.91
C THR B 232 -26.33 6.68 11.29
N ALA B 233 -27.25 7.56 10.88
CA ALA B 233 -27.32 8.93 11.35
C ALA B 233 -28.05 8.89 12.69
N PRO B 239 -21.12 3.11 19.62
CA PRO B 239 -19.81 2.96 18.90
C PRO B 239 -19.37 1.48 18.66
N GLU B 240 -20.29 0.55 18.97
CA GLU B 240 -20.20 -0.87 18.62
C GLU B 240 -20.60 -1.10 17.11
N PRO B 241 -19.71 -1.69 16.29
CA PRO B 241 -20.14 -1.88 14.89
C PRO B 241 -21.52 -2.56 14.69
N GLY B 242 -21.77 -3.63 15.43
CA GLY B 242 -23.06 -4.32 15.38
C GLY B 242 -24.27 -3.41 15.59
N ARG B 243 -24.03 -2.18 16.09
CA ARG B 243 -25.13 -1.23 16.34
C ARG B 243 -25.21 -0.04 15.40
N LEU B 244 -24.27 0.04 14.48
CA LEU B 244 -24.07 1.22 13.69
C LEU B 244 -24.65 1.15 12.27
N LEU B 245 -25.29 0.03 11.89
CA LEU B 245 -26.08 -0.13 10.66
C LEU B 245 -27.29 -0.98 10.99
N PRO B 246 -28.30 -0.93 10.12
CA PRO B 246 -29.50 -1.70 10.44
C PRO B 246 -29.30 -3.24 10.47
N ARG B 247 -30.06 -3.93 11.32
CA ARG B 247 -30.14 -5.40 11.31
C ARG B 247 -31.32 -5.86 10.43
N PRO B 248 -31.06 -6.74 9.45
CA PRO B 248 -32.09 -7.25 8.58
C PRO B 248 -32.99 -8.20 9.40
N PRO B 249 -34.15 -8.64 8.85
CA PRO B 249 -34.83 -9.74 9.48
C PRO B 249 -33.93 -10.96 9.53
N ALA B 250 -34.07 -11.78 10.54
CA ALA B 250 -33.33 -13.05 10.52
C ALA B 250 -33.82 -14.00 9.42
N GLU B 251 -35.13 -13.98 9.12
CA GLU B 251 -35.73 -14.86 8.10
C GLU B 251 -36.76 -14.06 7.34
N VAL B 252 -37.02 -14.49 6.11
CA VAL B 252 -38.10 -13.88 5.29
C VAL B 252 -39.03 -14.93 4.74
N LEU B 253 -40.27 -14.54 4.43
CA LEU B 253 -41.12 -15.41 3.62
C LEU B 253 -40.88 -14.92 2.23
N LEU B 254 -40.69 -15.85 1.30
CA LEU B 254 -40.54 -15.51 -0.10
C LEU B 254 -41.60 -16.21 -0.86
N ASN B 255 -42.31 -15.50 -1.67
CA ASN B 255 -43.35 -16.10 -2.51
C ASN B 255 -43.16 -15.82 -3.99
N THR B 256 -43.48 -16.84 -4.81
N THR B 256 -43.50 -16.84 -4.78
CA THR B 256 -43.47 -16.74 -6.27
CA THR B 256 -43.53 -16.77 -6.22
C THR B 256 -44.88 -17.12 -6.76
C THR B 256 -44.97 -17.06 -6.59
N THR B 257 -45.56 -16.13 -7.37
CA THR B 257 -46.94 -16.28 -7.87
C THR B 257 -46.92 -16.10 -9.38
N VAL B 258 -47.61 -16.97 -10.11
CA VAL B 258 -47.51 -17.00 -11.58
C VAL B 258 -48.95 -17.10 -12.09
N TRP B 259 -49.33 -16.18 -13.00
CA TRP B 259 -50.62 -16.26 -13.69
C TRP B 259 -50.35 -16.68 -15.11
N PRO B 260 -51.07 -17.72 -15.62
CA PRO B 260 -50.96 -18.13 -17.03
C PRO B 260 -51.52 -17.00 -17.94
N TRP B 261 -50.84 -16.68 -19.05
CA TRP B 261 -51.26 -15.65 -19.98
C TRP B 261 -52.35 -16.13 -20.93
N GLU B 262 -52.40 -17.45 -21.14
CA GLU B 262 -53.30 -18.08 -22.11
C GLU B 262 -54.71 -17.68 -21.83
N GLY B 263 -55.12 -17.78 -20.56
CA GLY B 263 -56.50 -17.45 -20.19
C GLY B 263 -56.73 -16.03 -19.64
N LEU B 264 -55.90 -15.06 -20.08
CA LEU B 264 -55.93 -13.67 -19.57
C LEU B 264 -56.37 -12.67 -20.64
N ASP B 265 -57.56 -12.08 -20.45
CA ASP B 265 -57.95 -11.05 -21.39
C ASP B 265 -57.58 -9.67 -20.84
N GLU B 266 -57.89 -8.62 -21.58
CA GLU B 266 -57.52 -7.28 -21.14
C GLU B 266 -58.15 -6.88 -19.80
N ALA B 267 -59.43 -7.19 -19.60
CA ALA B 267 -60.11 -6.83 -18.35
C ALA B 267 -59.45 -7.49 -17.13
N ALA B 268 -59.16 -8.79 -17.25
CA ALA B 268 -58.39 -9.52 -16.24
C ALA B 268 -56.99 -8.87 -15.98
N PHE B 269 -56.22 -8.59 -17.03
CA PHE B 269 -54.93 -7.94 -16.92
C PHE B 269 -55.10 -6.61 -16.23
N ALA B 270 -56.06 -5.82 -16.69
CA ALA B 270 -56.32 -4.50 -16.11
C ALA B 270 -56.72 -4.59 -14.64
N ARG B 271 -57.46 -5.64 -14.23
CA ARG B 271 -57.85 -5.67 -12.82
C ARG B 271 -56.64 -6.00 -11.92
N LEU B 272 -55.82 -6.97 -12.36
CA LEU B 272 -54.59 -7.33 -11.66
C LEU B 272 -53.74 -6.06 -11.50
N VAL B 273 -53.48 -5.34 -12.60
CA VAL B 273 -52.62 -4.11 -12.51
C VAL B 273 -53.24 -3.06 -11.56
N ARG B 274 -54.55 -2.87 -11.65
CA ARG B 274 -55.21 -1.87 -10.80
C ARG B 274 -55.18 -2.32 -9.33
N ASN B 275 -55.46 -3.59 -9.07
CA ASN B 275 -55.34 -4.14 -7.69
C ASN B 275 -54.01 -3.84 -7.05
N HIS B 276 -52.93 -4.21 -7.77
CA HIS B 276 -51.56 -3.96 -7.33
C HIS B 276 -51.29 -2.45 -7.12
N GLY B 277 -51.65 -1.63 -8.12
CA GLY B 277 -51.37 -0.21 -7.98
C GLY B 277 -52.17 0.37 -6.83
N ARG B 278 -53.43 -0.02 -6.67
CA ARG B 278 -54.23 0.56 -5.52
C ARG B 278 -53.61 0.17 -4.19
N TRP B 279 -53.14 -1.09 -4.07
CA TRP B 279 -52.56 -1.58 -2.83
C TRP B 279 -51.32 -0.72 -2.52
N PHE B 280 -50.45 -0.48 -3.54
CA PHE B 280 -49.25 0.29 -3.28
C PHE B 280 -49.52 1.76 -3.00
N GLU B 281 -50.59 2.30 -3.61
CA GLU B 281 -51.01 3.67 -3.28
C GLU B 281 -51.42 3.80 -1.82
N GLN B 282 -52.02 2.73 -1.27
CA GLN B 282 -52.51 2.74 0.13
C GLN B 282 -51.45 2.38 1.14
N ASN B 283 -50.42 1.61 0.74
CA ASN B 283 -49.61 0.94 1.72
C ASN B 283 -48.09 1.14 1.57
N SER B 284 -47.68 2.38 1.25
CA SER B 284 -46.30 2.72 1.04
C SER B 284 -45.89 3.94 1.81
N GLY B 285 -46.73 4.44 2.74
CA GLY B 285 -46.30 5.56 3.60
C GLY B 285 -45.17 5.20 4.57
N PRO B 286 -44.39 6.20 5.04
CA PRO B 286 -43.28 5.87 5.95
C PRO B 286 -43.65 5.24 7.29
N ASP B 287 -44.90 5.38 7.73
CA ASP B 287 -45.32 4.67 8.95
C ASP B 287 -46.17 3.43 8.69
N SER B 288 -46.29 2.99 7.43
CA SER B 288 -47.08 1.82 7.13
C SER B 288 -46.46 0.56 7.73
N PRO B 289 -47.32 -0.33 8.31
CA PRO B 289 -46.86 -1.62 8.79
C PRO B 289 -46.23 -2.40 7.65
N TRP B 290 -46.65 -2.06 6.43
CA TRP B 290 -46.21 -2.73 5.20
C TRP B 290 -44.85 -2.28 4.70
N CYS B 291 -44.17 -1.44 5.47
CA CYS B 291 -42.73 -1.21 5.23
C CYS B 291 -41.86 -2.49 5.20
N ASP B 292 -42.36 -3.56 5.79
CA ASP B 292 -41.57 -4.79 5.79
C ASP B 292 -41.86 -5.76 4.63
N LEU B 293 -42.59 -5.30 3.63
CA LEU B 293 -42.88 -6.04 2.40
C LEU B 293 -42.23 -5.40 1.16
N TYR B 294 -41.65 -6.25 0.34
CA TYR B 294 -41.14 -5.84 -0.98
C TYR B 294 -41.65 -6.81 -2.02
N SER B 295 -41.93 -6.31 -3.22
CA SER B 295 -42.36 -7.21 -4.31
C SER B 295 -42.03 -6.64 -5.69
N VAL B 296 -41.95 -7.49 -6.70
CA VAL B 296 -41.76 -7.03 -8.05
C VAL B 296 -42.80 -7.77 -8.82
N LEU B 297 -43.65 -7.03 -9.54
CA LEU B 297 -44.65 -7.63 -10.39
C LEU B 297 -44.15 -7.52 -11.84
N ALA B 298 -43.95 -8.64 -12.53
CA ALA B 298 -43.43 -8.64 -13.91
C ALA B 298 -44.54 -8.79 -14.94
N LEU B 299 -44.79 -7.70 -15.68
CA LEU B 299 -45.73 -7.78 -16.76
C LEU B 299 -44.95 -8.20 -18.02
N THR B 300 -45.01 -9.49 -18.33
CA THR B 300 -44.20 -10.06 -19.38
C THR B 300 -44.94 -10.05 -20.72
N ARG B 301 -44.22 -10.18 -21.85
CA ARG B 301 -44.87 -10.41 -23.15
C ARG B 301 -45.75 -11.67 -23.05
N SER B 302 -46.94 -11.65 -23.65
CA SER B 302 -47.81 -12.83 -23.60
C SER B 302 -47.12 -14.09 -24.16
N GLN B 303 -46.31 -13.92 -25.20
CA GLN B 303 -45.58 -15.06 -25.73
C GLN B 303 -44.72 -15.81 -24.71
N SER B 304 -44.41 -15.19 -23.58
CA SER B 304 -43.68 -15.95 -22.58
C SER B 304 -44.53 -17.03 -21.89
N GLY B 305 -45.86 -16.96 -21.98
CA GLY B 305 -46.70 -17.96 -21.30
C GLY B 305 -47.21 -17.61 -19.89
N ALA B 306 -46.55 -16.69 -19.21
CA ALA B 306 -47.03 -16.32 -17.87
C ALA B 306 -46.51 -15.00 -17.38
N LEU B 307 -47.32 -14.36 -16.56
CA LEU B 307 -46.99 -13.14 -15.83
C LEU B 307 -46.57 -13.67 -14.45
N ALA B 308 -45.74 -12.92 -13.72
CA ALA B 308 -45.27 -13.37 -12.43
C ALA B 308 -44.99 -12.24 -11.48
N MET B 309 -45.01 -12.59 -10.20
N MET B 309 -44.90 -12.64 -10.22
CA MET B 309 -44.71 -11.67 -9.10
CA MET B 309 -44.68 -11.71 -9.14
C MET B 309 -43.93 -12.38 -7.99
C MET B 309 -43.88 -12.42 -8.04
N THR B 310 -42.91 -11.70 -7.51
CA THR B 310 -42.08 -12.19 -6.43
C THR B 310 -42.30 -11.26 -5.24
N THR B 311 -42.48 -11.84 -4.06
CA THR B 311 -42.70 -11.08 -2.84
C THR B 311 -41.78 -11.54 -1.72
N GLN B 312 -41.28 -10.59 -0.95
CA GLN B 312 -40.49 -10.87 0.26
C GLN B 312 -41.14 -10.10 1.44
N LEU B 313 -41.34 -10.80 2.56
CA LEU B 313 -41.96 -10.24 3.76
C LEU B 313 -41.09 -10.67 4.96
N ASP B 314 -40.62 -9.74 5.79
CA ASP B 314 -40.07 -10.06 7.13
C ASP B 314 -40.94 -11.14 7.84
N ALA B 315 -40.31 -12.27 8.18
CA ALA B 315 -40.98 -13.39 8.79
C ALA B 315 -40.92 -13.38 10.31
N THR B 316 -40.32 -12.33 10.88
CA THR B 316 -40.12 -12.23 12.35
C THR B 316 -41.42 -12.35 13.17
N GLY B 317 -42.49 -11.72 12.68
CA GLY B 317 -43.80 -11.76 13.36
C GLY B 317 -44.47 -13.11 13.23
N PRO B 318 -45.20 -13.55 14.28
CA PRO B 318 -45.86 -14.84 14.06
C PRO B 318 -47.11 -14.78 13.16
N ASP B 319 -47.63 -13.58 12.84
CA ASP B 319 -48.71 -13.50 11.85
C ASP B 319 -48.19 -13.26 10.42
N ALA B 320 -46.88 -13.50 10.16
CA ALA B 320 -46.29 -13.11 8.88
C ALA B 320 -47.06 -13.78 7.74
N GLU B 321 -47.40 -15.06 7.91
CA GLU B 321 -47.99 -15.81 6.81
C GLU B 321 -49.35 -15.27 6.45
N LYS B 322 -50.19 -14.92 7.45
CA LYS B 322 -51.51 -14.30 7.22
C LYS B 322 -51.32 -12.98 6.45
N ARG B 323 -50.35 -12.18 6.88
CA ARG B 323 -50.12 -10.89 6.19
C ARG B 323 -49.71 -11.07 4.75
N LEU B 324 -48.83 -12.01 4.49
CA LEU B 324 -48.51 -12.33 3.13
C LEU B 324 -49.73 -12.67 2.32
N GLU B 325 -50.61 -13.52 2.86
CA GLU B 325 -51.73 -13.95 2.06
C GLU B 325 -52.64 -12.77 1.81
N THR B 326 -52.78 -11.84 2.78
CA THR B 326 -53.69 -10.77 2.51
C THR B 326 -53.14 -9.91 1.36
N TYR B 327 -51.81 -9.75 1.25
CA TYR B 327 -51.26 -9.03 0.11
C TYR B 327 -51.50 -9.77 -1.18
N LEU B 328 -51.16 -11.06 -1.23
CA LEU B 328 -51.47 -11.88 -2.40
C LEU B 328 -52.95 -11.95 -2.82
N ALA B 329 -53.84 -12.08 -1.84
CA ALA B 329 -55.26 -11.99 -2.12
C ALA B 329 -55.64 -10.60 -2.76
N ALA B 330 -55.08 -9.52 -2.26
CA ALA B 330 -55.44 -8.21 -2.80
C ALA B 330 -55.07 -8.17 -4.27
N VAL B 331 -53.86 -8.66 -4.62
CA VAL B 331 -53.39 -8.58 -6.03
C VAL B 331 -54.27 -9.41 -6.98
N SER B 332 -54.74 -10.58 -6.54
CA SER B 332 -55.56 -11.48 -7.43
C SER B 332 -57.11 -11.29 -7.33
N GLU B 333 -57.58 -10.41 -6.44
CA GLU B 333 -59.05 -10.25 -6.17
C GLU B 333 -59.79 -9.90 -7.45
N GLY B 334 -60.78 -10.72 -7.82
CA GLY B 334 -61.60 -10.46 -9.00
C GLY B 334 -60.92 -10.65 -10.36
N VAL B 335 -59.67 -11.11 -10.37
CA VAL B 335 -58.99 -11.35 -11.64
C VAL B 335 -59.56 -12.48 -12.51
N GLY B 336 -60.12 -13.52 -11.88
CA GLY B 336 -60.72 -14.61 -12.63
C GLY B 336 -59.69 -15.64 -13.08
N VAL B 337 -58.43 -15.44 -12.73
CA VAL B 337 -57.43 -16.45 -13.08
C VAL B 337 -56.82 -16.83 -11.75
N GLN B 338 -56.81 -18.12 -11.42
CA GLN B 338 -56.10 -18.54 -10.18
C GLN B 338 -54.58 -18.68 -10.44
N PRO B 339 -53.75 -18.02 -9.60
CA PRO B 339 -52.32 -18.14 -9.79
C PRO B 339 -51.76 -19.39 -9.13
N HIS B 340 -50.71 -19.99 -9.68
CA HIS B 340 -49.88 -20.91 -8.92
C HIS B 340 -49.06 -20.10 -7.92
N SER B 341 -49.03 -20.55 -6.67
CA SER B 341 -48.42 -19.81 -5.60
C SER B 341 -47.51 -20.69 -4.76
N ASP B 342 -46.25 -20.31 -4.59
CA ASP B 342 -45.45 -20.98 -3.60
C ASP B 342 -44.55 -20.15 -2.74
N THR B 343 -44.63 -20.50 -1.47
CA THR B 343 -44.08 -19.67 -0.42
C THR B 343 -43.13 -20.51 0.33
N ARG B 344 -41.92 -19.97 0.55
N ARG B 344 -41.95 -19.98 0.63
CA ARG B 344 -40.83 -20.61 1.34
CA ARG B 344 -41.02 -20.69 1.48
C ARG B 344 -40.38 -19.62 2.41
C ARG B 344 -40.36 -19.68 2.39
N ARG B 345 -40.07 -20.12 3.61
CA ARG B 345 -39.38 -19.33 4.64
C ARG B 345 -37.83 -19.57 4.50
N LEU B 346 -37.03 -18.51 4.40
CA LEU B 346 -35.59 -18.64 4.18
C LEU B 346 -34.82 -17.75 5.13
N PRO B 347 -33.64 -18.20 5.55
CA PRO B 347 -32.81 -17.34 6.34
C PRO B 347 -32.45 -16.10 5.48
N TRP B 348 -32.21 -14.94 6.09
CA TRP B 348 -32.15 -13.67 5.37
C TRP B 348 -30.93 -13.63 4.40
N LEU B 349 -29.73 -13.97 4.86
CA LEU B 349 -28.62 -13.85 3.91
C LEU B 349 -28.78 -14.79 2.75
N HIS B 350 -29.23 -16.06 3.01
CA HIS B 350 -29.59 -17.00 1.90
C HIS B 350 -30.57 -16.39 0.87
N SER B 351 -31.54 -15.62 1.35
CA SER B 351 -32.57 -15.07 0.44
C SER B 351 -32.01 -14.08 -0.58
N THR B 352 -30.94 -13.34 -0.21
CA THR B 352 -30.34 -12.32 -1.06
C THR B 352 -29.66 -12.92 -2.29
N ARG B 353 -29.42 -14.24 -2.26
CA ARG B 353 -28.78 -14.93 -3.37
C ARG B 353 -29.76 -15.74 -4.19
N TRP B 354 -31.01 -15.81 -3.76
CA TRP B 354 -32.05 -16.56 -4.50
C TRP B 354 -32.35 -15.79 -5.78
N PRO B 355 -32.26 -16.43 -6.99
CA PRO B 355 -32.51 -15.64 -8.18
C PRO B 355 -33.87 -14.96 -8.27
N GLY B 356 -34.83 -15.43 -7.48
CA GLY B 356 -36.17 -14.77 -7.42
C GLY B 356 -36.01 -13.33 -6.97
N ILE B 357 -35.10 -13.05 -6.06
CA ILE B 357 -34.78 -11.65 -5.69
C ILE B 357 -33.58 -11.05 -6.41
N ALA B 358 -32.56 -11.87 -6.62
CA ALA B 358 -31.29 -11.39 -7.04
C ALA B 358 -31.20 -11.22 -8.54
N GLY B 359 -32.13 -11.88 -9.27
CA GLY B 359 -32.14 -11.94 -10.74
C GLY B 359 -31.28 -13.13 -11.14
N ASP B 360 -31.23 -13.43 -12.43
CA ASP B 360 -30.68 -14.71 -12.86
C ASP B 360 -29.19 -14.69 -13.17
N GLY B 361 -28.55 -13.56 -12.93
CA GLY B 361 -27.12 -13.48 -13.14
C GLY B 361 -26.61 -13.59 -14.58
N ASP B 362 -27.52 -13.62 -15.58
CA ASP B 362 -27.12 -13.77 -16.96
C ASP B 362 -26.91 -12.35 -17.59
N MET B 363 -25.65 -11.92 -17.70
CA MET B 363 -25.31 -10.61 -18.29
C MET B 363 -24.80 -10.73 -19.72
N THR B 364 -25.03 -11.89 -20.34
CA THR B 364 -24.70 -12.07 -21.77
C THR B 364 -25.85 -11.54 -22.62
N GLY B 365 -25.71 -11.62 -23.93
CA GLY B 365 -26.71 -10.97 -24.80
C GLY B 365 -26.79 -9.46 -24.57
N ARG B 366 -27.90 -8.87 -24.96
CA ARG B 366 -27.93 -7.43 -25.21
C ARG B 366 -29.25 -6.98 -24.62
N ALA B 367 -29.25 -5.85 -23.96
CA ALA B 367 -30.43 -5.41 -23.22
C ALA B 367 -30.60 -3.89 -23.36
N LYS B 368 -31.83 -3.41 -23.30
CA LYS B 368 -32.03 -1.97 -23.23
C LYS B 368 -33.04 -1.76 -22.12
N ILE B 369 -32.72 -0.85 -21.19
CA ILE B 369 -33.53 -0.49 -20.04
C ILE B 369 -34.06 0.94 -20.15
N LYS B 370 -35.33 1.15 -19.74
CA LYS B 370 -35.85 2.45 -19.44
C LYS B 370 -36.58 2.33 -18.12
N ALA B 371 -36.83 3.47 -17.48
CA ALA B 371 -37.49 3.41 -16.23
C ALA B 371 -38.17 4.73 -15.86
N ALA B 372 -39.00 4.65 -14.83
CA ALA B 372 -39.76 5.81 -14.30
C ALA B 372 -40.15 5.60 -12.82
N TYR B 373 -40.29 6.71 -12.11
CA TYR B 373 -40.87 6.73 -10.76
C TYR B 373 -42.36 6.80 -10.90
N ALA B 374 -43.10 6.05 -10.10
CA ALA B 374 -44.55 6.22 -10.10
C ALA B 374 -44.98 6.73 -8.73
N ARG B 375 -45.71 7.86 -8.73
CA ARG B 375 -46.39 8.42 -7.53
C ARG B 375 -47.80 7.84 -7.35
N ARG B 376 -48.43 7.38 -8.43
CA ARG B 376 -49.74 6.67 -8.48
C ARG B 376 -49.61 5.54 -9.52
N SER B 377 -50.51 4.54 -9.54
CA SER B 377 -50.33 3.52 -10.62
C SER B 377 -51.03 3.98 -11.87
N PHE B 378 -50.76 3.24 -12.94
CA PHE B 378 -51.17 3.56 -14.28
C PHE B 378 -52.67 3.78 -14.33
N ASP B 379 -53.09 4.68 -15.20
CA ASP B 379 -54.50 4.85 -15.47
C ASP B 379 -54.97 3.80 -16.49
N ASP B 380 -56.28 3.70 -16.72
CA ASP B 380 -56.81 2.68 -17.65
C ASP B 380 -56.20 2.77 -19.07
N ARG B 381 -55.97 3.98 -19.58
CA ARG B 381 -55.48 4.08 -20.95
C ARG B 381 -54.08 3.51 -20.99
N GLN B 382 -53.28 3.79 -19.97
CA GLN B 382 -51.90 3.26 -19.93
C GLN B 382 -51.85 1.75 -19.81
N ILE B 383 -52.79 1.22 -19.03
CA ILE B 383 -52.98 -0.23 -18.89
C ILE B 383 -53.30 -0.83 -20.26
N GLY B 384 -54.20 -0.16 -20.98
CA GLY B 384 -54.52 -0.52 -22.34
C GLY B 384 -53.32 -0.52 -23.26
N THR B 385 -52.50 0.54 -23.25
CA THR B 385 -51.23 0.53 -23.95
C THR B 385 -50.29 -0.68 -23.61
N LEU B 386 -50.05 -0.92 -22.32
CA LEU B 386 -49.28 -2.07 -21.85
C LEU B 386 -49.81 -3.40 -22.42
N TYR B 387 -51.08 -3.64 -22.21
CA TYR B 387 -51.69 -4.85 -22.70
C TYR B 387 -51.49 -5.03 -24.24
N THR B 388 -51.81 -4.02 -25.03
CA THR B 388 -51.58 -4.05 -26.49
C THR B 388 -50.11 -4.32 -26.82
N ARG B 389 -49.18 -3.55 -26.24
CA ARG B 389 -47.75 -3.77 -26.57
C ARG B 389 -47.16 -5.09 -26.05
N LEU B 390 -47.71 -5.66 -24.95
CA LEU B 390 -47.24 -6.96 -24.44
C LEU B 390 -47.80 -8.18 -25.16
N THR B 391 -48.92 -8.02 -25.84
CA THR B 391 -49.57 -9.14 -26.55
C THR B 391 -49.45 -9.08 -28.07
N SER B 392 -48.95 -7.97 -28.60
CA SER B 392 -48.91 -7.76 -30.05
C SER B 392 -47.81 -8.58 -30.61
N THR B 393 -48.00 -9.09 -31.83
CA THR B 393 -46.96 -9.90 -32.50
C THR B 393 -46.24 -9.03 -33.52
N ASP B 394 -46.01 -7.78 -33.15
CA ASP B 394 -45.33 -6.84 -34.01
C ASP B 394 -43.86 -7.04 -33.85
N PRO B 398 -40.14 -11.08 -29.57
CA PRO B 398 -39.44 -10.05 -28.73
C PRO B 398 -39.70 -10.24 -27.23
N ALA B 399 -38.70 -10.78 -26.48
CA ALA B 399 -38.75 -10.78 -24.99
C ALA B 399 -38.57 -9.34 -24.42
N GLY B 400 -39.29 -9.10 -23.33
CA GLY B 400 -39.64 -7.76 -22.90
C GLY B 400 -40.55 -7.92 -21.70
N VAL B 401 -40.41 -7.00 -20.77
CA VAL B 401 -41.12 -7.05 -19.53
C VAL B 401 -41.27 -5.60 -19.00
N VAL B 402 -42.39 -5.32 -18.33
CA VAL B 402 -42.47 -4.12 -17.53
C VAL B 402 -42.52 -4.59 -16.08
N ALA B 403 -41.52 -4.25 -15.26
CA ALA B 403 -41.46 -4.70 -13.87
C ALA B 403 -41.82 -3.54 -12.98
N LEU B 404 -42.74 -3.79 -12.03
CA LEU B 404 -43.11 -2.82 -11.04
C LEU B 404 -42.52 -3.19 -9.72
N ILE B 405 -41.62 -2.35 -9.25
CA ILE B 405 -40.77 -2.69 -8.11
C ILE B 405 -41.27 -1.86 -6.92
N ALA B 406 -41.67 -2.53 -5.83
CA ALA B 406 -42.14 -1.84 -4.63
C ALA B 406 -41.13 -0.80 -4.15
N TYR B 407 -41.63 0.35 -3.72
CA TYR B 407 -40.70 1.39 -3.32
C TYR B 407 -41.40 2.24 -2.26
N GLY B 408 -40.82 3.37 -1.91
CA GLY B 408 -41.35 4.24 -0.83
C GLY B 408 -41.04 3.76 0.59
N GLY B 409 -42.07 3.73 1.43
CA GLY B 409 -41.86 3.39 2.87
C GLY B 409 -40.85 4.34 3.49
N LYS B 410 -39.92 3.79 4.30
CA LYS B 410 -38.89 4.65 4.96
C LYS B 410 -38.03 5.55 3.98
N VAL B 411 -37.84 5.14 2.73
CA VAL B 411 -37.30 6.11 1.72
C VAL B 411 -38.03 7.46 1.86
N ASN B 412 -39.35 7.41 2.04
CA ASN B 412 -40.20 8.62 2.01
C ASN B 412 -40.22 9.42 3.32
N ALA B 413 -39.53 8.97 4.38
CA ALA B 413 -39.44 9.68 5.66
C ALA B 413 -38.38 10.79 5.53
N VAL B 414 -37.53 10.67 4.52
CA VAL B 414 -36.49 11.67 4.26
C VAL B 414 -36.98 12.87 3.46
N PRO B 415 -36.66 14.10 3.88
CA PRO B 415 -37.06 15.34 3.13
C PRO B 415 -36.41 15.32 1.74
N ALA B 416 -37.13 15.81 0.74
CA ALA B 416 -36.72 15.69 -0.66
C ALA B 416 -35.40 16.37 -0.97
N ASP B 417 -35.01 17.36 -0.14
CA ASP B 417 -33.80 18.11 -0.37
C ASP B 417 -32.63 17.69 0.50
N ARG B 418 -32.84 16.74 1.42
CA ARG B 418 -31.79 16.32 2.34
C ARG B 418 -30.64 15.60 1.64
N THR B 419 -30.93 14.93 0.53
CA THR B 419 -29.87 14.18 -0.20
C THR B 419 -30.06 14.57 -1.64
N ALA B 420 -29.27 13.97 -2.53
CA ALA B 420 -29.43 14.26 -3.94
C ALA B 420 -30.38 13.24 -4.59
N VAL B 421 -31.06 12.47 -3.74
CA VAL B 421 -32.19 11.64 -4.20
C VAL B 421 -33.45 12.45 -3.94
N ALA B 422 -34.03 13.08 -4.98
CA ALA B 422 -35.09 14.09 -4.83
C ALA B 422 -36.47 13.44 -4.88
N GLN B 423 -36.53 12.14 -5.23
CA GLN B 423 -37.84 11.49 -5.35
C GLN B 423 -38.09 10.79 -4.02
N ARG B 424 -38.78 11.47 -3.12
CA ARG B 424 -39.05 10.94 -1.79
C ARG B 424 -40.56 10.85 -1.48
N ASP B 425 -41.42 10.74 -2.49
CA ASP B 425 -42.85 10.42 -2.28
C ASP B 425 -43.42 9.39 -3.24
N SER B 426 -42.57 8.56 -3.85
CA SER B 426 -43.05 7.61 -4.83
C SER B 426 -43.39 6.30 -4.13
N ILE B 427 -44.15 5.46 -4.84
CA ILE B 427 -44.60 4.16 -4.34
C ILE B 427 -43.98 2.98 -5.10
N LEU B 428 -43.54 3.19 -6.36
CA LEU B 428 -43.03 2.10 -7.20
C LEU B 428 -41.97 2.62 -8.15
N LYS B 429 -40.98 1.77 -8.48
CA LYS B 429 -40.15 2.12 -9.68
C LYS B 429 -40.61 1.19 -10.81
N ILE B 430 -40.77 1.71 -12.01
CA ILE B 430 -41.27 0.93 -13.12
C ILE B 430 -40.12 0.80 -14.08
N VAL B 431 -39.75 -0.44 -14.46
CA VAL B 431 -38.59 -0.70 -15.29
C VAL B 431 -39.09 -1.42 -16.54
N TYR B 432 -38.68 -0.89 -17.70
CA TYR B 432 -39.09 -1.41 -18.98
C TYR B 432 -37.83 -2.02 -19.50
N VAL B 433 -37.90 -3.22 -20.06
CA VAL B 433 -36.69 -3.93 -20.48
C VAL B 433 -37.01 -4.73 -21.71
N THR B 434 -36.08 -4.76 -22.66
CA THR B 434 -36.13 -5.67 -23.74
C THR B 434 -34.69 -6.25 -23.89
N THR B 435 -34.61 -7.58 -24.09
CA THR B 435 -33.33 -8.30 -24.27
C THR B 435 -33.33 -9.08 -25.56
N TRP B 436 -32.15 -9.25 -26.17
CA TRP B 436 -32.03 -10.00 -27.39
C TRP B 436 -30.62 -10.52 -27.52
N GLU B 437 -30.38 -11.29 -28.57
CA GLU B 437 -29.08 -11.91 -28.80
C GLU B 437 -28.34 -11.41 -30.05
N ASP B 438 -29.07 -11.19 -31.14
CA ASP B 438 -28.39 -10.94 -32.42
C ASP B 438 -27.86 -9.47 -32.45
N PRO B 439 -26.53 -9.32 -32.55
CA PRO B 439 -25.95 -7.99 -32.53
C PRO B 439 -26.27 -7.18 -33.79
N ALA B 440 -26.88 -7.80 -34.80
CA ALA B 440 -27.32 -7.05 -35.97
C ALA B 440 -28.75 -6.52 -35.88
N GLN B 441 -29.44 -6.75 -34.77
CA GLN B 441 -30.82 -6.45 -34.66
C GLN B 441 -31.11 -5.46 -33.52
N ASP B 442 -30.12 -4.68 -33.15
CA ASP B 442 -30.40 -3.62 -32.12
C ASP B 442 -31.54 -2.65 -32.47
N PRO B 443 -31.59 -2.15 -33.71
CA PRO B 443 -32.62 -1.10 -33.96
C PRO B 443 -34.02 -1.55 -33.67
N VAL B 444 -34.39 -2.74 -34.10
CA VAL B 444 -35.75 -3.19 -33.89
C VAL B 444 -36.13 -3.35 -32.41
N HIS B 445 -35.19 -3.82 -31.58
CA HIS B 445 -35.48 -3.97 -30.14
C HIS B 445 -35.49 -2.61 -29.45
N VAL B 446 -34.52 -1.78 -29.76
CA VAL B 446 -34.58 -0.41 -29.23
C VAL B 446 -35.90 0.31 -29.62
N ARG B 447 -36.33 0.21 -30.88
CA ARG B 447 -37.61 0.85 -31.30
C ARG B 447 -38.80 0.30 -30.50
N TRP B 448 -38.87 -1.01 -30.29
CA TRP B 448 -40.01 -1.62 -29.59
C TRP B 448 -40.14 -0.95 -28.17
N ILE B 449 -39.02 -0.90 -27.46
CA ILE B 449 -39.08 -0.40 -26.10
C ILE B 449 -39.27 1.14 -26.10
N ARG B 450 -38.61 1.86 -27.04
CA ARG B 450 -38.84 3.30 -27.23
C ARG B 450 -40.34 3.65 -27.42
N GLU B 451 -41.00 2.92 -28.33
CA GLU B 451 -42.44 3.11 -28.58
C GLU B 451 -43.36 2.77 -27.46
N LEU B 452 -43.08 1.68 -26.77
CA LEU B 452 -43.82 1.34 -25.55
C LEU B 452 -43.73 2.45 -24.51
N TYR B 453 -42.50 2.86 -24.16
CA TYR B 453 -42.31 3.89 -23.13
C TYR B 453 -42.92 5.25 -23.53
N ARG B 454 -42.63 5.66 -24.77
CA ARG B 454 -43.21 6.93 -25.27
C ARG B 454 -44.72 6.87 -25.12
N ASP B 455 -45.29 5.73 -25.49
CA ASP B 455 -46.76 5.66 -25.53
C ASP B 455 -47.35 5.68 -24.12
N VAL B 456 -46.65 5.08 -23.16
CA VAL B 456 -47.13 5.05 -21.78
C VAL B 456 -47.16 6.45 -21.24
N TYR B 457 -46.11 7.22 -21.58
CA TYR B 457 -45.95 8.61 -21.07
C TYR B 457 -46.32 9.64 -22.12
N ALA B 458 -47.17 9.28 -23.06
CA ALA B 458 -47.46 10.17 -24.24
C ALA B 458 -48.08 11.48 -23.88
N ASP B 459 -48.84 11.53 -22.79
CA ASP B 459 -49.53 12.76 -22.41
C ASP B 459 -48.65 13.72 -21.69
N THR B 460 -47.45 13.26 -21.33
CA THR B 460 -46.45 14.14 -20.82
C THR B 460 -45.16 14.16 -21.68
N GLY B 461 -45.34 14.36 -22.99
CA GLY B 461 -44.24 14.46 -23.93
C GLY B 461 -43.40 13.19 -24.03
N GLY B 462 -43.99 12.05 -23.66
CA GLY B 462 -43.33 10.75 -23.89
C GLY B 462 -42.30 10.36 -22.82
N VAL B 463 -42.25 11.11 -21.69
CA VAL B 463 -41.28 10.90 -20.63
C VAL B 463 -42.03 11.08 -19.32
N PRO B 464 -41.53 10.46 -18.24
CA PRO B 464 -42.32 10.54 -16.98
C PRO B 464 -42.10 11.89 -16.26
N VAL B 465 -42.73 12.98 -16.68
CA VAL B 465 -42.48 14.29 -16.13
C VAL B 465 -42.79 14.31 -14.61
N PRO B 466 -41.86 14.80 -13.77
CA PRO B 466 -42.09 14.83 -12.30
C PRO B 466 -43.34 15.55 -11.87
N GLY B 467 -43.79 15.20 -10.69
CA GLY B 467 -44.82 15.99 -10.02
C GLY B 467 -46.23 15.67 -10.48
N GLY B 468 -46.45 14.53 -11.14
CA GLY B 468 -47.81 14.14 -11.56
C GLY B 468 -48.04 12.69 -11.13
N ALA B 469 -48.62 11.86 -12.02
CA ALA B 469 -48.65 10.42 -11.70
C ALA B 469 -47.21 9.82 -11.65
N ALA B 470 -46.25 10.47 -12.36
CA ALA B 470 -44.86 10.03 -12.36
C ALA B 470 -43.99 11.00 -11.55
N ASP B 471 -42.80 10.57 -11.15
CA ASP B 471 -41.88 11.51 -10.52
C ASP B 471 -40.51 11.57 -11.18
N GLY B 472 -40.48 11.42 -12.51
CA GLY B 472 -39.22 11.51 -13.30
C GLY B 472 -38.51 10.12 -13.31
N ALA B 473 -37.17 10.16 -13.28
CA ALA B 473 -36.32 9.02 -13.56
C ALA B 473 -35.20 8.83 -12.52
N TYR B 474 -34.57 7.65 -12.52
CA TYR B 474 -33.64 7.20 -11.51
C TYR B 474 -32.29 7.10 -12.20
N VAL B 475 -31.31 7.85 -11.71
CA VAL B 475 -30.02 7.93 -12.44
C VAL B 475 -29.24 6.59 -12.52
N ASN B 476 -29.55 5.63 -11.63
CA ASN B 476 -28.90 4.28 -11.77
C ASN B 476 -29.58 3.40 -12.81
N TYR B 477 -30.73 3.87 -13.34
CA TYR B 477 -31.32 3.26 -14.57
C TYR B 477 -31.23 4.29 -15.73
N PRO B 478 -29.99 4.72 -16.13
CA PRO B 478 -29.93 5.87 -17.09
C PRO B 478 -30.44 5.49 -18.45
N ASP B 479 -31.01 6.46 -19.14
CA ASP B 479 -31.52 6.22 -20.50
C ASP B 479 -31.26 7.49 -21.35
N VAL B 480 -30.27 7.44 -22.27
CA VAL B 480 -29.92 8.67 -23.02
C VAL B 480 -31.10 9.29 -23.84
N ASP B 481 -32.15 8.50 -24.09
CA ASP B 481 -33.31 8.98 -24.85
C ASP B 481 -34.06 10.07 -24.13
N LEU B 482 -33.93 10.15 -22.80
CA LEU B 482 -34.53 11.25 -22.04
C LEU B 482 -33.93 12.62 -22.39
N ALA B 483 -32.75 12.65 -23.01
CA ALA B 483 -32.13 13.92 -23.51
C ALA B 483 -32.22 14.10 -25.04
N ASP B 484 -33.00 13.24 -25.70
CA ASP B 484 -33.10 13.16 -27.16
C ASP B 484 -34.40 13.89 -27.56
N GLU B 485 -34.26 15.02 -28.28
CA GLU B 485 -35.41 15.79 -28.77
C GLU B 485 -36.43 14.92 -29.52
N GLU B 486 -35.96 13.84 -30.15
CA GLU B 486 -36.86 13.02 -30.90
C GLU B 486 -37.79 12.17 -29.99
N TRP B 487 -37.39 11.94 -28.74
CA TRP B 487 -38.14 11.06 -27.83
C TRP B 487 -38.64 11.81 -26.63
N ASN B 488 -38.03 12.96 -26.34
CA ASN B 488 -38.54 13.77 -25.23
C ASN B 488 -39.16 15.05 -25.81
N THR B 489 -40.51 15.11 -25.83
CA THR B 489 -41.21 16.31 -26.36
C THR B 489 -41.95 17.08 -25.24
N SER B 490 -41.46 16.90 -24.02
CA SER B 490 -42.14 17.47 -22.85
C SER B 490 -41.69 18.88 -22.55
N GLY B 491 -40.57 19.32 -23.11
CA GLY B 491 -40.01 20.68 -22.78
C GLY B 491 -39.27 20.66 -21.43
N VAL B 492 -39.19 19.49 -20.78
CA VAL B 492 -38.49 19.35 -19.47
C VAL B 492 -37.16 18.65 -19.78
N PRO B 493 -36.03 19.26 -19.39
CA PRO B 493 -34.71 18.74 -19.72
C PRO B 493 -34.48 17.43 -18.95
N TRP B 494 -33.62 16.56 -19.50
CA TRP B 494 -33.19 15.31 -18.85
C TRP B 494 -32.79 15.55 -17.38
N SER B 495 -32.09 16.64 -17.08
CA SER B 495 -31.58 16.88 -15.74
C SER B 495 -32.68 17.05 -14.69
N GLU B 496 -33.77 17.69 -15.07
CA GLU B 496 -34.92 17.90 -14.13
C GLU B 496 -35.66 16.56 -13.99
N LEU B 497 -35.72 15.77 -15.07
CA LEU B 497 -36.31 14.41 -14.95
C LEU B 497 -35.54 13.53 -13.95
N TYR B 498 -34.20 13.53 -13.98
CA TYR B 498 -33.45 12.75 -12.97
C TYR B 498 -33.34 13.37 -11.60
N TYR B 499 -33.14 14.69 -11.54
CA TYR B 499 -32.75 15.35 -10.30
C TYR B 499 -33.73 16.34 -9.74
N LYS B 500 -34.77 16.66 -10.53
CA LYS B 500 -35.82 17.63 -10.13
C LYS B 500 -35.09 18.91 -9.62
N ASP B 501 -35.50 19.47 -8.48
CA ASP B 501 -34.82 20.63 -7.93
C ASP B 501 -33.43 20.50 -7.37
N ALA B 502 -32.92 19.28 -7.24
CA ALA B 502 -31.54 19.11 -6.82
C ALA B 502 -30.56 19.57 -7.87
N TYR B 503 -31.00 19.74 -9.12
CA TYR B 503 -30.03 20.02 -10.16
C TYR B 503 -29.13 21.25 -9.98
N PRO B 504 -29.73 22.44 -9.62
CA PRO B 504 -28.88 23.60 -9.42
C PRO B 504 -27.78 23.38 -8.42
N ARG B 505 -28.10 22.75 -7.27
CA ARG B 505 -27.07 22.50 -6.25
C ARG B 505 -25.97 21.59 -6.83
N LEU B 506 -26.37 20.57 -7.60
CA LEU B 506 -25.38 19.63 -8.18
C LEU B 506 -24.43 20.38 -9.15
N GLN B 507 -25.01 21.27 -9.95
CA GLN B 507 -24.22 22.12 -10.86
C GLN B 507 -23.27 22.99 -10.08
N ALA B 508 -23.71 23.50 -8.92
CA ALA B 508 -22.75 24.33 -8.13
C ALA B 508 -21.57 23.50 -7.63
N VAL B 509 -21.85 22.23 -7.23
CA VAL B 509 -20.81 21.30 -6.72
C VAL B 509 -19.88 20.97 -7.91
N LYS B 510 -20.50 20.73 -9.07
CA LYS B 510 -19.77 20.51 -10.33
C LYS B 510 -18.79 21.67 -10.60
N ALA B 511 -19.26 22.92 -10.49
CA ALA B 511 -18.44 24.09 -10.81
C ALA B 511 -17.27 24.17 -9.84
N ARG B 512 -17.49 23.78 -8.60
CA ARG B 512 -16.48 23.95 -7.56
C ARG B 512 -15.40 22.89 -7.61
N TRP B 513 -15.85 21.65 -7.84
CA TRP B 513 -15.02 20.49 -7.64
C TRP B 513 -14.53 19.87 -8.93
N ASP B 514 -15.23 20.08 -10.05
CA ASP B 514 -14.72 19.61 -11.36
C ASP B 514 -14.82 20.72 -12.42
N PRO B 515 -14.15 21.87 -12.19
CA PRO B 515 -14.24 23.05 -13.13
C PRO B 515 -13.80 22.72 -14.54
N ARG B 516 -12.89 21.76 -14.68
CA ARG B 516 -12.47 21.39 -16.03
C ARG B 516 -13.42 20.42 -16.75
N ASN B 517 -14.43 19.89 -16.01
CA ASN B 517 -15.38 18.89 -16.58
C ASN B 517 -14.54 17.65 -17.06
N VAL B 518 -13.63 17.19 -16.21
CA VAL B 518 -12.92 15.92 -16.53
C VAL B 518 -13.90 14.72 -16.51
N PHE B 519 -14.88 14.79 -15.62
CA PHE B 519 -15.78 13.66 -15.40
C PHE B 519 -17.11 13.91 -16.10
N ARG B 520 -17.33 13.23 -17.23
CA ARG B 520 -18.51 13.56 -18.05
C ARG B 520 -18.94 12.35 -18.84
N HIS B 521 -20.16 12.40 -19.36
CA HIS B 521 -20.70 11.31 -20.21
C HIS B 521 -22.05 11.84 -20.63
N ALA B 522 -22.77 11.11 -21.51
CA ALA B 522 -24.18 11.48 -21.69
C ALA B 522 -24.91 11.56 -20.35
N LEU B 523 -25.73 12.58 -20.18
CA LEU B 523 -26.49 12.75 -18.86
C LEU B 523 -25.53 12.94 -17.66
N SER B 524 -24.36 13.53 -17.85
CA SER B 524 -23.54 13.95 -16.69
C SER B 524 -23.97 15.37 -16.30
N VAL B 525 -23.83 15.67 -15.02
CA VAL B 525 -24.12 16.97 -14.44
C VAL B 525 -23.13 17.93 -15.09
N ARG B 526 -23.67 19.04 -15.62
CA ARG B 526 -22.94 19.96 -16.42
C ARG B 526 -23.31 21.38 -15.95
N VAL B 527 -22.32 22.25 -15.82
CA VAL B 527 -22.62 23.63 -15.35
C VAL B 527 -23.42 24.39 -16.45
N PRO B 528 -24.12 25.46 -16.06
CA PRO B 528 -24.90 26.20 -17.07
C PRO B 528 -23.94 26.76 -18.14
N PRO B 529 -24.41 26.89 -19.39
CA PRO B 529 -23.53 27.35 -20.49
C PRO B 529 -23.24 28.85 -20.49
N ASP C 35 14.50 -8.08 -1.84
CA ASP C 35 15.88 -7.44 -1.84
C ASP C 35 16.60 -7.86 -0.55
N SER C 36 17.56 -8.79 -0.65
CA SER C 36 18.20 -9.24 0.59
C SER C 36 19.72 -9.37 0.51
N VAL C 37 20.34 -9.19 1.65
CA VAL C 37 21.79 -9.04 1.71
C VAL C 37 22.38 -10.09 2.61
N ALA C 38 23.32 -10.87 2.11
CA ALA C 38 23.86 -12.00 2.88
C ALA C 38 25.37 -11.71 2.94
N PRO C 39 26.13 -12.41 3.81
CA PRO C 39 27.56 -12.23 3.85
C PRO C 39 28.16 -12.39 2.47
N GLY C 40 29.19 -11.57 2.18
CA GLY C 40 29.81 -11.56 0.85
C GLY C 40 29.22 -10.46 -0.05
N ASP C 41 27.99 -10.02 0.24
CA ASP C 41 27.38 -8.97 -0.62
C ASP C 41 28.14 -7.67 -0.31
N ILE C 42 28.35 -6.85 -1.34
CA ILE C 42 29.09 -5.58 -1.12
C ILE C 42 28.49 -4.71 0.04
N ARG C 43 27.17 -4.82 0.22
CA ARG C 43 26.48 -4.00 1.21
C ARG C 43 26.56 -4.57 2.62
N TYR C 44 27.10 -5.78 2.80
CA TYR C 44 26.91 -6.45 4.09
C TYR C 44 27.64 -5.79 5.25
N GLU C 45 28.88 -5.31 5.02
CA GLU C 45 29.58 -4.63 6.11
C GLU C 45 28.82 -3.39 6.61
N ASP C 46 28.12 -2.69 5.71
CA ASP C 46 27.35 -1.53 6.17
C ASP C 46 26.06 -1.95 6.91
N LEU C 47 25.30 -2.83 6.29
CA LEU C 47 23.95 -3.12 6.75
C LEU C 47 23.92 -4.11 7.91
N ARG C 48 25.05 -4.77 8.16
CA ARG C 48 25.16 -5.62 9.38
C ARG C 48 25.37 -4.79 10.66
N ARG C 49 25.54 -3.48 10.50
CA ARG C 49 25.81 -2.54 11.60
C ARG C 49 24.74 -1.45 11.65
N GLY C 50 24.50 -0.86 12.84
CA GLY C 50 23.73 0.36 12.85
C GLY C 50 24.75 1.48 12.86
N GLU C 51 24.39 2.56 13.50
CA GLU C 51 25.28 3.71 13.60
C GLU C 51 26.16 3.57 14.89
N ASN C 52 25.97 2.51 15.66
CA ASN C 52 26.79 2.30 16.85
C ASN C 52 27.87 1.26 16.51
N LEU C 53 29.06 1.77 16.22
CA LEU C 53 30.13 0.91 15.76
C LEU C 53 30.66 -0.11 16.79
N ARG C 54 30.24 -0.02 18.05
CA ARG C 54 30.66 -1.09 19.01
C ARG C 54 30.02 -2.45 18.71
N PHE C 55 28.93 -2.43 17.94
CA PHE C 55 28.15 -3.67 17.78
C PHE C 55 28.14 -4.16 16.33
N VAL C 56 28.69 -5.35 16.11
CA VAL C 56 28.72 -5.86 14.75
C VAL C 56 27.78 -7.02 14.64
N GLY C 57 26.76 -6.93 13.77
CA GLY C 57 25.84 -8.04 13.70
C GLY C 57 26.39 -9.20 12.88
N ASP C 58 25.85 -10.39 13.10
CA ASP C 58 26.09 -11.58 12.28
C ASP C 58 24.82 -12.12 11.57
N PRO C 59 23.96 -11.24 11.01
CA PRO C 59 22.77 -11.86 10.47
C PRO C 59 23.12 -12.68 9.19
N GLU C 60 22.38 -13.77 8.97
CA GLU C 60 22.47 -14.54 7.72
C GLU C 60 21.83 -13.77 6.55
N GLU C 61 20.84 -12.91 6.82
CA GLU C 61 20.11 -12.18 5.79
C GLU C 61 19.65 -10.88 6.38
N ILE C 62 19.87 -9.79 5.62
CA ILE C 62 19.25 -8.52 5.95
C ILE C 62 18.23 -8.29 4.83
N HIS C 63 16.94 -8.15 5.17
CA HIS C 63 15.89 -7.91 4.21
C HIS C 63 15.52 -6.46 4.20
N LEU C 64 15.72 -5.82 3.03
CA LEU C 64 15.27 -4.45 2.82
C LEU C 64 13.82 -4.52 2.36
N VAL C 65 12.93 -4.69 3.34
CA VAL C 65 11.52 -4.89 3.05
C VAL C 65 10.88 -3.66 2.40
N GLY C 66 9.90 -3.94 1.56
CA GLY C 66 9.21 -2.90 0.80
C GLY C 66 7.76 -2.65 1.15
N SER C 67 7.17 -3.48 2.01
CA SER C 67 5.72 -3.34 2.34
C SER C 67 5.37 -4.19 3.56
N ALA C 68 4.17 -4.01 4.11
CA ALA C 68 3.71 -4.86 5.24
C ALA C 68 3.66 -6.33 4.81
N ALA C 69 3.21 -6.59 3.57
CA ALA C 69 3.08 -7.98 3.10
C ALA C 69 4.44 -8.70 3.08
N GLU C 70 5.46 -7.97 2.65
CA GLU C 70 6.83 -8.52 2.66
C GLU C 70 7.29 -8.77 4.10
N ILE C 71 6.93 -7.85 4.98
CA ILE C 71 7.32 -8.03 6.39
C ILE C 71 6.67 -9.30 6.94
N GLU C 72 5.35 -9.44 6.71
CA GLU C 72 4.65 -10.68 7.13
C GLU C 72 5.35 -11.93 6.61
N GLN C 73 5.79 -11.90 5.36
CA GLN C 73 6.36 -13.11 4.70
C GLN C 73 7.73 -13.42 5.23
N VAL C 74 8.54 -12.39 5.45
CA VAL C 74 9.85 -12.61 6.03
C VAL C 74 9.77 -13.07 7.48
N LEU C 75 8.84 -12.48 8.23
CA LEU C 75 8.64 -12.81 9.63
C LEU C 75 8.21 -14.24 9.86
N SER C 76 7.15 -14.69 9.17
N SER C 76 7.15 -14.68 9.16
CA SER C 76 6.62 -16.06 9.34
CA SER C 76 6.63 -16.04 9.33
C SER C 76 7.64 -17.10 8.96
C SER C 76 7.68 -17.05 8.99
N ARG C 77 8.39 -16.80 7.92
CA ARG C 77 9.45 -17.67 7.50
C ARG C 77 10.53 -17.82 8.55
N ALA C 78 11.03 -16.70 9.09
CA ALA C 78 11.99 -16.76 10.21
C ALA C 78 11.46 -17.47 11.47
N VAL C 79 10.26 -17.10 11.90
CA VAL C 79 9.71 -17.72 13.05
C VAL C 79 9.56 -19.26 12.88
N ARG C 80 9.03 -19.72 11.75
CA ARG C 80 8.97 -21.19 11.52
C ARG C 80 10.33 -21.87 11.45
N SER C 81 11.37 -21.16 10.98
CA SER C 81 12.74 -21.73 10.87
C SER C 81 13.50 -21.62 12.17
N GLY C 82 12.87 -21.00 13.15
CA GLY C 82 13.46 -20.84 14.47
C GLY C 82 14.59 -19.82 14.42
N LYS C 83 14.56 -18.92 13.45
CA LYS C 83 15.57 -17.84 13.37
C LYS C 83 15.20 -16.56 14.14
N ARG C 84 16.10 -16.13 15.00
CA ARG C 84 15.92 -14.91 15.77
C ARG C 84 15.97 -13.66 14.83
N VAL C 85 15.02 -12.75 15.05
CA VAL C 85 14.86 -11.57 14.19
C VAL C 85 15.04 -10.28 14.93
N ALA C 86 15.37 -9.21 14.20
CA ALA C 86 15.28 -7.87 14.76
C ALA C 86 15.02 -6.91 13.61
N VAL C 87 14.45 -5.75 13.92
CA VAL C 87 14.23 -4.64 13.00
C VAL C 87 15.23 -3.50 13.20
N ARG C 88 15.73 -2.94 12.08
CA ARG C 88 16.54 -1.76 12.08
C ARG C 88 15.82 -0.70 11.26
N SER C 89 15.61 0.48 11.84
CA SER C 89 15.07 1.63 11.07
C SER C 89 16.23 2.62 11.00
N GLY C 90 16.36 3.56 11.93
CA GLY C 90 17.44 4.53 11.83
C GLY C 90 18.84 4.06 12.27
N GLY C 91 18.92 2.88 12.96
CA GLY C 91 20.19 2.38 13.42
C GLY C 91 20.84 3.09 14.57
N HIS C 92 20.09 3.94 15.27
CA HIS C 92 20.68 4.70 16.38
C HIS C 92 20.68 4.03 17.78
N CYS C 93 20.26 2.77 17.85
CA CYS C 93 20.23 2.07 19.16
C CYS C 93 21.54 2.24 19.94
N TYR C 94 21.46 2.72 21.21
CA TYR C 94 22.69 2.87 21.98
C TYR C 94 23.17 1.54 22.50
N GLU C 95 22.35 0.50 22.39
CA GLU C 95 22.70 -0.84 22.89
C GLU C 95 22.70 -1.82 21.75
N ASP C 96 22.92 -3.11 22.04
CA ASP C 96 23.17 -4.19 21.06
C ASP C 96 21.87 -4.90 20.71
N PHE C 97 20.72 -4.23 20.85
CA PHE C 97 19.42 -4.89 20.60
C PHE C 97 19.25 -5.50 19.22
N VAL C 98 19.79 -4.83 18.19
CA VAL C 98 19.66 -5.24 16.78
C VAL C 98 20.84 -6.04 16.26
N ALA C 99 22.03 -5.69 16.71
CA ALA C 99 23.26 -6.26 16.14
C ALA C 99 23.73 -7.45 17.03
N ASN C 100 22.94 -7.79 18.06
CA ASN C 100 23.18 -8.95 18.95
C ASN C 100 23.60 -10.15 18.07
N SER C 101 24.68 -10.84 18.42
CA SER C 101 25.16 -11.89 17.50
C SER C 101 24.17 -13.07 17.29
N ASP C 102 23.24 -13.30 18.21
CA ASP C 102 22.23 -14.36 18.01
C ASP C 102 21.17 -13.94 16.97
N VAL C 103 21.09 -12.66 16.61
CA VAL C 103 20.12 -12.25 15.60
C VAL C 103 20.49 -12.84 14.21
N ARG C 104 19.55 -13.59 13.59
N ARG C 104 19.57 -13.58 13.56
CA ARG C 104 19.83 -14.31 12.35
CA ARG C 104 19.90 -14.22 12.29
C ARG C 104 19.21 -13.59 11.11
C ARG C 104 19.24 -13.53 11.08
N VAL C 105 18.14 -12.81 11.33
CA VAL C 105 17.40 -12.15 10.24
C VAL C 105 17.12 -10.75 10.66
N VAL C 106 17.60 -9.79 9.88
CA VAL C 106 17.27 -8.38 10.15
C VAL C 106 16.31 -7.86 9.08
N MET C 107 15.26 -7.17 9.51
CA MET C 107 14.41 -6.48 8.55
C MET C 107 14.80 -5.00 8.63
N ASP C 108 15.31 -4.49 7.52
CA ASP C 108 15.83 -3.15 7.44
C ASP C 108 14.79 -2.31 6.72
N MET C 109 14.40 -1.18 7.36
CA MET C 109 13.26 -0.41 6.96
C MET C 109 13.60 0.72 6.02
N SER C 110 14.84 0.75 5.51
CA SER C 110 15.28 1.88 4.60
C SER C 110 14.36 2.23 3.45
N ARG C 111 13.70 1.24 2.85
CA ARG C 111 12.90 1.58 1.67
C ARG C 111 11.56 2.12 2.12
N LEU C 112 11.26 2.02 3.40
CA LEU C 112 9.97 2.55 3.86
C LEU C 112 10.25 3.88 4.56
N SER C 113 10.52 4.93 3.80
CA SER C 113 10.89 6.12 4.48
C SER C 113 10.01 7.34 4.14
N ALA C 114 8.83 7.09 3.56
CA ALA C 114 7.88 8.18 3.16
C ALA C 114 7.32 8.96 4.36
N VAL C 115 7.13 10.27 4.15
CA VAL C 115 6.47 11.18 5.10
C VAL C 115 5.44 11.94 4.28
N GLY C 116 4.17 11.98 4.73
CA GLY C 116 3.15 12.66 3.97
C GLY C 116 1.86 12.79 4.78
N PHE C 117 0.84 13.41 4.20
CA PHE C 117 -0.42 13.51 4.88
C PHE C 117 -1.33 12.45 4.31
N ASP C 118 -1.99 11.69 5.17
CA ASP C 118 -2.82 10.53 4.70
C ASP C 118 -4.27 10.93 4.77
N GLU C 119 -4.86 11.34 3.63
CA GLU C 119 -6.27 11.81 3.62
C GLU C 119 -7.21 10.75 4.21
N GLU C 120 -7.05 9.50 3.83
CA GLU C 120 -7.93 8.42 4.37
C GLU C 120 -8.07 8.45 5.91
N ARG C 121 -6.93 8.61 6.56
CA ARG C 121 -6.86 8.62 8.01
C ARG C 121 -6.98 10.02 8.61
N GLY C 122 -6.85 11.06 7.78
CA GLY C 122 -6.85 12.41 8.29
C GLY C 122 -5.70 12.64 9.29
N ALA C 123 -4.50 12.16 8.95
CA ALA C 123 -3.37 12.28 9.86
C ALA C 123 -2.09 12.21 9.03
N PHE C 124 -1.03 12.76 9.60
CA PHE C 124 0.30 12.58 8.96
C PHE C 124 0.85 11.16 9.09
N ALA C 125 1.35 10.54 8.00
CA ALA C 125 1.86 9.18 8.04
C ALA C 125 3.36 9.29 7.97
N VAL C 126 4.04 8.65 8.92
CA VAL C 126 5.52 8.61 8.93
C VAL C 126 5.92 7.13 8.91
N GLU C 127 6.51 6.65 7.80
CA GLU C 127 6.94 5.26 7.76
C GLU C 127 8.15 5.12 8.70
N ALA C 128 8.40 3.89 9.17
CA ALA C 128 9.37 3.64 10.24
C ALA C 128 10.77 3.97 9.78
N GLY C 129 11.06 3.81 8.51
CA GLY C 129 12.46 4.10 8.09
C GLY C 129 12.78 5.60 7.82
N ALA C 130 11.79 6.49 7.99
CA ALA C 130 12.04 7.94 7.75
C ALA C 130 12.98 8.43 8.84
N THR C 131 13.97 9.26 8.46
CA THR C 131 14.81 9.95 9.44
C THR C 131 14.14 11.26 9.88
N LEU C 132 14.49 11.70 11.09
CA LEU C 132 13.88 12.91 11.68
C LEU C 132 14.20 14.14 10.79
N GLY C 133 15.39 14.17 10.18
CA GLY C 133 15.73 15.28 9.20
C GLY C 133 14.70 15.29 8.05
N ALA C 134 14.34 14.11 7.53
CA ALA C 134 13.37 14.07 6.47
C ALA C 134 11.98 14.42 6.97
N VAL C 135 11.63 13.93 8.15
CA VAL C 135 10.31 14.26 8.74
C VAL C 135 10.22 15.77 8.93
N TYR C 136 11.21 16.39 9.53
CA TYR C 136 11.06 17.84 9.81
C TYR C 136 11.04 18.68 8.56
N LYS C 137 11.90 18.33 7.63
CA LYS C 137 11.94 19.09 6.34
C LYS C 137 10.57 19.00 5.62
N THR C 138 10.05 17.78 5.52
CA THR C 138 8.82 17.55 4.74
C THR C 138 7.63 18.19 5.47
N LEU C 139 7.47 17.88 6.76
CA LEU C 139 6.35 18.50 7.50
C LEU C 139 6.42 20.04 7.42
N PHE C 140 7.61 20.58 7.61
CA PHE C 140 7.69 22.01 7.68
C PHE C 140 7.59 22.66 6.31
N ARG C 141 8.46 22.28 5.37
CA ARG C 141 8.42 22.97 4.10
C ARG C 141 7.04 22.78 3.43
N VAL C 142 6.44 21.58 3.55
CA VAL C 142 5.22 21.35 2.79
C VAL C 142 4.01 21.91 3.48
N TRP C 143 3.94 21.77 4.81
CA TRP C 143 2.68 22.14 5.51
C TRP C 143 2.85 23.13 6.63
N GLY C 144 4.07 23.56 6.88
CA GLY C 144 4.41 24.52 7.96
C GLY C 144 4.16 24.01 9.38
N VAL C 145 4.22 22.67 9.57
CA VAL C 145 4.03 22.08 10.93
C VAL C 145 5.23 21.27 11.34
N THR C 146 5.19 20.73 12.56
CA THR C 146 6.30 19.86 12.97
C THR C 146 5.81 18.94 14.04
N LEU C 147 6.74 18.13 14.56
CA LEU C 147 6.56 17.18 15.66
C LEU C 147 7.69 17.42 16.66
N PRO C 148 7.37 17.46 17.95
CA PRO C 148 8.40 17.71 18.99
C PRO C 148 9.20 16.39 19.29
N GLY C 149 9.89 15.88 18.27
CA GLY C 149 10.81 14.76 18.49
C GLY C 149 12.26 15.18 18.67
N GLY C 150 13.19 14.26 18.38
CA GLY C 150 14.58 14.47 18.73
C GLY C 150 15.29 15.59 18.05
N ALA C 151 16.45 15.97 18.65
CA ALA C 151 17.47 16.72 18.00
C ALA C 151 18.25 15.63 17.22
N CYS C 152 18.82 15.94 16.10
CA CYS C 152 19.54 14.74 15.55
C CYS C 152 18.85 14.18 14.34
N PRO C 153 19.15 14.77 13.18
CA PRO C 153 18.43 14.46 11.95
C PRO C 153 18.56 13.04 11.44
N ASP C 154 19.55 12.26 11.88
CA ASP C 154 19.82 10.94 11.30
C ASP C 154 19.04 9.82 12.06
N VAL C 155 18.36 10.16 13.16
CA VAL C 155 17.62 9.13 13.95
C VAL C 155 16.43 8.64 13.14
N GLY C 156 16.08 7.35 13.24
CA GLY C 156 14.92 6.85 12.51
C GLY C 156 13.65 6.95 13.33
N ALA C 157 12.53 7.23 12.68
CA ALA C 157 11.21 7.28 13.34
C ALA C 157 10.94 5.93 14.00
N GLY C 158 11.35 4.84 13.37
CA GLY C 158 11.03 3.48 13.87
C GLY C 158 11.27 3.25 15.37
N GLY C 159 12.50 3.44 15.86
CA GLY C 159 12.82 3.25 17.31
C GLY C 159 12.46 4.47 18.11
N HIS C 160 12.54 5.63 17.48
CA HIS C 160 12.51 6.87 18.21
C HIS C 160 11.08 7.12 18.76
N ILE C 161 10.09 7.09 17.89
CA ILE C 161 8.68 7.38 18.35
C ILE C 161 8.26 6.33 19.41
N LEU C 162 8.43 5.05 19.16
N LEU C 162 8.56 5.05 19.11
CA LEU C 162 7.78 4.17 20.14
CA LEU C 162 8.09 3.93 19.96
C LEU C 162 8.55 4.10 21.49
C LEU C 162 8.56 4.11 21.41
N GLY C 163 9.74 4.72 21.55
CA GLY C 163 10.48 4.83 22.82
C GLY C 163 10.17 6.10 23.54
N GLY C 164 9.30 6.98 22.97
CA GLY C 164 8.89 8.21 23.68
C GLY C 164 9.70 9.45 23.33
N GLY C 165 10.11 9.54 22.07
CA GLY C 165 10.97 10.63 21.55
C GLY C 165 10.62 12.04 21.99
N TYR C 166 11.66 12.84 22.22
CA TYR C 166 11.50 14.23 22.68
C TYR C 166 12.69 15.01 22.17
N GLY C 167 12.63 16.33 22.34
CA GLY C 167 13.76 17.14 21.90
C GLY C 167 13.51 18.59 22.14
N PRO C 168 14.12 19.48 21.32
CA PRO C 168 14.10 20.92 21.58
C PRO C 168 12.69 21.53 21.83
N LEU C 169 11.69 21.06 21.10
CA LEU C 169 10.33 21.65 21.21
C LEU C 169 9.42 20.92 22.20
N SER C 170 9.96 19.97 22.95
CA SER C 170 9.13 19.20 23.92
C SER C 170 8.56 20.02 25.09
N ARG C 171 9.32 20.98 25.60
CA ARG C 171 8.77 21.86 26.63
C ARG C 171 7.56 22.72 26.14
N MET C 172 7.57 23.03 24.86
CA MET C 172 6.46 23.76 24.24
C MET C 172 5.36 22.80 23.82
N HIS C 173 5.67 21.56 23.42
CA HIS C 173 4.61 20.80 22.76
C HIS C 173 4.45 19.35 23.16
N GLY C 174 5.24 18.87 24.15
CA GLY C 174 5.12 17.53 24.67
C GLY C 174 6.05 16.58 23.95
N SER C 175 5.85 15.29 24.20
CA SER C 175 6.65 14.25 23.58
C SER C 175 6.04 13.98 22.19
N ILE C 176 6.81 13.42 21.27
CA ILE C 176 6.29 13.03 20.00
C ILE C 176 5.09 12.03 20.14
N VAL C 177 5.10 11.19 21.19
CA VAL C 177 4.04 10.19 21.38
C VAL C 177 2.71 10.85 21.74
N ASP C 178 2.76 12.09 22.21
CA ASP C 178 1.54 12.85 22.54
C ASP C 178 0.75 13.28 21.28
N TYR C 179 1.31 12.97 20.11
CA TYR C 179 0.63 13.13 18.77
C TYR C 179 0.38 11.81 18.10
N LEU C 180 0.70 10.68 18.73
CA LEU C 180 0.56 9.44 18.02
C LEU C 180 -0.94 9.07 18.09
N HIS C 181 -1.58 9.10 16.92
CA HIS C 181 -2.97 8.79 16.80
C HIS C 181 -3.28 7.29 16.48
N ALA C 182 -2.42 6.65 15.68
CA ALA C 182 -2.65 5.27 15.25
C ALA C 182 -1.33 4.71 14.72
N VAL C 183 -1.20 3.39 14.69
CA VAL C 183 0.04 2.75 14.25
C VAL C 183 -0.34 1.46 13.50
N GLU C 184 0.44 1.12 12.47
CA GLU C 184 0.29 -0.10 11.66
C GLU C 184 1.48 -0.96 12.05
N VAL C 185 1.17 -2.16 12.49
N VAL C 185 1.15 -2.16 12.53
CA VAL C 185 2.22 -3.00 13.09
CA VAL C 185 2.13 -3.04 13.19
C VAL C 185 1.99 -4.43 12.66
C VAL C 185 1.96 -4.44 12.60
N VAL C 186 3.05 -5.05 12.17
CA VAL C 186 3.05 -6.48 11.88
C VAL C 186 3.40 -7.27 13.15
N VAL C 187 2.49 -8.16 13.57
CA VAL C 187 2.64 -8.92 14.83
C VAL C 187 2.67 -10.40 14.46
N VAL C 188 3.19 -11.21 15.37
CA VAL C 188 3.24 -12.63 15.14
C VAL C 188 2.39 -13.35 16.19
N ASP C 189 1.54 -14.26 15.70
CA ASP C 189 0.56 -14.96 16.54
C ASP C 189 1.14 -16.25 17.10
N ALA C 190 0.42 -16.87 18.02
CA ALA C 190 0.82 -18.15 18.61
C ALA C 190 1.08 -19.20 17.53
N SER C 191 0.40 -19.09 16.39
CA SER C 191 0.46 -20.08 15.31
C SER C 191 1.77 -19.97 14.54
N GLY C 192 2.46 -18.84 14.69
CA GLY C 192 3.61 -18.58 13.86
C GLY C 192 3.36 -17.76 12.58
N ASP C 193 2.09 -17.55 12.23
CA ASP C 193 1.67 -16.65 11.12
C ASP C 193 1.84 -15.19 11.58
N ALA C 194 2.15 -14.30 10.63
CA ALA C 194 2.22 -12.88 10.96
C ALA C 194 1.07 -12.16 10.27
N ARG C 195 0.55 -11.11 10.87
N ARG C 195 0.55 -11.12 10.89
CA ARG C 195 -0.46 -10.29 10.25
CA ARG C 195 -0.55 -10.31 10.36
C ARG C 195 -0.19 -8.85 10.53
C ARG C 195 -0.32 -8.85 10.65
N THR C 196 -0.86 -8.01 9.77
CA THR C 196 -0.78 -6.60 9.94
C THR C 196 -2.04 -6.11 10.67
N VAL C 197 -1.86 -5.29 11.68
N VAL C 197 -1.82 -5.18 11.60
CA VAL C 197 -3.05 -4.69 12.31
CA VAL C 197 -2.86 -4.71 12.52
C VAL C 197 -2.86 -3.19 12.38
C VAL C 197 -2.82 -3.17 12.54
N ILE C 198 -3.97 -2.51 12.61
CA ILE C 198 -3.97 -1.10 12.79
C ILE C 198 -4.49 -0.94 14.21
N ALA C 199 -3.79 -0.20 15.04
CA ALA C 199 -4.23 0.10 16.38
C ALA C 199 -4.37 1.63 16.55
N THR C 200 -5.49 2.10 17.09
CA THR C 200 -5.73 3.55 17.23
C THR C 200 -6.00 3.99 18.69
N ARG C 201 -5.98 5.29 18.93
N ARG C 201 -5.96 5.31 18.91
CA ARG C 201 -6.18 5.80 20.26
CA ARG C 201 -6.19 5.93 20.20
C ARG C 201 -7.68 5.89 20.62
C ARG C 201 -7.67 5.85 20.64
N GLU C 202 -8.55 5.41 19.74
N GLU C 202 -8.58 5.49 19.72
CA GLU C 202 -9.99 5.38 20.07
CA GLU C 202 -10.02 5.51 20.07
C GLU C 202 -10.24 4.44 21.22
C GLU C 202 -10.30 4.48 21.15
N PRO C 203 -10.93 4.92 22.28
CA PRO C 203 -11.27 4.06 23.45
C PRO C 203 -11.94 2.75 23.11
N SER C 204 -12.80 2.73 22.09
CA SER C 204 -13.49 1.47 21.80
C SER C 204 -12.75 0.57 20.80
N ASP C 205 -11.55 0.95 20.35
CA ASP C 205 -10.85 0.16 19.38
C ASP C 205 -10.39 -1.09 20.13
N PRO C 206 -10.73 -2.33 19.66
CA PRO C 206 -10.27 -3.61 20.27
C PRO C 206 -8.73 -3.71 20.41
N ASN C 207 -8.01 -2.91 19.59
CA ASN C 207 -6.52 -2.88 19.54
C ASN C 207 -5.95 -1.65 20.26
N HIS C 208 -6.80 -0.98 21.03
CA HIS C 208 -6.41 0.17 21.80
C HIS C 208 -5.16 -0.06 22.66
N ASP C 209 -5.12 -1.22 23.31
CA ASP C 209 -3.98 -1.52 24.18
C ASP C 209 -2.64 -1.54 23.38
N LEU C 210 -2.65 -2.12 22.16
CA LEU C 210 -1.49 -2.17 21.29
C LEU C 210 -1.06 -0.70 20.94
N TRP C 211 -2.03 0.17 20.63
CA TRP C 211 -1.75 1.59 20.33
C TRP C 211 -1.04 2.19 21.55
N TRP C 212 -1.55 1.89 22.74
CA TRP C 212 -1.05 2.55 23.93
C TRP C 212 0.40 2.13 24.19
N ALA C 213 0.69 0.86 23.93
CA ALA C 213 2.06 0.33 24.09
C ALA C 213 3.08 1.04 23.19
N HIS C 214 2.62 1.60 22.07
CA HIS C 214 3.51 2.31 21.12
C HIS C 214 3.79 3.73 21.49
N THR C 215 3.16 4.19 22.57
CA THR C 215 3.41 5.53 23.10
C THR C 215 4.52 5.54 24.19
N GLY C 216 5.61 4.87 23.96
CA GLY C 216 6.65 4.81 24.99
C GLY C 216 7.13 3.41 25.30
N GLY C 217 6.44 2.40 24.83
CA GLY C 217 6.84 0.98 25.11
C GLY C 217 8.24 0.55 24.67
N GLY C 218 8.84 1.29 23.71
CA GLY C 218 10.17 0.96 23.26
C GLY C 218 10.22 0.02 22.05
N GLY C 219 11.23 0.17 21.20
CA GLY C 219 11.33 -0.70 20.01
C GLY C 219 11.72 -2.17 20.30
N GLY C 220 11.43 -3.07 19.35
CA GLY C 220 11.95 -4.41 19.34
C GLY C 220 11.23 -5.24 20.41
N ASN C 221 10.03 -4.80 20.82
CA ASN C 221 9.21 -5.50 21.83
C ASN C 221 7.90 -6.15 21.37
N PHE C 222 7.11 -5.49 20.51
CA PHE C 222 5.74 -5.96 20.27
C PHE C 222 5.47 -6.36 18.87
N GLY C 223 6.26 -5.89 17.90
CA GLY C 223 5.92 -6.14 16.52
C GLY C 223 6.69 -5.22 15.62
N VAL C 224 6.51 -5.34 14.28
CA VAL C 224 7.22 -4.40 13.36
C VAL C 224 6.30 -3.26 13.03
N VAL C 225 6.64 -2.06 13.53
CA VAL C 225 5.88 -0.88 13.11
C VAL C 225 6.20 -0.63 11.64
N VAL C 226 5.15 -0.51 10.79
CA VAL C 226 5.32 -0.11 9.38
C VAL C 226 5.21 1.39 9.30
N ARG C 227 4.19 1.96 9.94
CA ARG C 227 4.09 3.40 9.87
C ARG C 227 3.33 3.91 11.08
N TYR C 228 3.58 5.16 11.40
CA TYR C 228 2.92 5.88 12.46
C TYR C 228 2.01 6.99 11.93
N TRP C 229 0.84 7.19 12.53
CA TRP C 229 -0.06 8.26 12.07
C TRP C 229 -0.14 9.25 13.21
N LEU C 230 0.15 10.53 12.94
CA LEU C 230 0.26 11.49 13.99
C LEU C 230 -0.63 12.70 13.70
N ARG C 231 -1.23 13.28 14.75
CA ARG C 231 -2.25 14.32 14.57
C ARG C 231 -2.45 14.79 16.01
N THR C 232 -2.81 16.05 16.17
CA THR C 232 -3.22 16.53 17.48
C THR C 232 -4.42 15.70 17.96
N ALA C 233 -4.43 15.37 19.26
CA ALA C 233 -5.55 14.59 19.84
C ALA C 233 -6.82 15.46 19.98
N GLU C 234 -6.61 16.77 20.18
CA GLU C 234 -7.68 17.76 20.39
C GLU C 234 -8.94 17.57 19.53
N PRO C 238 -10.58 20.64 13.03
CA PRO C 238 -10.58 21.34 11.73
C PRO C 238 -9.63 20.61 10.77
N PRO C 239 -10.20 19.86 9.79
CA PRO C 239 -9.41 18.75 9.20
C PRO C 239 -8.36 19.16 8.13
N GLU C 240 -7.74 20.31 8.31
CA GLU C 240 -6.78 20.83 7.33
C GLU C 240 -5.41 20.34 7.86
N PRO C 241 -4.59 19.67 7.02
CA PRO C 241 -3.25 19.25 7.49
C PRO C 241 -2.45 20.35 8.24
N GLY C 242 -2.45 21.58 7.72
CA GLY C 242 -1.78 22.72 8.34
C GLY C 242 -2.19 23.04 9.77
N ARG C 243 -3.32 22.46 10.20
CA ARG C 243 -3.86 22.65 11.52
C ARG C 243 -3.77 21.43 12.42
N LEU C 244 -3.25 20.30 11.92
CA LEU C 244 -3.40 19.04 12.62
C LEU C 244 -2.13 18.66 13.42
N LEU C 245 -1.08 19.43 13.25
CA LEU C 245 0.16 19.33 14.04
C LEU C 245 0.63 20.72 14.45
N PRO C 246 1.43 20.82 15.49
CA PRO C 246 1.91 22.12 15.96
C PRO C 246 2.80 22.85 14.95
N ARG C 247 2.63 24.16 14.90
CA ARG C 247 3.53 25.07 14.13
C ARG C 247 4.74 25.46 14.98
N PRO C 248 5.94 25.26 14.48
CA PRO C 248 7.09 25.66 15.32
C PRO C 248 7.23 27.19 15.36
N PRO C 249 8.11 27.74 16.23
CA PRO C 249 8.36 29.17 16.01
C PRO C 249 8.90 29.44 14.62
N ALA C 250 8.56 30.58 14.04
CA ALA C 250 9.17 30.93 12.74
C ALA C 250 10.65 31.17 12.85
N GLU C 251 11.10 31.71 13.99
CA GLU C 251 12.54 32.01 14.19
C GLU C 251 12.91 31.76 15.62
N VAL C 252 14.16 31.37 15.84
CA VAL C 252 14.65 31.13 17.21
C VAL C 252 15.92 31.96 17.48
N LEU C 253 16.12 32.32 18.75
CA LEU C 253 17.42 32.79 19.19
C LEU C 253 18.21 31.60 19.57
N LEU C 254 19.48 31.55 19.16
CA LEU C 254 20.30 30.39 19.57
C LEU C 254 21.55 30.90 20.27
N ASN C 255 21.89 30.41 21.45
CA ASN C 255 23.06 30.96 22.14
C ASN C 255 24.04 29.84 22.45
N THR C 256 25.33 30.15 22.29
CA THR C 256 26.40 29.31 22.75
C THR C 256 27.16 30.09 23.80
N THR C 257 27.26 29.52 25.00
CA THR C 257 27.99 30.07 26.13
C THR C 257 29.08 29.10 26.56
N VAL C 258 30.29 29.61 26.78
CA VAL C 258 31.46 28.76 27.04
C VAL C 258 32.18 29.32 28.23
N TRP C 259 32.37 28.50 29.27
CA TRP C 259 33.17 28.95 30.41
C TRP C 259 34.50 28.19 30.40
N PRO C 260 35.67 28.88 30.45
CA PRO C 260 36.92 28.10 30.42
C PRO C 260 37.09 27.32 31.73
N TRP C 261 37.61 26.10 31.62
CA TRP C 261 37.89 25.26 32.77
C TRP C 261 39.08 25.75 33.64
N GLU C 262 40.10 26.35 33.01
CA GLU C 262 41.34 26.85 33.65
C GLU C 262 41.15 27.48 35.04
N GLY C 263 40.45 28.60 35.12
CA GLY C 263 40.23 29.28 36.42
C GLY C 263 38.93 29.02 37.21
N LEU C 264 38.45 27.78 37.13
CA LEU C 264 37.18 27.35 37.75
C LEU C 264 37.43 26.27 38.82
N ASP C 265 37.26 26.64 40.08
CA ASP C 265 37.45 25.69 41.14
C ASP C 265 36.10 25.05 41.43
N GLU C 266 36.07 24.20 42.44
N GLU C 266 36.06 24.17 42.43
CA GLU C 266 34.89 23.45 42.76
CA GLU C 266 34.85 23.43 42.79
C GLU C 266 33.71 24.33 43.17
C GLU C 266 33.70 24.35 43.16
N ALA C 267 33.99 25.41 43.90
CA ALA C 267 32.97 26.32 44.37
C ALA C 267 32.24 27.00 43.21
N ALA C 268 33.02 27.39 42.21
CA ALA C 268 32.51 28.00 40.98
C ALA C 268 31.71 27.01 40.14
N PHE C 269 32.25 25.80 39.97
CA PHE C 269 31.54 24.75 39.25
C PHE C 269 30.21 24.44 39.97
N ALA C 270 30.22 24.30 41.29
CA ALA C 270 28.98 24.06 42.08
C ALA C 270 27.95 25.19 41.99
N ARG C 271 28.39 26.44 42.07
CA ARG C 271 27.45 27.54 41.93
C ARG C 271 26.70 27.51 40.56
N LEU C 272 27.43 27.22 39.49
CA LEU C 272 26.87 27.18 38.14
C LEU C 272 25.86 26.04 38.07
N VAL C 273 26.26 24.91 38.58
CA VAL C 273 25.34 23.74 38.55
C VAL C 273 24.11 24.01 39.39
N ARG C 274 24.30 24.61 40.54
CA ARG C 274 23.12 24.93 41.36
C ARG C 274 22.25 25.99 40.73
N ASN C 275 22.86 27.07 40.26
CA ASN C 275 22.12 28.09 39.48
C ASN C 275 21.19 27.51 38.42
N HIS C 276 21.79 26.74 37.51
CA HIS C 276 21.05 26.00 36.49
C HIS C 276 19.95 25.11 37.07
N GLY C 277 20.28 24.31 38.09
CA GLY C 277 19.32 23.37 38.64
C GLY C 277 18.14 24.08 39.30
N ARG C 278 18.42 25.10 40.09
CA ARG C 278 17.33 25.92 40.70
C ARG C 278 16.46 26.62 39.65
N TRP C 279 17.09 27.13 38.61
CA TRP C 279 16.34 27.74 37.51
C TRP C 279 15.34 26.71 36.90
N PHE C 280 15.82 25.51 36.58
CA PHE C 280 14.90 24.51 36.07
C PHE C 280 13.87 23.99 37.07
N GLU C 281 14.23 23.91 38.35
CA GLU C 281 13.20 23.54 39.38
C GLU C 281 12.06 24.60 39.40
N GLN C 282 12.41 25.86 39.11
CA GLN C 282 11.44 26.98 39.21
C GLN C 282 10.64 27.13 37.94
N ASN C 283 11.21 26.76 36.79
CA ASN C 283 10.67 27.20 35.51
C ASN C 283 10.35 26.11 34.49
N SER C 284 9.81 24.98 34.97
CA SER C 284 9.57 23.81 34.09
C SER C 284 8.13 23.31 34.17
N GLY C 285 7.23 24.08 34.81
CA GLY C 285 5.83 23.65 34.97
C GLY C 285 5.12 23.77 33.63
N PRO C 286 4.05 23.00 33.44
CA PRO C 286 3.32 22.99 32.14
C PRO C 286 2.74 24.36 31.74
N ASP C 287 2.49 25.23 32.70
CA ASP C 287 2.05 26.57 32.32
C ASP C 287 3.09 27.67 32.42
N SER C 288 4.35 27.32 32.58
CA SER C 288 5.44 28.34 32.67
C SER C 288 5.61 29.05 31.32
N PRO C 289 5.82 30.39 31.34
CA PRO C 289 6.14 31.09 30.09
C PRO C 289 7.43 30.56 29.51
N TRP C 290 8.25 29.94 30.37
CA TRP C 290 9.53 29.34 29.90
C TRP C 290 9.37 27.99 29.19
N CYS C 291 8.15 27.55 28.93
CA CYS C 291 7.99 26.42 28.01
C CYS C 291 8.63 26.61 26.63
N ASP C 292 8.89 27.86 26.20
CA ASP C 292 9.46 28.10 24.91
C ASP C 292 11.01 28.17 24.86
N LEU C 293 11.68 27.79 25.94
CA LEU C 293 13.11 27.75 26.07
C LEU C 293 13.59 26.26 26.20
N TYR C 294 14.70 25.96 25.54
CA TYR C 294 15.34 24.65 25.66
C TYR C 294 16.83 24.93 25.76
N SER C 295 17.52 24.10 26.55
CA SER C 295 18.98 24.21 26.66
C SER C 295 19.63 22.90 27.00
N VAL C 296 20.93 22.79 26.73
CA VAL C 296 21.68 21.65 27.16
C VAL C 296 22.96 22.21 27.78
N LEU C 297 23.21 21.87 29.04
CA LEU C 297 24.40 22.29 29.77
C LEU C 297 25.37 21.09 29.74
N ALA C 298 26.54 21.28 29.11
CA ALA C 298 27.57 20.21 28.94
C ALA C 298 28.63 20.37 30.01
N LEU C 299 28.63 19.45 30.96
CA LEU C 299 29.63 19.42 32.01
C LEU C 299 30.70 18.48 31.49
N THR C 300 31.74 19.09 30.99
CA THR C 300 32.75 18.35 30.23
C THR C 300 33.93 17.95 31.14
N ARG C 301 34.77 17.00 30.71
CA ARG C 301 36.03 16.76 31.37
C ARG C 301 36.88 18.04 31.31
N SER C 302 37.59 18.37 32.38
CA SER C 302 38.29 19.62 32.45
C SER C 302 39.45 19.62 31.46
N GLN C 303 39.88 18.45 31.03
CA GLN C 303 40.93 18.41 30.00
C GLN C 303 40.46 18.94 28.66
N SER C 304 39.14 19.04 28.44
CA SER C 304 38.62 19.56 27.17
C SER C 304 38.88 21.06 27.08
N GLY C 305 39.12 21.69 28.22
CA GLY C 305 39.40 23.12 28.25
C GLY C 305 38.23 24.04 28.55
N ALA C 306 36.99 23.59 28.36
CA ALA C 306 35.83 24.50 28.49
C ALA C 306 34.54 23.75 28.80
N LEU C 307 33.69 24.30 29.69
CA LEU C 307 32.30 23.85 29.84
C LEU C 307 31.48 24.68 28.86
N ALA C 308 30.34 24.14 28.44
CA ALA C 308 29.53 24.83 27.45
C ALA C 308 28.06 24.60 27.65
N MET C 309 27.25 25.57 27.23
CA MET C 309 25.79 25.44 27.22
C MET C 309 25.20 25.99 25.89
N THR C 310 24.24 25.27 25.31
CA THR C 310 23.50 25.74 24.14
C THR C 310 22.08 25.98 24.57
N THR C 311 21.53 27.12 24.16
CA THR C 311 20.17 27.51 24.51
C THR C 311 19.44 27.89 23.23
N GLN C 312 18.18 27.47 23.13
CA GLN C 312 17.31 27.85 22.05
C GLN C 312 16.06 28.54 22.68
N LEU C 313 15.58 29.66 22.13
CA LEU C 313 14.40 30.33 22.69
C LEU C 313 13.54 30.80 21.50
N ASP C 314 12.22 30.59 21.57
CA ASP C 314 11.30 31.18 20.58
C ASP C 314 11.60 32.68 20.44
N ALA C 315 11.83 33.12 19.19
CA ALA C 315 12.16 34.55 18.99
C ALA C 315 10.99 35.38 18.59
N THR C 316 9.80 34.78 18.52
CA THR C 316 8.74 35.55 17.91
C THR C 316 8.27 36.78 18.75
N GLY C 317 8.44 36.72 20.07
CA GLY C 317 8.05 37.83 20.99
C GLY C 317 9.06 38.98 20.91
N PRO C 318 8.59 40.26 20.98
CA PRO C 318 9.55 41.37 20.89
C PRO C 318 10.55 41.47 22.07
N ASP C 319 10.28 40.79 23.19
CA ASP C 319 11.21 40.77 24.35
C ASP C 319 12.09 39.47 24.45
N ALA C 320 12.21 38.77 23.34
CA ALA C 320 12.90 37.48 23.35
C ALA C 320 14.34 37.60 23.79
N GLU C 321 15.05 38.62 23.31
CA GLU C 321 16.48 38.78 23.69
C GLU C 321 16.66 39.07 25.18
N LYS C 322 15.84 39.97 25.75
CA LYS C 322 15.90 40.26 27.21
C LYS C 322 15.63 38.99 27.97
N ARG C 323 14.64 38.24 27.53
CA ARG C 323 14.31 36.97 28.21
C ARG C 323 15.48 36.00 28.16
N LEU C 324 16.08 35.81 26.98
CA LEU C 324 17.29 35.00 26.88
C LEU C 324 18.37 35.48 27.87
N GLU C 325 18.68 36.79 27.86
CA GLU C 325 19.76 37.27 28.73
C GLU C 325 19.43 37.01 30.20
N THR C 326 18.13 37.04 30.57
CA THR C 326 17.73 36.79 31.95
C THR C 326 18.09 35.34 32.35
N TYR C 327 17.90 34.39 31.42
CA TYR C 327 18.19 32.98 31.72
C TYR C 327 19.72 32.80 31.87
N LEU C 328 20.47 33.39 30.93
CA LEU C 328 21.91 33.31 30.84
C LEU C 328 22.56 33.93 32.10
N ALA C 329 22.10 35.13 32.52
CA ALA C 329 22.52 35.77 33.81
C ALA C 329 22.30 34.86 35.05
N ALA C 330 21.12 34.23 35.11
CA ALA C 330 20.77 33.32 36.19
C ALA C 330 21.79 32.19 36.28
N VAL C 331 22.22 31.63 35.14
CA VAL C 331 23.15 30.47 35.17
C VAL C 331 24.57 30.92 35.65
N SER C 332 25.03 32.08 35.20
CA SER C 332 26.39 32.57 35.52
C SER C 332 26.42 33.41 36.81
N GLU C 333 25.27 33.68 37.40
CA GLU C 333 25.19 34.53 38.62
C GLU C 333 26.15 34.09 39.71
N GLY C 334 27.07 34.99 40.11
CA GLY C 334 28.06 34.72 41.17
C GLY C 334 29.09 33.61 40.86
N VAL C 335 29.15 33.14 39.62
CA VAL C 335 30.08 32.07 39.33
C VAL C 335 31.53 32.56 39.37
N GLY C 336 31.73 33.83 39.02
CA GLY C 336 33.04 34.47 39.05
C GLY C 336 33.88 34.19 37.85
N VAL C 337 33.27 33.58 36.83
CA VAL C 337 33.94 33.41 35.54
C VAL C 337 33.03 34.05 34.52
N GLN C 338 33.53 35.05 33.76
CA GLN C 338 32.71 35.58 32.66
C GLN C 338 32.70 34.62 31.42
N PRO C 339 31.51 34.14 31.04
CA PRO C 339 31.53 33.19 29.92
C PRO C 339 31.67 33.91 28.60
N HIS C 340 32.26 33.27 27.59
CA HIS C 340 32.12 33.78 26.23
C HIS C 340 30.68 33.47 25.77
N SER C 341 29.96 34.47 25.27
CA SER C 341 28.59 34.27 24.79
C SER C 341 28.31 34.73 23.33
N ASP C 342 27.62 33.91 22.54
CA ASP C 342 27.36 34.19 21.11
C ASP C 342 25.90 33.86 20.78
N THR C 343 25.14 34.87 20.37
CA THR C 343 23.70 34.74 20.08
C THR C 343 23.41 35.10 18.62
N ARG C 344 22.65 34.22 17.96
CA ARG C 344 22.28 34.35 16.55
C ARG C 344 20.75 34.11 16.47
N ARG C 345 20.06 34.88 15.64
CA ARG C 345 18.65 34.64 15.34
C ARG C 345 18.60 33.80 14.04
N LEU C 346 17.96 32.64 14.03
CA LEU C 346 17.86 31.85 12.80
C LEU C 346 16.40 31.48 12.48
N PRO C 347 16.08 31.31 11.16
CA PRO C 347 14.81 30.72 10.81
C PRO C 347 14.75 29.25 11.37
N TRP C 348 13.56 28.81 11.74
CA TRP C 348 13.43 27.63 12.56
C TRP C 348 13.96 26.37 11.87
N LEU C 349 13.59 26.13 10.62
CA LEU C 349 14.07 24.86 10.00
C LEU C 349 15.58 24.85 9.92
N HIS C 350 16.16 26.00 9.51
CA HIS C 350 17.63 26.10 9.48
C HIS C 350 18.21 25.73 10.86
N SER C 351 17.54 26.14 11.94
CA SER C 351 18.12 25.93 13.26
C SER C 351 18.20 24.44 13.59
N THR C 352 17.31 23.59 13.06
CA THR C 352 17.34 22.17 13.43
C THR C 352 18.57 21.43 12.84
N ARG C 353 19.26 22.07 11.90
CA ARG C 353 20.45 21.44 11.27
C ARG C 353 21.76 22.07 11.77
N TRP C 354 21.66 23.07 12.66
CA TRP C 354 22.84 23.65 13.29
C TRP C 354 23.42 22.65 14.31
N PRO C 355 24.73 22.26 14.16
CA PRO C 355 25.30 21.26 15.07
C PRO C 355 25.17 21.61 16.56
N GLY C 356 24.99 22.90 16.86
CA GLY C 356 24.84 23.25 18.27
C GLY C 356 23.64 22.56 18.88
N ILE C 357 22.59 22.37 18.08
CA ILE C 357 21.35 21.71 18.51
C ILE C 357 21.37 20.26 18.06
N ALA C 358 21.77 20.05 16.79
CA ALA C 358 21.61 18.77 16.11
C ALA C 358 22.68 17.76 16.55
N GLY C 359 23.75 18.23 17.17
CA GLY C 359 24.92 17.33 17.38
C GLY C 359 25.83 17.36 16.16
N ASP C 360 27.03 16.75 16.26
CA ASP C 360 28.03 16.92 15.21
C ASP C 360 27.97 15.84 14.12
N GLY C 361 27.03 14.91 14.25
CA GLY C 361 26.90 13.88 13.24
C GLY C 361 28.03 12.87 13.11
N ASP C 362 29.00 12.88 14.02
CA ASP C 362 30.08 11.92 13.95
C ASP C 362 29.66 10.66 14.73
N MET C 363 29.28 9.62 13.99
CA MET C 363 28.91 8.34 14.62
C MET C 363 30.01 7.28 14.55
N THR C 364 31.21 7.74 14.19
CA THR C 364 32.37 6.88 14.18
C THR C 364 32.94 6.77 15.60
N GLY C 365 33.99 5.97 15.75
CA GLY C 365 34.52 5.74 17.11
C GLY C 365 33.46 4.97 17.97
N ARG C 366 33.60 5.06 19.30
CA ARG C 366 32.90 4.12 20.19
C ARG C 366 32.36 4.94 21.32
N ALA C 367 31.15 4.65 21.74
CA ALA C 367 30.55 5.45 22.77
C ALA C 367 29.74 4.58 23.75
N LYS C 368 29.72 5.00 25.01
CA LYS C 368 28.83 4.40 25.94
C LYS C 368 27.97 5.49 26.58
N ILE C 369 26.66 5.26 26.62
CA ILE C 369 25.67 6.23 27.15
C ILE C 369 24.99 5.65 28.40
N LYS C 370 24.79 6.49 29.41
CA LYS C 370 23.90 6.21 30.52
C LYS C 370 23.03 7.41 30.72
N ALA C 371 21.91 7.24 31.41
CA ALA C 371 21.02 8.37 31.53
C ALA C 371 20.08 8.25 32.71
N ALA C 372 19.49 9.37 33.07
CA ALA C 372 18.50 9.43 34.17
C ALA C 372 17.52 10.58 34.00
N TYR C 373 16.33 10.38 34.57
CA TYR C 373 15.43 11.52 34.77
C TYR C 373 15.77 12.27 36.04
N ALA C 374 15.70 13.61 36.01
CA ALA C 374 15.86 14.39 37.24
C ALA C 374 14.56 15.11 37.57
N ARG C 375 14.01 14.83 38.75
CA ARG C 375 12.82 15.59 39.29
C ARG C 375 13.27 16.82 40.08
N ARG C 376 14.48 16.79 40.64
N ARG C 376 14.48 16.76 40.63
CA ARG C 376 15.07 18.00 41.17
CA ARG C 376 15.11 17.87 41.35
C ARG C 376 16.55 17.99 40.83
C ARG C 376 16.56 17.96 40.88
N SER C 377 17.24 19.09 41.13
CA SER C 377 18.66 19.27 40.68
C SER C 377 19.62 18.47 41.57
N PHE C 378 20.89 18.26 41.16
CA PHE C 378 21.85 17.51 41.99
C PHE C 378 22.08 18.18 43.29
N ASP C 379 22.31 17.35 44.31
CA ASP C 379 22.64 17.90 45.61
C ASP C 379 24.14 18.20 45.66
N ASP C 380 24.59 18.86 46.74
CA ASP C 380 25.97 19.30 46.85
C ASP C 380 26.95 18.12 46.80
N ARG C 381 26.59 16.99 47.36
CA ARG C 381 27.54 15.87 47.33
C ARG C 381 27.66 15.35 45.92
N GLN C 382 26.52 15.27 45.23
CA GLN C 382 26.54 14.81 43.83
C GLN C 382 27.38 15.72 42.94
N ILE C 383 27.26 17.02 43.20
CA ILE C 383 28.06 18.02 42.47
C ILE C 383 29.57 17.79 42.72
N GLY C 384 29.89 17.38 43.97
CA GLY C 384 31.25 17.14 44.40
C GLY C 384 31.75 15.95 43.61
N THR C 385 30.93 14.88 43.56
CA THR C 385 31.26 13.70 42.71
C THR C 385 31.57 14.07 41.24
N LEU C 386 30.69 14.86 40.64
CA LEU C 386 30.87 15.22 39.25
C LEU C 386 32.18 16.02 39.07
N TYR C 387 32.41 17.02 39.91
CA TYR C 387 33.63 17.80 39.83
C TYR C 387 34.86 16.87 39.91
N THR C 388 34.86 15.98 40.88
CA THR C 388 36.01 15.11 41.12
C THR C 388 36.22 14.23 39.90
N ARG C 389 35.16 13.65 39.36
CA ARG C 389 35.40 12.67 38.26
C ARG C 389 35.66 13.32 36.89
N LEU C 390 35.28 14.58 36.76
CA LEU C 390 35.50 15.37 35.53
C LEU C 390 36.91 16.02 35.54
N THR C 391 37.45 16.29 36.73
CA THR C 391 38.80 16.85 36.86
C THR C 391 39.95 15.83 37.11
N SER C 392 39.64 14.55 37.27
CA SER C 392 40.63 13.58 37.75
C SER C 392 41.49 13.15 36.58
N THR C 393 42.60 12.45 36.84
CA THR C 393 43.46 11.97 35.75
C THR C 393 43.50 10.44 35.51
N ASP C 394 42.47 9.69 35.92
CA ASP C 394 42.45 8.22 35.81
C ASP C 394 41.91 7.72 34.46
N ASP C 396 42.66 8.29 29.74
CA ASP C 396 42.29 9.60 30.28
C ASP C 396 41.11 9.99 29.45
N ASN C 397 39.90 9.57 29.84
CA ASN C 397 38.65 9.90 29.11
C ASN C 397 38.41 11.37 28.78
N PRO C 398 39.02 11.96 27.69
CA PRO C 398 38.86 13.43 27.42
C PRO C 398 37.47 13.83 26.84
N ALA C 399 36.74 12.82 26.29
CA ALA C 399 35.45 13.20 25.73
C ALA C 399 34.24 12.98 26.67
N GLY C 400 34.53 12.61 27.92
CA GLY C 400 33.47 12.33 28.90
C GLY C 400 32.70 13.61 29.11
N VAL C 401 31.38 13.50 29.16
CA VAL C 401 30.58 14.66 29.46
C VAL C 401 29.36 14.22 30.24
N VAL C 402 28.84 15.11 31.09
CA VAL C 402 27.50 14.93 31.62
C VAL C 402 26.64 16.05 31.10
N ALA C 403 25.59 15.72 30.34
CA ALA C 403 24.77 16.77 29.67
C ALA C 403 23.42 16.85 30.35
N LEU C 404 23.04 18.09 30.73
CA LEU C 404 21.77 18.32 31.43
C LEU C 404 20.83 18.92 30.40
N ILE C 405 19.79 18.18 30.04
CA ILE C 405 18.98 18.54 28.88
C ILE C 405 17.65 19.01 29.44
N ALA C 406 17.30 20.26 29.10
CA ALA C 406 15.99 20.82 29.50
C ALA C 406 14.81 19.89 29.15
N TYR C 407 13.87 19.73 30.09
CA TYR C 407 12.78 18.83 29.90
C TYR C 407 11.54 19.38 30.69
N GLY C 408 10.46 18.58 30.80
CA GLY C 408 9.26 19.05 31.45
C GLY C 408 8.40 19.96 30.56
N GLY C 409 7.92 21.09 31.11
CA GLY C 409 7.04 21.96 30.32
C GLY C 409 5.73 21.20 29.98
N LYS C 410 5.27 21.34 28.74
CA LYS C 410 4.07 20.65 28.28
C LYS C 410 4.16 19.13 28.35
N VAL C 411 5.37 18.55 28.39
CA VAL C 411 5.49 17.11 28.66
C VAL C 411 4.64 16.79 29.89
N ASN C 412 4.68 17.70 30.88
CA ASN C 412 4.17 17.41 32.19
C ASN C 412 2.68 17.74 32.35
N ALA C 413 2.02 18.13 31.26
CA ALA C 413 0.57 18.40 31.36
C ALA C 413 -0.16 17.09 31.18
N VAL C 414 0.54 16.04 30.78
CA VAL C 414 -0.08 14.75 30.44
C VAL C 414 -0.07 13.87 31.68
N PRO C 415 -1.23 13.29 32.07
CA PRO C 415 -1.24 12.38 33.24
C PRO C 415 -0.29 11.23 33.00
N ALA C 416 0.37 10.81 34.05
CA ALA C 416 1.41 9.82 33.94
C ALA C 416 0.95 8.46 33.37
N ASP C 417 -0.36 8.11 33.40
CA ASP C 417 -0.79 6.82 32.89
C ASP C 417 -1.40 6.89 31.49
N ARG C 418 -1.42 8.07 30.87
CA ARG C 418 -2.17 8.22 29.60
C ARG C 418 -1.38 7.62 28.42
N THR C 419 -0.06 7.61 28.54
CA THR C 419 0.82 6.98 27.58
C THR C 419 1.77 6.01 28.31
N ALA C 420 2.65 5.38 27.54
CA ALA C 420 3.64 4.52 28.12
C ALA C 420 4.90 5.28 28.53
N VAL C 421 4.86 6.62 28.48
CA VAL C 421 5.88 7.52 29.02
C VAL C 421 5.40 7.91 30.42
N ALA C 422 5.88 7.20 31.44
CA ALA C 422 5.36 7.36 32.79
C ALA C 422 6.02 8.51 33.56
N GLN C 423 7.13 9.05 33.07
CA GLN C 423 7.77 10.16 33.73
C GLN C 423 7.22 11.51 33.23
N ARG C 424 6.24 12.05 33.95
CA ARG C 424 5.54 13.25 33.55
C ARG C 424 5.62 14.34 34.60
N ASP C 425 6.66 14.32 35.45
CA ASP C 425 6.93 15.44 36.34
C ASP C 425 8.41 15.76 36.48
N SER C 426 9.23 15.46 35.49
CA SER C 426 10.67 15.73 35.52
C SER C 426 11.02 17.09 34.89
N ILE C 427 12.17 17.60 35.22
CA ILE C 427 12.63 18.93 34.80
C ILE C 427 13.85 18.83 33.88
N LEU C 428 14.62 17.73 33.94
CA LEU C 428 15.79 17.55 33.09
C LEU C 428 15.97 16.08 32.72
N LYS C 429 16.59 15.82 31.56
CA LYS C 429 17.12 14.49 31.34
C LYS C 429 18.65 14.60 31.52
N ILE C 430 19.25 13.69 32.26
CA ILE C 430 20.69 13.79 32.43
C ILE C 430 21.33 12.65 31.65
N VAL C 431 22.30 12.98 30.77
CA VAL C 431 22.94 12.03 29.90
C VAL C 431 24.45 12.04 30.19
N TYR C 432 24.97 10.84 30.44
CA TYR C 432 26.34 10.60 30.85
C TYR C 432 26.97 9.91 29.66
N VAL C 433 28.09 10.43 29.13
CA VAL C 433 28.67 9.85 27.92
C VAL C 433 30.16 9.72 28.02
N THR C 434 30.71 8.64 27.49
CA THR C 434 32.13 8.65 27.26
C THR C 434 32.38 8.11 25.84
N THR C 435 33.39 8.68 25.14
CA THR C 435 33.67 8.22 23.78
C THR C 435 35.16 7.93 23.58
N TRP C 436 35.47 7.06 22.63
CA TRP C 436 36.87 6.69 22.44
C TRP C 436 37.02 6.03 21.10
N GLU C 437 38.27 5.75 20.71
CA GLU C 437 38.60 5.21 19.38
C GLU C 437 39.15 3.79 19.37
N ASP C 438 40.04 3.51 20.30
CA ASP C 438 40.78 2.29 20.28
C ASP C 438 39.81 1.14 20.68
N PRO C 439 39.60 0.18 19.75
CA PRO C 439 38.59 -0.84 20.01
C PRO C 439 39.06 -1.90 20.96
N ALA C 440 40.35 -1.86 21.41
CA ALA C 440 40.89 -2.71 22.47
C ALA C 440 40.77 -2.09 23.88
N GLN C 441 40.24 -0.87 23.97
CA GLN C 441 40.17 -0.18 25.27
C GLN C 441 38.74 0.02 25.78
N ASP C 442 37.82 -0.85 25.43
CA ASP C 442 36.44 -0.65 25.95
C ASP C 442 36.38 -0.73 27.47
N PRO C 443 37.06 -1.75 28.09
CA PRO C 443 36.82 -1.92 29.55
C PRO C 443 37.13 -0.65 30.36
N VAL C 444 38.20 0.08 30.02
CA VAL C 444 38.58 1.26 30.81
C VAL C 444 37.55 2.40 30.73
N HIS C 445 36.92 2.57 29.56
CA HIS C 445 35.99 3.67 29.33
C HIS C 445 34.65 3.28 29.90
N VAL C 446 34.21 2.04 29.63
CA VAL C 446 33.03 1.54 30.29
C VAL C 446 33.13 1.66 31.83
N ARG C 447 34.30 1.40 32.40
CA ARG C 447 34.45 1.44 33.87
C ARG C 447 34.33 2.86 34.37
N TRP C 448 34.95 3.81 33.67
CA TRP C 448 34.94 5.21 34.09
C TRP C 448 33.46 5.69 34.23
N ILE C 449 32.65 5.41 33.19
CA ILE C 449 31.28 5.93 33.21
C ILE C 449 30.40 5.08 34.17
N ARG C 450 30.64 3.78 34.27
CA ARG C 450 29.93 2.99 35.29
C ARG C 450 30.17 3.53 36.72
N GLU C 451 31.42 3.78 37.08
CA GLU C 451 31.78 4.35 38.39
C GLU C 451 31.25 5.75 38.65
N LEU C 452 31.27 6.63 37.64
CA LEU C 452 30.69 7.97 37.76
C LEU C 452 29.19 7.84 38.04
N TYR C 453 28.47 7.09 37.20
CA TYR C 453 27.00 6.98 37.36
C TYR C 453 26.63 6.36 38.72
N ARG C 454 27.29 5.23 39.03
CA ARG C 454 27.05 4.56 40.30
C ARG C 454 27.21 5.51 41.46
N ASP C 455 28.33 6.22 41.45
CA ASP C 455 28.61 7.18 42.49
C ASP C 455 27.63 8.33 42.59
N VAL C 456 27.17 8.90 41.46
CA VAL C 456 26.15 9.90 41.50
C VAL C 456 24.87 9.37 42.14
N TYR C 457 24.49 8.11 41.83
CA TYR C 457 23.24 7.52 42.30
C TYR C 457 23.48 6.51 43.44
N ALA C 458 24.60 6.62 44.15
CA ALA C 458 25.02 5.63 45.15
C ALA C 458 24.08 5.51 46.30
N ASP C 459 23.40 6.60 46.65
CA ASP C 459 22.51 6.52 47.78
C ASP C 459 21.22 5.80 47.49
N THR C 460 20.97 5.53 46.22
CA THR C 460 19.82 4.72 45.85
C THR C 460 20.25 3.51 44.99
N GLY C 461 21.24 2.77 45.51
CA GLY C 461 21.65 1.53 44.91
C GLY C 461 22.38 1.67 43.58
N GLY C 462 22.91 2.87 43.27
CA GLY C 462 23.73 3.00 42.09
C GLY C 462 22.89 3.33 40.85
N VAL C 463 21.57 3.46 41.01
CA VAL C 463 20.72 3.80 39.88
C VAL C 463 19.68 4.89 40.25
N PRO C 464 19.13 5.57 39.24
CA PRO C 464 18.21 6.71 39.54
C PRO C 464 16.80 6.14 39.88
N VAL C 465 16.61 5.57 41.07
CA VAL C 465 15.31 5.12 41.49
C VAL C 465 14.18 6.13 41.37
N PRO C 466 13.04 5.73 40.76
CA PRO C 466 11.92 6.67 40.56
C PRO C 466 11.36 7.25 41.87
N GLY C 467 10.68 8.38 41.75
CA GLY C 467 9.84 8.85 42.88
C GLY C 467 10.63 9.58 43.96
N GLY C 468 11.87 9.98 43.69
CA GLY C 468 12.66 10.87 44.59
C GLY C 468 13.28 12.06 43.86
N ALA C 469 14.57 12.33 44.08
CA ALA C 469 15.29 13.32 43.27
C ALA C 469 15.37 12.89 41.78
N ALA C 470 15.30 11.59 41.52
CA ALA C 470 15.37 11.06 40.14
C ALA C 470 13.98 10.45 39.77
N ASP C 471 13.75 10.20 38.50
CA ASP C 471 12.51 9.44 38.14
C ASP C 471 12.77 8.26 37.22
N GLY C 472 13.91 7.57 37.44
CA GLY C 472 14.20 6.44 36.64
C GLY C 472 14.92 6.82 35.35
N ALA C 473 14.71 6.00 34.33
CA ALA C 473 15.43 6.09 33.05
C ALA C 473 14.53 6.07 31.81
N TYR C 474 15.16 6.39 30.67
CA TYR C 474 14.47 6.67 29.46
C TYR C 474 14.90 5.58 28.50
N VAL C 475 13.90 4.83 28.00
CA VAL C 475 14.12 3.65 27.20
C VAL C 475 14.82 3.92 25.85
N ASN C 476 14.75 5.14 25.30
CA ASN C 476 15.56 5.48 24.11
C ASN C 476 17.03 5.73 24.42
N TYR C 477 17.37 5.86 25.70
CA TYR C 477 18.79 5.81 26.14
C TYR C 477 19.07 4.51 26.92
N PRO C 478 18.98 3.34 26.27
CA PRO C 478 18.98 2.11 27.08
C PRO C 478 20.37 1.82 27.63
N ASP C 479 20.44 1.18 28.79
CA ASP C 479 21.73 0.84 29.42
C ASP C 479 21.50 -0.50 30.11
N VAL C 480 22.06 -1.57 29.51
CA VAL C 480 21.90 -2.92 30.12
C VAL C 480 22.42 -3.06 31.55
N ASP C 481 23.32 -2.16 32.01
CA ASP C 481 23.79 -2.24 33.41
C ASP C 481 22.65 -1.99 34.41
N LEU C 482 21.54 -1.39 33.99
CA LEU C 482 20.43 -1.20 34.94
C LEU C 482 19.77 -2.55 35.33
N ALA C 483 20.11 -3.61 34.57
CA ALA C 483 19.57 -4.96 34.86
C ALA C 483 20.67 -5.85 35.46
N ASP C 484 21.80 -5.25 35.77
CA ASP C 484 23.00 -6.03 36.14
C ASP C 484 23.19 -5.93 37.65
N GLU C 485 23.10 -7.10 38.33
CA GLU C 485 23.16 -7.16 39.79
C GLU C 485 24.45 -6.49 40.31
N GLU C 486 25.50 -6.45 39.49
CA GLU C 486 26.78 -5.88 39.91
C GLU C 486 26.68 -4.35 39.99
N TRP C 487 25.81 -3.71 39.19
CA TRP C 487 25.72 -2.28 39.15
C TRP C 487 24.40 -1.72 39.70
N ASN C 488 23.40 -2.57 39.87
CA ASN C 488 22.12 -2.12 40.39
C ASN C 488 21.90 -2.82 41.72
N THR C 489 22.13 -2.14 42.86
CA THR C 489 21.99 -2.77 44.17
C THR C 489 20.76 -2.12 44.91
N SER C 490 19.87 -1.55 44.11
CA SER C 490 18.66 -0.87 44.69
C SER C 490 17.49 -1.75 45.03
N GLY C 491 17.48 -2.99 44.51
CA GLY C 491 16.33 -3.92 44.68
C GLY C 491 15.14 -3.52 43.79
N VAL C 492 15.30 -2.48 42.93
CA VAL C 492 14.26 -2.05 41.98
C VAL C 492 14.71 -2.66 40.63
N PRO C 493 13.83 -3.39 39.94
CA PRO C 493 14.26 -3.98 38.70
C PRO C 493 14.31 -2.96 37.54
N TRP C 494 15.08 -3.30 36.50
CA TRP C 494 15.27 -2.43 35.33
C TRP C 494 13.92 -1.99 34.80
N SER C 495 12.93 -2.89 34.81
CA SER C 495 11.65 -2.58 34.21
C SER C 495 10.91 -1.43 34.97
N GLU C 496 11.05 -1.39 36.31
CA GLU C 496 10.42 -0.31 37.10
C GLU C 496 11.20 0.98 36.91
N LEU C 497 12.52 0.88 36.71
CA LEU C 497 13.32 2.10 36.40
C LEU C 497 12.90 2.74 35.07
N TYR C 498 12.73 1.98 33.97
CA TYR C 498 12.28 2.56 32.69
C TYR C 498 10.80 2.89 32.64
N TYR C 499 9.96 2.04 33.24
CA TYR C 499 8.52 2.12 32.95
C TYR C 499 7.66 2.44 34.15
N LYS C 500 8.24 2.49 35.32
CA LYS C 500 7.46 2.72 36.56
C LYS C 500 6.16 1.83 36.56
N ASP C 501 4.99 2.36 36.89
CA ASP C 501 3.77 1.53 36.94
C ASP C 501 3.17 1.18 35.56
N ALA C 502 3.79 1.62 34.46
CA ALA C 502 3.32 1.22 33.12
C ALA C 502 3.68 -0.27 32.79
N TYR C 503 4.64 -0.84 33.51
CA TYR C 503 5.16 -2.14 33.20
C TYR C 503 4.09 -3.27 33.17
N PRO C 504 3.26 -3.41 34.25
CA PRO C 504 2.26 -4.50 34.17
C PRO C 504 1.37 -4.41 32.94
N ARG C 505 0.98 -3.18 32.58
CA ARG C 505 0.15 -3.02 31.41
C ARG C 505 0.88 -3.41 30.12
N LEU C 506 2.16 -3.03 30.02
CA LEU C 506 2.96 -3.43 28.90
C LEU C 506 3.13 -4.94 28.81
N GLN C 507 3.28 -5.58 29.97
CA GLN C 507 3.39 -7.03 30.01
C GLN C 507 2.12 -7.66 29.50
N ALA C 508 0.98 -7.02 29.80
CA ALA C 508 -0.30 -7.56 29.28
C ALA C 508 -0.41 -7.51 27.75
N VAL C 509 0.04 -6.39 27.17
CA VAL C 509 0.15 -6.23 25.73
C VAL C 509 1.10 -7.26 25.12
N LYS C 510 2.28 -7.41 25.74
CA LYS C 510 3.21 -8.44 25.33
C LYS C 510 2.54 -9.82 25.20
N ALA C 511 1.80 -10.21 26.26
CA ALA C 511 1.19 -11.53 26.41
C ALA C 511 0.23 -11.73 25.25
N ARG C 512 -0.46 -10.65 24.90
CA ARG C 512 -1.54 -10.75 23.95
C ARG C 512 -1.01 -10.73 22.51
N TRP C 513 -0.01 -9.90 22.21
CA TRP C 513 0.37 -9.60 20.84
C TRP C 513 1.66 -10.28 20.40
N ASP C 514 2.50 -10.59 21.35
CA ASP C 514 3.71 -11.36 21.04
C ASP C 514 3.81 -12.56 21.95
N PRO C 515 2.79 -13.46 21.90
CA PRO C 515 2.85 -14.59 22.87
C PRO C 515 4.10 -15.49 22.72
N ARG C 516 4.71 -15.53 21.54
CA ARG C 516 5.86 -16.40 21.40
C ARG C 516 7.12 -15.68 21.76
N ASN C 517 7.06 -14.39 22.09
CA ASN C 517 8.28 -13.61 22.44
C ASN C 517 9.31 -13.64 21.30
N VAL C 518 8.80 -13.47 20.09
CA VAL C 518 9.63 -13.30 18.91
C VAL C 518 10.54 -12.07 19.00
N PHE C 519 9.99 -11.02 19.60
CA PHE C 519 10.63 -9.72 19.62
C PHE C 519 11.23 -9.49 20.98
N ARG C 520 12.56 -9.60 21.08
CA ARG C 520 13.17 -9.48 22.39
C ARG C 520 14.62 -9.01 22.29
N HIS C 521 15.19 -8.63 23.44
CA HIS C 521 16.59 -8.16 23.54
C HIS C 521 16.83 -7.95 24.98
N ALA C 522 18.05 -7.65 25.44
CA ALA C 522 18.19 -7.20 26.80
C ALA C 522 17.22 -5.98 27.05
N LEU C 523 16.60 -5.95 28.22
CA LEU C 523 15.67 -4.83 28.55
C LEU C 523 14.41 -4.84 27.63
N SER C 524 13.99 -5.99 27.10
CA SER C 524 12.69 -6.06 26.37
C SER C 524 11.61 -6.41 27.34
N VAL C 525 10.42 -5.88 27.09
CA VAL C 525 9.22 -6.16 27.89
C VAL C 525 9.01 -7.68 27.86
N ARG C 526 8.79 -8.28 29.03
CA ARG C 526 8.73 -9.70 29.14
C ARG C 526 7.62 -10.13 30.07
N VAL C 527 6.86 -11.16 29.71
CA VAL C 527 5.73 -11.56 30.57
C VAL C 527 6.29 -12.14 31.88
N PRO C 528 5.48 -12.12 32.96
CA PRO C 528 5.91 -12.75 34.23
C PRO C 528 6.27 -14.21 33.99
N PRO C 529 7.27 -14.74 34.74
CA PRO C 529 7.65 -16.15 34.61
C PRO C 529 6.47 -17.11 34.92
N ALA C 530 6.31 -18.13 34.04
CA ALA C 530 5.19 -19.11 34.06
C ALA C 530 5.17 -20.05 35.30
N ASP D 35 0.84 25.02 -3.56
CA ASP D 35 1.82 24.97 -2.44
C ASP D 35 2.80 26.17 -2.65
N SER D 36 2.33 27.33 -2.22
CA SER D 36 2.92 28.61 -2.61
C SER D 36 3.21 29.43 -1.37
N VAL D 37 4.42 29.92 -1.21
CA VAL D 37 4.79 30.56 0.05
C VAL D 37 5.10 32.05 -0.17
N ALA D 38 4.38 32.93 0.53
CA ALA D 38 4.48 34.40 0.34
C ALA D 38 5.04 35.01 1.63
N PRO D 39 5.49 36.28 1.60
CA PRO D 39 5.85 36.95 2.83
C PRO D 39 4.71 36.88 3.87
N GLY D 40 5.09 36.63 5.12
CA GLY D 40 4.11 36.51 6.21
C GLY D 40 3.79 35.02 6.54
N ASP D 41 3.98 34.11 5.57
CA ASP D 41 3.79 32.67 5.83
C ASP D 41 4.87 32.27 6.83
N ILE D 42 4.53 31.43 7.79
CA ILE D 42 5.53 30.93 8.75
C ILE D 42 6.81 30.29 8.14
N ARG D 43 6.70 29.75 6.93
CA ARG D 43 7.80 29.07 6.21
C ARG D 43 8.69 30.05 5.43
N TYR D 44 8.25 31.29 5.33
CA TYR D 44 8.96 32.23 4.44
C TYR D 44 10.42 32.51 4.81
N GLU D 45 10.71 32.76 6.09
CA GLU D 45 12.10 33.02 6.51
C GLU D 45 13.08 31.91 6.14
N ASP D 46 12.65 30.65 6.25
CA ASP D 46 13.46 29.51 5.83
C ASP D 46 13.57 29.40 4.29
N LEU D 47 12.44 29.45 3.60
CA LEU D 47 12.39 29.18 2.17
C LEU D 47 12.90 30.34 1.34
N ARG D 48 13.00 31.52 1.92
CA ARG D 48 13.56 32.69 1.16
C ARG D 48 15.11 32.66 1.10
N ARG D 49 15.66 31.71 1.85
CA ARG D 49 17.11 31.50 1.98
C ARG D 49 17.52 30.14 1.43
N GLY D 50 18.76 30.02 0.97
CA GLY D 50 19.35 28.68 0.75
C GLY D 50 20.09 28.38 2.01
N GLU D 51 21.18 27.64 1.89
CA GLU D 51 22.05 27.34 3.04
C GLU D 51 23.13 28.38 3.25
N ASN D 52 23.16 29.39 2.43
CA ASN D 52 24.19 30.39 2.54
C ASN D 52 23.54 31.60 3.18
N LEU D 53 23.90 31.89 4.42
CA LEU D 53 23.13 32.86 5.20
C LEU D 53 23.49 34.29 4.83
N ARG D 54 24.53 34.46 4.00
CA ARG D 54 24.89 35.83 3.47
C ARG D 54 23.79 36.39 2.57
N PHE D 55 22.97 35.51 2.01
CA PHE D 55 22.03 35.96 0.97
C PHE D 55 20.58 35.77 1.35
N VAL D 56 19.83 36.85 1.43
CA VAL D 56 18.39 36.72 1.85
C VAL D 56 17.53 37.06 0.63
N GLY D 57 16.70 36.12 0.13
CA GLY D 57 15.90 36.44 -1.08
C GLY D 57 14.73 37.34 -0.70
N ASP D 58 14.17 38.03 -1.69
CA ASP D 58 12.90 38.79 -1.59
C ASP D 58 11.82 38.24 -2.54
N PRO D 59 11.72 36.91 -2.74
CA PRO D 59 10.70 36.53 -3.73
C PRO D 59 9.28 36.91 -3.24
N GLU D 60 8.38 37.24 -4.17
CA GLU D 60 6.93 37.41 -3.86
C GLU D 60 6.29 36.06 -3.62
N GLU D 61 6.77 35.01 -4.26
CA GLU D 61 6.17 33.67 -4.10
C GLU D 61 7.29 32.64 -4.20
N ILE D 62 7.27 31.63 -3.33
CA ILE D 62 8.22 30.48 -3.51
C ILE D 62 7.28 29.28 -3.74
N HIS D 63 7.38 28.65 -4.92
CA HIS D 63 6.46 27.57 -5.26
C HIS D 63 7.09 26.22 -5.00
N LEU D 64 6.43 25.41 -4.18
CA LEU D 64 6.93 24.07 -3.94
C LEU D 64 6.35 23.17 -5.02
N VAL D 65 6.96 23.18 -6.20
CA VAL D 65 6.43 22.49 -7.35
C VAL D 65 6.40 20.96 -7.17
N GLY D 66 5.40 20.30 -7.76
CA GLY D 66 5.26 18.85 -7.57
C GLY D 66 5.36 18.03 -8.85
N SER D 67 5.56 18.68 -10.01
CA SER D 67 5.62 18.01 -11.31
C SER D 67 6.13 18.98 -12.36
N ALA D 68 6.53 18.44 -13.49
CA ALA D 68 6.89 19.22 -14.64
C ALA D 68 5.73 20.12 -15.06
N ALA D 69 4.48 19.62 -14.99
CA ALA D 69 3.29 20.40 -15.37
C ALA D 69 3.17 21.63 -14.49
N GLU D 70 3.44 21.46 -13.20
CA GLU D 70 3.38 22.65 -12.31
C GLU D 70 4.48 23.68 -12.58
N ILE D 71 5.69 23.21 -12.89
CA ILE D 71 6.81 24.09 -13.20
C ILE D 71 6.46 24.88 -14.46
N GLU D 72 5.96 24.18 -15.50
CA GLU D 72 5.57 24.84 -16.75
C GLU D 72 4.60 25.99 -16.45
N GLN D 73 3.67 25.77 -15.54
N GLN D 73 3.66 25.74 -15.54
CA GLN D 73 2.62 26.76 -15.26
CA GLN D 73 2.63 26.72 -15.21
C GLN D 73 3.14 27.93 -14.43
C GLN D 73 3.28 27.92 -14.57
N VAL D 74 4.12 27.68 -13.56
CA VAL D 74 4.77 28.74 -12.80
C VAL D 74 5.62 29.53 -13.75
N LEU D 75 6.29 28.85 -14.66
CA LEU D 75 7.18 29.60 -15.56
C LEU D 75 6.45 30.46 -16.54
N SER D 76 5.44 29.88 -17.17
CA SER D 76 4.75 30.64 -18.21
C SER D 76 4.06 31.85 -17.62
N ARG D 77 3.47 31.71 -16.42
CA ARG D 77 2.91 32.86 -15.71
C ARG D 77 3.96 33.91 -15.42
N ALA D 78 5.10 33.48 -14.90
CA ALA D 78 6.15 34.45 -14.56
C ALA D 78 6.67 35.14 -15.83
N VAL D 79 6.83 34.41 -16.92
CA VAL D 79 7.26 35.04 -18.16
C VAL D 79 6.24 36.08 -18.71
N ARG D 80 4.95 35.75 -18.78
CA ARG D 80 3.88 36.73 -19.14
C ARG D 80 3.86 37.98 -18.22
N SER D 81 4.17 37.80 -16.91
CA SER D 81 4.14 38.88 -15.90
C SER D 81 5.41 39.66 -15.94
N GLY D 82 6.39 39.19 -16.70
CA GLY D 82 7.72 39.82 -16.67
C GLY D 82 8.42 39.65 -15.31
N LYS D 83 8.17 38.55 -14.60
CA LYS D 83 8.77 38.37 -13.27
C LYS D 83 9.98 37.46 -13.31
N ARG D 84 11.09 37.91 -12.74
CA ARG D 84 12.32 37.14 -12.81
C ARG D 84 12.24 35.91 -11.90
N VAL D 85 12.71 34.77 -12.41
CA VAL D 85 12.55 33.47 -11.71
C VAL D 85 13.89 32.91 -11.29
N ALA D 86 13.88 31.96 -10.35
CA ALA D 86 15.14 31.21 -10.07
C ALA D 86 14.74 29.89 -9.46
N VAL D 87 15.57 28.87 -9.60
CA VAL D 87 15.23 27.56 -9.07
C VAL D 87 16.05 27.28 -7.83
N ARG D 88 15.47 26.62 -6.81
CA ARG D 88 16.30 26.19 -5.68
C ARG D 88 16.09 24.68 -5.48
N SER D 89 17.18 23.93 -5.43
CA SER D 89 17.09 22.50 -5.14
C SER D 89 17.73 22.29 -3.79
N GLY D 90 19.01 21.97 -3.71
CA GLY D 90 19.54 21.85 -2.34
C GLY D 90 19.97 23.13 -1.59
N GLY D 91 20.04 24.29 -2.28
CA GLY D 91 20.28 25.56 -1.59
C GLY D 91 21.70 25.76 -1.22
N HIS D 92 22.61 24.94 -1.81
CA HIS D 92 24.04 25.11 -1.52
C HIS D 92 24.80 26.17 -2.33
N CYS D 93 24.12 26.89 -3.22
CA CYS D 93 24.86 27.93 -4.02
C CYS D 93 25.80 28.80 -3.15
N TYR D 94 27.10 28.86 -3.53
CA TYR D 94 28.05 29.72 -2.87
C TYR D 94 27.90 31.21 -3.26
N GLU D 95 27.15 31.49 -4.31
CA GLU D 95 26.91 32.89 -4.73
C GLU D 95 25.41 33.23 -4.56
N ASP D 96 25.00 34.43 -5.01
CA ASP D 96 23.63 34.96 -4.74
C ASP D 96 22.70 34.65 -5.92
N PHE D 97 22.97 33.57 -6.67
CA PHE D 97 22.24 33.28 -7.93
C PHE D 97 20.76 33.14 -7.73
N VAL D 98 20.38 32.57 -6.58
CA VAL D 98 18.98 32.25 -6.35
C VAL D 98 18.30 33.31 -5.49
N ALA D 99 19.03 33.79 -4.49
CA ALA D 99 18.53 34.76 -3.52
C ALA D 99 18.69 36.23 -3.96
N ASN D 100 19.26 36.49 -5.14
CA ASN D 100 19.37 37.89 -5.71
C ASN D 100 18.05 38.61 -5.45
N SER D 101 18.08 39.85 -4.91
CA SER D 101 16.82 40.57 -4.53
C SER D 101 15.87 40.81 -5.72
N ASP D 102 16.42 40.80 -6.92
CA ASP D 102 15.63 40.96 -8.14
C ASP D 102 14.80 39.73 -8.48
N VAL D 103 15.10 38.56 -7.93
CA VAL D 103 14.27 37.39 -8.21
C VAL D 103 12.89 37.54 -7.48
N ARG D 104 11.81 37.41 -8.26
CA ARG D 104 10.48 37.63 -7.77
C ARG D 104 9.81 36.28 -7.51
N VAL D 105 10.22 35.21 -8.21
CA VAL D 105 9.52 33.91 -8.08
C VAL D 105 10.57 32.80 -7.98
N VAL D 106 10.48 32.00 -6.92
CA VAL D 106 11.37 30.84 -6.79
C VAL D 106 10.59 29.56 -6.96
N MET D 107 11.16 28.63 -7.75
CA MET D 107 10.64 27.28 -7.76
C MET D 107 11.58 26.42 -6.92
N ASP D 108 11.02 25.90 -5.83
CA ASP D 108 11.71 25.13 -4.83
C ASP D 108 11.41 23.64 -5.09
N MET D 109 12.48 22.86 -5.26
CA MET D 109 12.30 21.49 -5.77
C MET D 109 12.13 20.46 -4.68
N SER D 110 11.89 20.89 -3.46
CA SER D 110 11.86 19.98 -2.28
C SER D 110 10.96 18.76 -2.39
N ARG D 111 9.80 18.91 -3.02
CA ARG D 111 8.86 17.82 -3.16
C ARG D 111 9.32 16.83 -4.21
N LEU D 112 10.34 17.20 -4.98
CA LEU D 112 10.79 16.28 -6.02
C LEU D 112 12.14 15.74 -5.62
N SER D 113 12.13 14.78 -4.71
CA SER D 113 13.41 14.30 -4.16
C SER D 113 13.60 12.77 -4.29
N ALA D 114 12.83 12.16 -5.15
CA ALA D 114 12.85 10.72 -5.29
C ALA D 114 14.09 10.25 -6.05
N VAL D 115 14.59 9.07 -5.65
CA VAL D 115 15.76 8.42 -6.27
C VAL D 115 15.35 6.97 -6.47
N GLY D 116 15.56 6.39 -7.66
CA GLY D 116 15.13 5.05 -7.93
C GLY D 116 15.66 4.57 -9.24
N PHE D 117 15.41 3.30 -9.55
CA PHE D 117 15.84 2.76 -10.82
C PHE D 117 14.66 2.88 -11.77
N ASP D 118 14.86 3.43 -12.95
CA ASP D 118 13.72 3.63 -13.86
C ASP D 118 13.78 2.49 -14.88
N GLU D 119 12.97 1.46 -14.63
CA GLU D 119 12.89 0.24 -15.49
C GLU D 119 12.69 0.59 -16.95
N GLU D 120 11.64 1.33 -17.29
CA GLU D 120 11.39 1.76 -18.69
C GLU D 120 12.65 2.25 -19.43
N ARG D 121 13.47 3.05 -18.76
CA ARG D 121 14.62 3.63 -19.42
C ARG D 121 15.88 2.85 -19.20
N GLY D 122 15.90 1.96 -18.21
CA GLY D 122 17.15 1.26 -17.96
C GLY D 122 18.23 2.15 -17.35
N ALA D 123 17.82 3.12 -16.48
CA ALA D 123 18.79 4.02 -15.83
C ALA D 123 18.25 4.45 -14.46
N PHE D 124 19.14 4.93 -13.60
CA PHE D 124 18.70 5.48 -12.32
C PHE D 124 18.17 6.89 -12.45
N ALA D 125 17.05 7.18 -11.81
CA ALA D 125 16.46 8.48 -11.94
C ALA D 125 16.66 9.19 -10.57
N VAL D 126 17.18 10.40 -10.61
CA VAL D 126 17.39 11.25 -9.42
C VAL D 126 16.67 12.56 -9.68
N GLU D 127 15.61 12.83 -8.90
CA GLU D 127 14.90 14.11 -9.07
C GLU D 127 15.80 15.22 -8.53
N ALA D 128 15.56 16.49 -8.96
CA ALA D 128 16.49 17.59 -8.75
C ALA D 128 16.56 17.92 -7.27
N GLY D 129 15.47 17.66 -6.54
CA GLY D 129 15.42 18.05 -5.13
C GLY D 129 16.07 17.04 -4.17
N ALA D 130 16.50 15.89 -4.69
CA ALA D 130 17.15 14.82 -3.88
C ALA D 130 18.44 15.35 -3.36
N THR D 131 18.72 15.15 -2.08
CA THR D 131 20.07 15.46 -1.52
C THR D 131 21.05 14.30 -1.75
N LEU D 132 22.34 14.60 -1.79
CA LEU D 132 23.33 13.57 -2.05
C LEU D 132 23.27 12.47 -0.99
N GLY D 133 22.97 12.82 0.26
CA GLY D 133 22.89 11.79 1.33
C GLY D 133 21.81 10.80 0.93
N ALA D 134 20.67 11.28 0.42
CA ALA D 134 19.60 10.37 0.06
C ALA D 134 19.96 9.54 -1.15
N VAL D 135 20.66 10.16 -2.12
CA VAL D 135 21.05 9.49 -3.36
C VAL D 135 22.00 8.37 -2.97
N TYR D 136 22.97 8.65 -2.11
CA TYR D 136 23.95 7.62 -1.86
C TYR D 136 23.33 6.49 -1.04
N LYS D 137 22.47 6.85 -0.08
CA LYS D 137 21.88 5.87 0.77
C LYS D 137 20.99 4.90 -0.04
N THR D 138 20.16 5.48 -0.92
CA THR D 138 19.18 4.70 -1.74
C THR D 138 19.98 3.91 -2.76
N LEU D 139 20.90 4.53 -3.47
CA LEU D 139 21.59 3.70 -4.47
C LEU D 139 22.37 2.57 -3.81
N PHE D 140 23.05 2.81 -2.70
CA PHE D 140 23.90 1.78 -2.18
C PHE D 140 23.09 0.73 -1.40
N ARG D 141 22.26 1.13 -0.42
CA ARG D 141 21.53 0.10 0.33
C ARG D 141 20.65 -0.74 -0.57
N VAL D 142 19.99 -0.12 -1.56
CA VAL D 142 18.98 -0.85 -2.31
C VAL D 142 19.64 -1.60 -3.45
N TRP D 143 20.67 -1.01 -4.08
CA TRP D 143 21.22 -1.62 -5.34
C TRP D 143 22.69 -1.94 -5.32
N GLY D 144 23.39 -1.55 -4.25
CA GLY D 144 24.82 -1.70 -4.09
C GLY D 144 25.70 -0.85 -5.03
N VAL D 145 25.19 0.29 -5.51
CA VAL D 145 25.98 1.10 -6.45
C VAL D 145 26.06 2.50 -5.92
N THR D 146 26.81 3.34 -6.61
CA THR D 146 26.94 4.76 -6.20
C THR D 146 27.26 5.62 -7.41
N LEU D 147 27.35 6.93 -7.18
CA LEU D 147 27.77 7.93 -8.19
C LEU D 147 28.92 8.73 -7.57
N PRO D 148 29.97 9.07 -8.36
CA PRO D 148 31.13 9.80 -7.80
C PRO D 148 30.90 11.33 -7.77
N GLY D 149 29.88 11.73 -7.00
CA GLY D 149 29.59 13.13 -6.75
C GLY D 149 30.17 13.60 -5.43
N GLY D 150 29.57 14.66 -4.91
CA GLY D 150 30.20 15.40 -3.82
C GLY D 150 30.30 14.67 -2.49
N ALA D 151 31.15 15.24 -1.64
CA ALA D 151 31.21 14.90 -0.24
C ALA D 151 30.16 15.87 0.34
N CYS D 152 29.47 15.57 1.38
CA CYS D 152 28.52 16.68 1.75
C CYS D 152 27.12 16.28 1.45
N PRO D 153 26.51 15.62 2.40
CA PRO D 153 25.26 14.92 2.19
C PRO D 153 24.07 15.84 1.95
N ASP D 154 24.15 17.10 2.35
CA ASP D 154 23.01 18.03 2.25
C ASP D 154 22.91 18.71 0.86
N VAL D 155 23.90 18.47 -0.02
CA VAL D 155 23.93 19.18 -1.32
C VAL D 155 22.84 18.59 -2.20
N GLY D 156 22.18 19.43 -3.00
CA GLY D 156 21.06 18.98 -3.85
C GLY D 156 21.59 18.53 -5.20
N ALA D 157 20.99 17.47 -5.76
CA ALA D 157 21.31 16.99 -7.14
C ALA D 157 21.13 18.08 -8.21
N GLY D 158 20.08 18.90 -8.07
CA GLY D 158 19.73 19.93 -9.03
C GLY D 158 20.87 20.80 -9.50
N GLY D 159 21.51 21.52 -8.59
CA GLY D 159 22.64 22.37 -8.99
C GLY D 159 23.91 21.58 -9.12
N HIS D 160 24.03 20.51 -8.33
CA HIS D 160 25.28 19.80 -8.25
C HIS D 160 25.68 19.04 -9.54
N ILE D 161 24.80 18.19 -10.04
CA ILE D 161 25.11 17.42 -11.27
C ILE D 161 25.38 18.40 -12.45
N LEU D 162 24.46 19.36 -12.64
CA LEU D 162 24.53 20.35 -13.74
C LEU D 162 25.90 21.01 -13.80
N GLY D 163 26.52 21.23 -12.62
CA GLY D 163 27.77 22.00 -12.52
C GLY D 163 29.04 21.14 -12.61
N GLY D 164 28.90 19.83 -12.80
CA GLY D 164 30.06 18.93 -12.91
C GLY D 164 30.51 18.33 -11.59
N GLY D 165 29.57 17.99 -10.71
CA GLY D 165 29.88 17.39 -9.39
C GLY D 165 31.02 16.35 -9.38
N TYR D 166 31.83 16.39 -8.33
CA TYR D 166 32.92 15.38 -8.17
C TYR D 166 33.06 15.20 -6.66
N GLY D 167 33.87 14.23 -6.24
CA GLY D 167 34.11 14.07 -4.81
C GLY D 167 35.11 12.98 -4.51
N PRO D 168 34.99 12.31 -3.34
CA PRO D 168 35.91 11.30 -2.90
C PRO D 168 36.22 10.20 -3.96
N LEU D 169 35.22 9.77 -4.69
CA LEU D 169 35.35 8.67 -5.65
C LEU D 169 35.68 9.12 -7.06
N SER D 170 35.89 10.43 -7.29
CA SER D 170 36.17 10.90 -8.64
C SER D 170 37.46 10.38 -9.28
N ARG D 171 38.53 10.30 -8.50
CA ARG D 171 39.74 9.76 -9.07
C ARG D 171 39.55 8.32 -9.51
N MET D 172 38.60 7.63 -8.85
CA MET D 172 38.38 6.22 -9.16
C MET D 172 37.38 6.05 -10.29
N HIS D 173 36.40 6.97 -10.42
CA HIS D 173 35.23 6.74 -11.30
C HIS D 173 34.78 7.95 -12.13
N GLY D 174 35.52 9.06 -12.06
CA GLY D 174 35.24 10.26 -12.88
C GLY D 174 34.28 11.27 -12.18
N SER D 175 33.75 12.20 -12.97
CA SER D 175 32.81 13.18 -12.49
C SER D 175 31.42 12.51 -12.55
N ILE D 176 30.50 12.99 -11.72
CA ILE D 176 29.11 12.48 -11.79
C ILE D 176 28.55 12.66 -13.20
N VAL D 177 29.02 13.69 -13.94
CA VAL D 177 28.39 13.97 -15.26
C VAL D 177 28.82 12.90 -16.29
N ASP D 178 29.87 12.17 -15.93
CA ASP D 178 30.33 11.05 -16.79
C ASP D 178 29.40 9.85 -16.76
N TYR D 179 28.34 9.94 -15.92
CA TYR D 179 27.25 8.94 -15.82
C TYR D 179 25.90 9.51 -16.28
N LEU D 180 25.88 10.79 -16.71
CA LEU D 180 24.61 11.39 -17.13
C LEU D 180 24.24 10.91 -18.51
N HIS D 181 23.11 10.17 -18.56
CA HIS D 181 22.62 9.60 -19.78
C HIS D 181 21.52 10.42 -20.42
N ALA D 182 20.68 11.08 -19.60
CA ALA D 182 19.51 11.83 -20.10
C ALA D 182 19.07 12.79 -19.00
N VAL D 183 18.33 13.82 -19.40
CA VAL D 183 17.83 14.84 -18.48
C VAL D 183 16.47 15.31 -18.96
N GLU D 184 15.56 15.54 -18.03
CA GLU D 184 14.27 16.13 -18.29
C GLU D 184 14.25 17.60 -17.78
N VAL D 185 14.02 18.53 -18.71
CA VAL D 185 14.20 19.97 -18.49
C VAL D 185 12.95 20.69 -18.96
N VAL D 186 12.45 21.60 -18.17
CA VAL D 186 11.43 22.54 -18.61
C VAL D 186 12.14 23.77 -19.14
N VAL D 187 11.83 24.09 -20.40
CA VAL D 187 12.46 25.21 -21.11
C VAL D 187 11.39 26.21 -21.60
N VAL D 188 11.81 27.43 -21.94
CA VAL D 188 10.90 28.46 -22.45
C VAL D 188 11.34 28.87 -23.86
N ASP D 189 10.40 28.82 -24.81
CA ASP D 189 10.71 29.17 -26.19
C ASP D 189 10.58 30.66 -26.41
N ALA D 190 10.87 31.10 -27.64
CA ALA D 190 10.90 32.56 -27.91
C ALA D 190 9.53 33.18 -27.70
N SER D 191 8.46 32.43 -27.94
CA SER D 191 7.19 33.11 -27.71
C SER D 191 6.75 33.04 -26.25
N GLY D 192 7.60 32.47 -25.38
CA GLY D 192 7.39 32.58 -23.91
C GLY D 192 6.53 31.45 -23.38
N ASP D 193 6.33 30.44 -24.19
CA ASP D 193 5.68 29.20 -23.69
C ASP D 193 6.68 28.22 -23.07
N ALA D 194 6.25 27.53 -22.01
CA ALA D 194 7.08 26.51 -21.35
C ALA D 194 6.70 25.09 -21.81
N ARG D 195 7.68 24.22 -21.95
N ARG D 195 7.70 24.23 -22.00
CA ARG D 195 7.39 22.83 -22.29
CA ARG D 195 7.47 22.84 -22.41
C ARG D 195 8.48 21.96 -21.67
C ARG D 195 8.58 21.93 -21.84
N THR D 196 8.24 20.66 -21.61
CA THR D 196 9.19 19.75 -20.97
C THR D 196 9.82 18.91 -22.04
N VAL D 197 11.15 18.84 -22.08
CA VAL D 197 11.85 18.02 -23.03
C VAL D 197 12.75 16.96 -22.37
N ILE D 198 13.16 15.96 -23.14
CA ILE D 198 14.10 15.02 -22.67
C ILE D 198 15.26 15.08 -23.63
N ALA D 199 16.46 15.22 -23.12
CA ALA D 199 17.68 15.37 -23.93
C ALA D 199 18.54 14.19 -23.52
N THR D 200 19.17 13.49 -24.47
CA THR D 200 19.95 12.30 -24.11
C THR D 200 21.35 12.28 -24.73
N ARG D 201 22.16 11.34 -24.23
CA ARG D 201 23.53 11.19 -24.65
C ARG D 201 23.61 10.60 -26.08
N GLU D 202 22.52 10.01 -26.61
CA GLU D 202 22.58 9.40 -28.00
C GLU D 202 22.90 10.49 -29.01
N PRO D 203 23.98 10.31 -29.79
CA PRO D 203 24.43 11.30 -30.78
C PRO D 203 23.32 11.81 -31.68
N SER D 204 22.46 10.89 -32.10
CA SER D 204 21.39 11.19 -32.99
C SER D 204 20.18 11.85 -32.31
N ASP D 205 20.17 11.92 -30.97
CA ASP D 205 18.99 12.54 -30.29
C ASP D 205 18.92 14.00 -30.74
N PRO D 206 17.74 14.49 -31.18
CA PRO D 206 17.49 15.91 -31.65
C PRO D 206 17.83 16.95 -30.59
N ASN D 207 17.71 16.53 -29.32
CA ASN D 207 18.13 17.40 -28.21
C ASN D 207 19.53 17.06 -27.64
N HIS D 208 20.41 16.35 -28.38
CA HIS D 208 21.75 16.06 -27.88
C HIS D 208 22.48 17.27 -27.35
N ASP D 209 22.31 18.45 -27.95
CA ASP D 209 23.09 19.58 -27.49
C ASP D 209 22.70 20.00 -26.07
N LEU D 210 21.42 19.95 -25.75
CA LEU D 210 20.94 20.30 -24.41
C LEU D 210 21.44 19.30 -23.40
N TRP D 211 21.47 18.02 -23.78
CA TRP D 211 22.05 16.98 -22.90
C TRP D 211 23.48 17.39 -22.59
N TRP D 212 24.25 17.80 -23.63
CA TRP D 212 25.68 18.04 -23.44
C TRP D 212 25.93 19.20 -22.47
N ALA D 213 25.11 20.24 -22.59
CA ALA D 213 25.18 21.41 -21.73
C ALA D 213 24.87 21.08 -20.28
N HIS D 214 24.13 20.00 -20.01
CA HIS D 214 23.89 19.57 -18.60
C HIS D 214 25.07 18.77 -18.02
N THR D 215 26.13 18.58 -18.81
CA THR D 215 27.29 17.86 -18.30
C THR D 215 28.37 18.80 -17.78
N GLY D 216 27.93 19.82 -17.04
CA GLY D 216 28.90 20.83 -16.55
C GLY D 216 28.56 22.27 -16.83
N GLY D 217 27.49 22.50 -17.60
CA GLY D 217 27.12 23.92 -18.01
C GLY D 217 26.70 24.81 -16.83
N GLY D 218 26.43 24.17 -15.69
CA GLY D 218 26.06 24.94 -14.46
C GLY D 218 24.57 25.21 -14.31
N GLY D 219 24.12 25.33 -13.05
CA GLY D 219 22.70 25.57 -12.80
C GLY D 219 22.25 27.00 -13.20
N GLY D 220 20.95 27.17 -13.41
CA GLY D 220 20.33 28.42 -13.52
C GLY D 220 20.55 29.05 -14.88
N ASN D 221 20.93 28.24 -15.89
CA ASN D 221 21.30 28.76 -17.21
C ASN D 221 20.36 28.38 -18.37
N PHE D 222 19.87 27.14 -18.41
CA PHE D 222 19.16 26.63 -19.61
C PHE D 222 17.67 26.30 -19.44
N GLY D 223 17.22 26.00 -18.22
CA GLY D 223 15.85 25.61 -18.00
C GLY D 223 15.84 24.92 -16.64
N VAL D 224 14.68 24.37 -16.28
CA VAL D 224 14.55 23.74 -14.94
C VAL D 224 14.69 22.24 -15.08
N VAL D 225 15.76 21.70 -14.52
CA VAL D 225 15.89 20.23 -14.57
C VAL D 225 14.88 19.59 -13.61
N VAL D 226 14.08 18.60 -14.09
CA VAL D 226 13.16 17.88 -13.21
C VAL D 226 13.84 16.66 -12.61
N ARG D 227 14.49 15.89 -13.49
CA ARG D 227 15.19 14.71 -13.09
C ARG D 227 16.30 14.45 -14.08
N TYR D 228 17.32 13.73 -13.57
CA TYR D 228 18.48 13.29 -14.28
C TYR D 228 18.41 11.76 -14.30
N TRP D 229 18.82 11.13 -15.40
CA TRP D 229 18.89 9.65 -15.43
C TRP D 229 20.33 9.35 -15.65
N LEU D 230 20.86 8.42 -14.86
CA LEU D 230 22.27 8.16 -14.78
C LEU D 230 22.57 6.67 -14.94
N ARG D 231 23.61 6.36 -15.71
CA ARG D 231 24.17 5.00 -15.78
C ARG D 231 25.45 5.03 -16.58
N THR D 232 26.20 3.96 -16.43
CA THR D 232 27.46 3.73 -17.12
C THR D 232 27.31 3.79 -18.66
N ALA D 233 28.27 4.44 -19.32
CA ALA D 233 28.35 4.39 -20.78
C ALA D 233 29.30 3.27 -21.18
N PRO D 238 25.01 -6.53 -19.25
CA PRO D 238 23.55 -6.73 -19.22
C PRO D 238 22.91 -5.63 -18.35
N PRO D 239 21.56 -5.54 -18.39
CA PRO D 239 20.79 -4.41 -17.86
C PRO D 239 20.15 -4.73 -16.47
N GLU D 240 20.97 -5.33 -15.59
CA GLU D 240 20.65 -5.44 -14.16
C GLU D 240 21.13 -4.15 -13.47
N PRO D 241 20.22 -3.44 -12.77
CA PRO D 241 20.59 -2.18 -12.12
C PRO D 241 21.93 -2.22 -11.36
N GLY D 242 22.19 -3.29 -10.61
CA GLY D 242 23.45 -3.46 -9.87
C GLY D 242 24.72 -3.48 -10.71
N ARG D 243 24.59 -3.61 -12.03
CA ARG D 243 25.75 -3.47 -12.92
C ARG D 243 25.74 -2.15 -13.67
N LEU D 244 24.69 -1.33 -13.49
CA LEU D 244 24.55 -0.08 -14.29
C LEU D 244 25.22 1.20 -13.79
N LEU D 245 25.77 1.17 -12.58
CA LEU D 245 26.54 2.26 -12.05
C LEU D 245 27.75 1.66 -11.29
N PRO D 246 28.72 2.49 -10.97
CA PRO D 246 29.88 1.94 -10.23
C PRO D 246 29.58 1.40 -8.82
N ARG D 247 30.29 0.34 -8.43
CA ARG D 247 30.23 -0.20 -7.06
C ARG D 247 31.32 0.46 -6.30
N PRO D 248 31.01 1.02 -5.11
CA PRO D 248 32.11 1.58 -4.32
C PRO D 248 32.99 0.45 -3.68
N PRO D 249 34.16 0.79 -3.07
CA PRO D 249 34.75 -0.19 -2.18
C PRO D 249 33.75 -0.61 -1.09
N ALA D 250 33.80 -1.86 -0.63
CA ALA D 250 33.02 -2.25 0.56
C ALA D 250 33.50 -1.50 1.78
N GLU D 251 34.80 -1.33 1.91
CA GLU D 251 35.46 -0.68 3.06
C GLU D 251 36.60 0.28 2.62
N VAL D 252 36.80 1.33 3.44
CA VAL D 252 37.83 2.29 3.19
C VAL D 252 38.68 2.50 4.45
N LEU D 253 39.95 2.79 4.25
CA LEU D 253 40.77 3.28 5.33
C LEU D 253 40.62 4.76 5.33
N LEU D 254 40.51 5.34 6.53
CA LEU D 254 40.43 6.81 6.69
C LEU D 254 41.50 7.25 7.63
N ASN D 255 42.26 8.25 7.27
CA ASN D 255 43.26 8.73 8.18
C ASN D 255 43.06 10.23 8.40
N THR D 256 43.28 10.63 9.65
CA THR D 256 43.42 12.02 10.00
C THR D 256 44.85 12.28 10.45
N THR D 257 45.53 13.24 9.81
CA THR D 257 46.90 13.55 10.17
C THR D 257 46.92 15.04 10.54
N VAL D 258 47.54 15.39 11.68
CA VAL D 258 47.52 16.77 12.16
C VAL D 258 48.95 17.21 12.43
N TRP D 259 49.42 18.34 11.87
CA TRP D 259 50.73 18.89 12.25
C TRP D 259 50.50 20.12 13.11
N PRO D 260 51.10 20.15 14.34
CA PRO D 260 50.96 21.39 15.12
C PRO D 260 51.59 22.59 14.37
N TRP D 261 50.94 23.73 14.48
CA TRP D 261 51.49 24.96 13.88
C TRP D 261 52.68 25.54 14.68
N GLU D 262 52.66 25.39 16.01
CA GLU D 262 53.72 25.99 16.89
C GLU D 262 55.12 25.72 16.38
N GLY D 263 55.47 24.47 16.20
CA GLY D 263 56.85 24.18 15.72
C GLY D 263 57.20 24.38 14.23
N LEU D 264 56.38 25.17 13.48
CA LEU D 264 56.41 25.09 12.03
C LEU D 264 56.83 26.40 11.36
N ASP D 265 58.07 26.45 10.90
CA ASP D 265 58.52 27.64 10.25
C ASP D 265 58.26 27.54 8.74
N GLU D 266 58.62 28.59 8.01
CA GLU D 266 58.30 28.64 6.61
C GLU D 266 58.93 27.59 5.72
N ALA D 267 60.18 27.19 6.00
CA ALA D 267 60.84 26.09 5.26
C ALA D 267 60.13 24.76 5.50
N ALA D 268 59.71 24.51 6.75
CA ALA D 268 58.97 23.29 7.05
C ALA D 268 57.57 23.27 6.39
N PHE D 269 56.88 24.41 6.42
CA PHE D 269 55.60 24.53 5.73
C PHE D 269 55.82 24.29 4.21
N ALA D 270 56.88 24.87 3.66
CA ALA D 270 57.14 24.80 2.22
C ALA D 270 57.47 23.35 1.81
N ARG D 271 58.25 22.63 2.63
CA ARG D 271 58.54 21.19 2.37
C ARG D 271 57.24 20.33 2.34
N LEU D 272 56.36 20.55 3.30
CA LEU D 272 55.13 19.80 3.32
C LEU D 272 54.30 20.06 2.05
N VAL D 273 54.12 21.33 1.69
CA VAL D 273 53.38 21.70 0.47
C VAL D 273 54.03 21.14 -0.78
N ARG D 274 55.34 21.28 -0.91
N ARG D 274 55.34 21.28 -0.89
CA ARG D 274 56.04 20.70 -2.08
CA ARG D 274 56.04 20.70 -2.05
C ARG D 274 55.94 19.17 -2.10
C ARG D 274 55.94 19.17 -2.10
N ASN D 275 56.12 18.52 -0.95
CA ASN D 275 55.94 17.04 -0.90
C ASN D 275 54.59 16.57 -1.45
N HIS D 276 53.51 17.15 -0.92
CA HIS D 276 52.15 16.85 -1.34
C HIS D 276 51.96 17.20 -2.84
N GLY D 277 52.47 18.36 -3.23
CA GLY D 277 52.39 18.83 -4.62
C GLY D 277 53.01 17.84 -5.60
N ARG D 278 54.25 17.43 -5.29
CA ARG D 278 54.98 16.49 -6.18
C ARG D 278 54.33 15.12 -6.25
N TRP D 279 53.83 14.66 -5.10
CA TRP D 279 53.15 13.37 -5.05
C TRP D 279 51.97 13.42 -5.99
N PHE D 280 51.15 14.48 -5.92
CA PHE D 280 50.01 14.55 -6.85
C PHE D 280 50.37 14.72 -8.33
N GLU D 281 51.46 15.43 -8.59
CA GLU D 281 51.96 15.55 -9.97
C GLU D 281 52.37 14.19 -10.52
N GLN D 282 52.89 13.29 -9.66
CA GLN D 282 53.38 11.95 -10.13
C GLN D 282 52.21 10.98 -10.22
N ASN D 283 51.20 11.13 -9.34
CA ASN D 283 50.29 10.05 -9.07
C ASN D 283 48.82 10.31 -9.35
N SER D 284 48.54 11.07 -10.41
CA SER D 284 47.17 11.47 -10.73
C SER D 284 46.72 11.16 -12.14
N GLY D 285 47.50 10.36 -12.89
CA GLY D 285 47.10 9.97 -14.27
C GLY D 285 45.93 8.98 -14.27
N PRO D 286 45.16 8.93 -15.37
CA PRO D 286 44.01 8.04 -15.33
C PRO D 286 44.33 6.55 -15.15
N ASP D 287 45.59 6.14 -15.37
CA ASP D 287 45.92 4.74 -15.16
C ASP D 287 46.75 4.49 -13.93
N SER D 288 46.91 5.50 -13.07
CA SER D 288 47.65 5.37 -11.82
C SER D 288 46.98 4.39 -10.87
N PRO D 289 47.77 3.56 -10.20
CA PRO D 289 47.15 2.66 -9.17
C PRO D 289 46.58 3.55 -8.06
N TRP D 290 47.09 4.77 -7.97
CA TRP D 290 46.60 5.75 -6.97
C TRP D 290 45.28 6.38 -7.27
N CYS D 291 44.62 5.95 -8.33
CA CYS D 291 43.21 6.35 -8.53
C CYS D 291 42.25 6.00 -7.38
N ASP D 292 42.64 5.08 -6.49
CA ASP D 292 41.78 4.72 -5.39
C ASP D 292 42.11 5.50 -4.08
N LEU D 293 42.90 6.55 -4.13
CA LEU D 293 43.17 7.38 -2.99
C LEU D 293 42.54 8.77 -3.19
N TYR D 294 41.94 9.30 -2.13
CA TYR D 294 41.45 10.71 -2.09
C TYR D 294 41.98 11.38 -0.81
N SER D 295 42.30 12.66 -0.85
CA SER D 295 42.75 13.38 0.35
C SER D 295 42.43 14.87 0.24
N VAL D 296 42.31 15.55 1.39
CA VAL D 296 42.23 17.00 1.45
C VAL D 296 43.26 17.46 2.43
N LEU D 297 44.19 18.31 1.99
CA LEU D 297 45.18 18.90 2.83
C LEU D 297 44.69 20.34 3.15
N ALA D 298 44.56 20.65 4.44
CA ALA D 298 43.96 21.86 4.91
C ALA D 298 45.07 22.77 5.38
N LEU D 299 45.35 23.82 4.61
CA LEU D 299 46.36 24.78 5.05
C LEU D 299 45.63 25.88 5.78
N THR D 300 45.68 25.79 7.09
CA THR D 300 44.81 26.61 7.96
C THR D 300 45.56 27.82 8.47
N ARG D 301 44.83 28.79 9.01
CA ARG D 301 45.45 29.91 9.68
C ARG D 301 46.19 29.38 10.89
N SER D 302 47.42 29.87 11.12
CA SER D 302 48.25 29.43 12.22
C SER D 302 47.56 29.62 13.57
N GLN D 303 46.80 30.70 13.66
CA GLN D 303 45.94 31.02 14.80
C GLN D 303 45.10 29.80 15.22
N SER D 304 44.86 28.88 14.29
CA SER D 304 44.03 27.71 14.61
C SER D 304 44.79 26.64 15.42
N GLY D 305 46.11 26.77 15.52
CA GLY D 305 46.92 25.78 16.21
C GLY D 305 47.40 24.56 15.41
N ALA D 306 46.82 24.27 14.24
CA ALA D 306 47.22 23.05 13.54
C ALA D 306 46.74 22.98 12.11
N LEU D 307 47.56 22.30 11.32
CA LEU D 307 47.32 21.95 9.91
C LEU D 307 46.85 20.52 9.88
N ALA D 308 46.09 20.15 8.87
CA ALA D 308 45.48 18.85 8.93
C ALA D 308 45.23 18.29 7.52
N MET D 309 45.07 16.97 7.44
CA MET D 309 44.88 16.26 6.15
C MET D 309 44.04 15.04 6.41
N THR D 310 43.00 14.89 5.63
CA THR D 310 42.19 13.68 5.69
C THR D 310 42.43 12.91 4.43
N THR D 311 42.55 11.59 4.52
CA THR D 311 42.84 10.74 3.38
C THR D 311 41.86 9.58 3.45
N GLN D 312 41.39 9.15 2.28
CA GLN D 312 40.58 7.96 2.14
C GLN D 312 41.28 7.03 1.12
N LEU D 313 41.36 5.73 1.42
CA LEU D 313 41.91 4.77 0.47
C LEU D 313 41.02 3.52 0.40
N ASP D 314 40.70 3.04 -0.79
CA ASP D 314 40.07 1.73 -0.97
C ASP D 314 40.81 0.67 -0.10
N ALA D 315 40.03 0.00 0.78
CA ALA D 315 40.63 -0.94 1.74
C ALA D 315 40.57 -2.42 1.29
N THR D 316 40.09 -2.64 0.04
CA THR D 316 39.80 -3.97 -0.50
C THR D 316 41.08 -4.81 -0.57
N GLY D 317 42.15 -4.21 -1.05
CA GLY D 317 43.43 -4.89 -1.25
C GLY D 317 44.16 -5.24 0.06
N PRO D 318 44.90 -6.37 0.07
CA PRO D 318 45.61 -6.76 1.28
C PRO D 318 46.71 -5.77 1.71
N ASP D 319 47.28 -5.01 0.75
CA ASP D 319 48.35 -4.04 1.10
C ASP D 319 47.89 -2.60 1.30
N ALA D 320 46.60 -2.43 1.53
CA ALA D 320 46.04 -1.08 1.64
C ALA D 320 46.73 -0.32 2.75
N GLU D 321 46.99 -0.93 3.89
CA GLU D 321 47.59 -0.16 5.00
C GLU D 321 48.99 0.29 4.68
N LYS D 322 49.78 -0.57 4.03
CA LYS D 322 51.16 -0.21 3.60
C LYS D 322 51.13 0.97 2.55
N ARG D 323 50.19 0.91 1.61
CA ARG D 323 50.06 1.99 0.62
C ARG D 323 49.67 3.33 1.28
N LEU D 324 48.67 3.31 2.18
CA LEU D 324 48.33 4.51 2.94
C LEU D 324 49.59 5.09 3.58
N GLU D 325 50.35 4.25 4.26
CA GLU D 325 51.57 4.65 4.91
C GLU D 325 52.58 5.29 3.98
N THR D 326 52.75 4.73 2.79
CA THR D 326 53.64 5.29 1.75
C THR D 326 53.21 6.72 1.40
N TYR D 327 51.92 6.94 1.11
CA TYR D 327 51.46 8.30 0.86
C TYR D 327 51.70 9.25 2.04
N LEU D 328 51.34 8.82 3.26
CA LEU D 328 51.54 9.64 4.45
C LEU D 328 52.99 9.98 4.69
N ALA D 329 53.88 9.00 4.51
CA ALA D 329 55.34 9.27 4.67
C ALA D 329 55.85 10.22 3.61
N ALA D 330 55.37 10.10 2.37
CA ALA D 330 55.75 11.06 1.31
C ALA D 330 55.42 12.52 1.71
N VAL D 331 54.20 12.74 2.23
CA VAL D 331 53.74 14.08 2.64
C VAL D 331 54.58 14.69 3.76
N SER D 332 54.99 13.87 4.73
CA SER D 332 55.72 14.41 5.90
C SER D 332 57.27 14.31 5.74
N GLU D 333 57.77 13.75 4.64
CA GLU D 333 59.23 13.43 4.52
C GLU D 333 60.08 14.69 4.66
N GLY D 334 61.07 14.64 5.56
CA GLY D 334 61.88 15.82 5.83
C GLY D 334 61.21 17.10 6.34
N VAL D 335 59.90 17.06 6.56
CA VAL D 335 59.25 18.23 7.19
C VAL D 335 59.83 18.64 8.56
N GLY D 336 60.13 17.69 9.47
CA GLY D 336 60.77 18.03 10.74
C GLY D 336 59.77 18.19 11.86
N VAL D 337 58.49 17.98 11.56
CA VAL D 337 57.44 18.06 12.58
C VAL D 337 56.74 16.73 12.46
N GLN D 338 56.68 15.94 13.53
CA GLN D 338 56.04 14.61 13.43
C GLN D 338 54.52 14.77 13.60
N PRO D 339 53.74 14.31 12.63
CA PRO D 339 52.32 14.56 12.80
C PRO D 339 51.67 13.56 13.73
N HIS D 340 50.57 13.96 14.39
CA HIS D 340 49.63 13.03 15.01
C HIS D 340 48.79 12.38 13.88
N SER D 341 48.71 11.05 13.89
CA SER D 341 48.10 10.28 12.81
C SER D 341 47.11 9.24 13.38
N ASP D 342 45.92 9.09 12.78
CA ASP D 342 44.88 8.21 13.32
C ASP D 342 44.18 7.64 12.11
N THR D 343 44.24 6.32 12.00
CA THR D 343 43.68 5.57 10.88
C THR D 343 42.60 4.62 11.35
N ARG D 344 41.47 4.60 10.68
CA ARG D 344 40.33 3.74 11.06
C ARG D 344 39.84 3.09 9.76
N ARG D 345 39.41 1.85 9.85
CA ARG D 345 38.79 1.17 8.71
C ARG D 345 37.27 1.18 8.89
N LEU D 346 36.54 1.63 7.88
CA LEU D 346 35.11 1.75 7.94
C LEU D 346 34.40 1.19 6.73
N PRO D 347 33.17 0.68 6.94
CA PRO D 347 32.39 0.27 5.78
C PRO D 347 32.09 1.54 4.93
N TRP D 348 31.92 1.39 3.62
CA TRP D 348 31.89 2.52 2.73
C TRP D 348 30.70 3.48 3.00
N LEU D 349 29.48 2.99 3.13
CA LEU D 349 28.38 3.99 3.26
C LEU D 349 28.52 4.82 4.54
N HIS D 350 28.97 4.14 5.61
CA HIS D 350 29.25 4.81 6.91
C HIS D 350 30.33 5.88 6.72
N SER D 351 31.34 5.59 5.93
CA SER D 351 32.38 6.57 5.71
C SER D 351 31.86 7.89 5.08
N THR D 352 30.87 7.80 4.19
CA THR D 352 30.37 9.03 3.52
C THR D 352 29.70 10.04 4.50
N ARG D 353 29.35 9.58 5.72
CA ARG D 353 28.70 10.44 6.73
C ARG D 353 29.68 10.88 7.83
N TRP D 354 30.91 10.41 7.78
CA TRP D 354 31.92 10.87 8.73
C TRP D 354 32.29 12.27 8.40
N PRO D 355 32.18 13.19 9.38
CA PRO D 355 32.51 14.59 9.15
C PRO D 355 33.93 14.86 8.61
N GLY D 356 34.91 13.97 8.87
CA GLY D 356 36.23 14.12 8.23
C GLY D 356 36.17 14.16 6.70
N ILE D 357 35.23 13.44 6.09
CA ILE D 357 34.97 13.45 4.61
C ILE D 357 33.83 14.39 4.26
N ALA D 358 32.76 14.29 5.01
CA ALA D 358 31.51 14.96 4.66
C ALA D 358 31.47 16.45 5.00
N GLY D 359 32.43 16.92 5.81
CA GLY D 359 32.38 18.26 6.38
C GLY D 359 31.50 18.23 7.62
N ASP D 360 31.45 19.33 8.36
CA ASP D 360 30.81 19.33 9.68
C ASP D 360 29.32 19.68 9.68
N GLY D 361 28.72 19.92 8.50
CA GLY D 361 27.29 20.22 8.46
C GLY D 361 26.85 21.58 9.06
N ASP D 362 27.78 22.44 9.46
CA ASP D 362 27.45 23.77 10.02
C ASP D 362 27.36 24.83 8.90
N MET D 363 26.16 25.07 8.42
CA MET D 363 25.92 26.10 7.41
C MET D 363 25.48 27.46 7.97
N THR D 364 25.63 27.65 9.27
CA THR D 364 25.32 28.91 9.89
C THR D 364 26.57 29.81 9.76
N GLY D 365 26.47 31.03 10.28
CA GLY D 365 27.61 31.96 10.10
C GLY D 365 27.68 32.30 8.60
N ARG D 366 28.84 32.79 8.13
CA ARG D 366 28.92 33.46 6.84
C ARG D 366 30.22 33.00 6.25
N ALA D 367 30.20 32.65 4.97
CA ALA D 367 31.43 32.22 4.31
C ALA D 367 31.61 32.87 2.91
N LYS D 368 32.86 33.14 2.57
CA LYS D 368 33.20 33.41 1.17
C LYS D 368 34.17 32.33 0.65
N ILE D 369 33.89 31.83 -0.58
CA ILE D 369 34.67 30.76 -1.21
C ILE D 369 35.27 31.32 -2.50
N LYS D 370 36.52 30.93 -2.79
CA LYS D 370 37.10 31.07 -4.10
C LYS D 370 37.80 29.76 -4.38
N ALA D 371 38.15 29.52 -5.65
CA ALA D 371 38.68 28.24 -6.00
C ALA D 371 39.42 28.30 -7.30
N ALA D 372 40.23 27.27 -7.56
CA ALA D 372 40.97 27.19 -8.79
C ALA D 372 41.34 25.76 -9.07
N TYR D 373 41.53 25.45 -10.35
CA TYR D 373 42.11 24.14 -10.77
C TYR D 373 43.59 24.24 -10.79
N ALA D 374 44.27 23.17 -10.31
CA ALA D 374 45.71 23.13 -10.38
C ALA D 374 46.19 21.99 -11.33
N ARG D 375 46.92 22.33 -12.38
CA ARG D 375 47.61 21.36 -13.22
C ARG D 375 48.99 20.97 -12.70
N ARG D 376 49.63 21.86 -11.94
N ARG D 376 49.62 21.86 -11.93
CA ARG D 376 50.92 21.62 -11.31
CA ARG D 376 50.92 21.64 -11.32
C ARG D 376 50.79 22.19 -9.92
C ARG D 376 50.80 22.21 -9.92
N SER D 377 51.69 21.79 -9.03
CA SER D 377 51.63 22.23 -7.63
C SER D 377 52.16 23.67 -7.49
N PHE D 378 51.88 24.37 -6.39
CA PHE D 378 52.35 25.78 -6.20
C PHE D 378 53.87 25.92 -6.28
N ASP D 379 54.29 27.06 -6.80
CA ASP D 379 55.73 27.33 -6.89
C ASP D 379 56.16 27.95 -5.55
N ASP D 380 57.45 28.14 -5.39
CA ASP D 380 58.04 28.61 -4.14
C ASP D 380 57.46 29.96 -3.69
N ARG D 381 57.31 30.91 -4.58
N ARG D 381 57.29 30.89 -4.61
CA ARG D 381 56.75 32.21 -4.19
CA ARG D 381 56.76 32.21 -4.26
C ARG D 381 55.31 32.08 -3.73
C ARG D 381 55.29 32.18 -3.83
N GLN D 382 54.51 31.28 -4.45
CA GLN D 382 53.11 31.10 -4.07
C GLN D 382 53.01 30.47 -2.68
N ILE D 383 53.94 29.58 -2.36
CA ILE D 383 54.03 28.94 -1.05
C ILE D 383 54.40 29.99 0.00
N GLY D 384 55.29 30.92 -0.39
CA GLY D 384 55.67 32.05 0.49
C GLY D 384 54.49 32.95 0.78
N THR D 385 53.69 33.19 -0.25
CA THR D 385 52.46 33.96 -0.11
C THR D 385 51.47 33.33 0.88
N LEU D 386 51.21 32.03 0.70
CA LEU D 386 50.33 31.26 1.59
C LEU D 386 50.82 31.33 3.02
N TYR D 387 52.10 31.06 3.22
CA TYR D 387 52.68 31.12 4.55
C TYR D 387 52.47 32.50 5.21
N THR D 388 52.80 33.57 4.50
CA THR D 388 52.64 34.93 5.01
C THR D 388 51.18 35.24 5.36
N ARG D 389 50.26 34.92 4.48
CA ARG D 389 48.86 35.30 4.73
C ARG D 389 48.16 34.40 5.75
N LEU D 390 48.69 33.18 5.97
CA LEU D 390 48.08 32.21 6.94
C LEU D 390 48.62 32.44 8.36
N THR D 391 49.72 33.16 8.46
CA THR D 391 50.37 33.37 9.76
C THR D 391 50.34 34.84 10.19
N SER D 392 49.82 35.73 9.37
CA SER D 392 49.89 37.14 9.70
C SER D 392 48.70 37.54 10.60
N THR D 393 48.76 38.76 11.16
CA THR D 393 47.61 39.34 11.87
C THR D 393 47.13 40.64 11.15
N TYR D 395 41.37 41.85 10.82
CA TYR D 395 40.66 41.42 12.03
C TYR D 395 40.79 39.87 12.28
N ASP D 396 42.02 39.37 12.08
CA ASP D 396 42.36 37.99 12.39
C ASP D 396 41.23 36.97 12.18
N ASN D 397 41.00 36.52 10.95
CA ASN D 397 40.20 35.27 10.80
C ASN D 397 40.93 33.99 11.27
N PRO D 398 40.57 33.42 12.48
CA PRO D 398 40.98 32.02 12.83
C PRO D 398 40.58 31.00 11.73
N ALA D 399 39.51 31.38 10.99
CA ALA D 399 38.76 30.43 10.19
C ALA D 399 39.35 30.19 8.78
N GLY D 400 40.08 31.15 8.23
CA GLY D 400 40.64 31.00 6.88
C GLY D 400 41.33 29.66 6.61
N VAL D 401 41.12 29.08 5.43
CA VAL D 401 41.84 27.86 5.07
C VAL D 401 42.02 27.82 3.54
N VAL D 402 43.13 27.25 3.09
CA VAL D 402 43.30 26.85 1.70
C VAL D 402 43.36 25.33 1.67
N ALA D 403 42.36 24.72 1.02
CA ALA D 403 42.21 23.25 1.00
C ALA D 403 42.62 22.72 -0.35
N LEU D 404 43.60 21.83 -0.37
CA LEU D 404 43.97 21.18 -1.59
C LEU D 404 43.33 19.82 -1.71
N ILE D 405 42.43 19.72 -2.66
CA ILE D 405 41.55 18.57 -2.80
C ILE D 405 42.03 17.68 -3.95
N ALA D 406 42.36 16.42 -3.64
CA ALA D 406 42.79 15.43 -4.65
C ALA D 406 41.84 15.34 -5.82
N TYR D 407 42.38 15.31 -7.04
CA TYR D 407 41.52 15.31 -8.22
C TYR D 407 42.24 14.58 -9.40
N GLY D 408 41.70 14.60 -10.61
CA GLY D 408 42.36 13.88 -11.68
C GLY D 408 41.92 12.43 -11.74
N GLY D 409 42.88 11.51 -11.93
CA GLY D 409 42.58 10.09 -11.92
C GLY D 409 41.70 9.80 -13.12
N LYS D 410 40.65 9.02 -12.90
CA LYS D 410 39.72 8.72 -14.00
C LYS D 410 38.98 9.93 -14.58
N VAL D 411 38.85 11.03 -13.83
CA VAL D 411 38.31 12.29 -14.45
C VAL D 411 39.08 12.57 -15.75
N ASN D 412 40.38 12.25 -15.76
CA ASN D 412 41.28 12.71 -16.78
C ASN D 412 41.37 11.73 -17.95
N ALA D 413 40.58 10.66 -17.87
CA ALA D 413 40.40 9.70 -18.98
C ALA D 413 39.44 10.23 -20.08
N VAL D 414 38.69 11.28 -19.76
CA VAL D 414 37.62 11.73 -20.65
C VAL D 414 38.20 12.86 -21.47
N PRO D 415 38.03 12.82 -22.78
CA PRO D 415 38.51 13.98 -23.59
C PRO D 415 37.88 15.30 -23.10
N ALA D 416 38.67 16.37 -23.12
CA ALA D 416 38.25 17.70 -22.69
C ALA D 416 36.96 18.22 -23.34
N ASP D 417 36.63 17.78 -24.58
CA ASP D 417 35.43 18.28 -25.26
C ASP D 417 34.20 17.40 -25.18
N ARG D 418 34.32 16.25 -24.54
CA ARG D 418 33.19 15.32 -24.52
C ARG D 418 32.05 15.74 -23.60
N THR D 419 32.35 16.52 -22.58
CA THR D 419 31.30 17.01 -21.66
C THR D 419 31.53 18.53 -21.62
N ALA D 420 30.68 19.22 -20.86
CA ALA D 420 30.88 20.64 -20.58
C ALA D 420 31.82 20.85 -19.37
N VAL D 421 32.43 19.78 -18.90
CA VAL D 421 33.52 19.91 -17.94
C VAL D 421 34.78 19.89 -18.76
N ALA D 422 35.36 21.07 -18.99
CA ALA D 422 36.57 21.23 -19.83
C ALA D 422 37.94 20.92 -19.18
N GLN D 423 38.00 20.89 -17.84
CA GLN D 423 39.23 20.66 -17.18
C GLN D 423 39.43 19.19 -16.91
N ARG D 424 40.17 18.55 -17.81
CA ARG D 424 40.36 17.11 -17.79
C ARG D 424 41.81 16.72 -17.74
N ASP D 425 42.68 17.61 -17.23
CA ASP D 425 44.09 17.25 -17.00
C ASP D 425 44.68 17.83 -15.67
N SER D 426 43.79 18.17 -14.74
CA SER D 426 44.17 18.75 -13.46
C SER D 426 44.46 17.68 -12.39
N ILE D 427 45.23 18.06 -11.38
CA ILE D 427 45.59 17.14 -10.30
C ILE D 427 44.96 17.47 -8.96
N LEU D 428 44.47 18.69 -8.80
CA LEU D 428 43.87 19.19 -7.53
C LEU D 428 42.88 20.27 -7.82
N LYS D 429 41.87 20.35 -6.95
CA LYS D 429 41.07 21.56 -6.87
C LYS D 429 41.58 22.24 -5.61
N ILE D 430 41.76 23.55 -5.67
CA ILE D 430 42.25 24.33 -4.52
C ILE D 430 41.13 25.27 -4.17
N VAL D 431 40.72 25.24 -2.87
CA VAL D 431 39.55 25.99 -2.42
C VAL D 431 40.04 26.90 -1.34
N TYR D 432 39.72 28.20 -1.43
CA TYR D 432 40.18 29.18 -0.49
C TYR D 432 38.91 29.54 0.26
N VAL D 433 38.98 29.63 1.57
CA VAL D 433 37.76 29.96 2.31
C VAL D 433 38.01 30.82 3.54
N THR D 434 37.09 31.75 3.77
CA THR D 434 37.07 32.42 5.06
C THR D 434 35.63 32.39 5.58
N THR D 435 35.46 32.23 6.90
CA THR D 435 34.10 32.21 7.49
C THR D 435 34.12 33.11 8.72
N TRP D 436 32.98 33.64 9.08
CA TRP D 436 32.90 34.57 10.23
C TRP D 436 31.44 34.63 10.67
N GLU D 437 31.18 35.28 11.80
CA GLU D 437 29.84 35.35 12.40
C GLU D 437 29.20 36.71 12.28
N ASP D 438 29.97 37.79 12.45
CA ASP D 438 29.36 39.10 12.61
C ASP D 438 28.85 39.58 11.25
N PRO D 439 27.53 39.80 11.10
CA PRO D 439 27.03 40.26 9.78
C PRO D 439 27.47 41.65 9.40
N ALA D 440 28.12 42.36 10.32
CA ALA D 440 28.59 43.72 10.06
C ALA D 440 30.05 43.76 9.58
N GLN D 441 30.66 42.58 9.47
CA GLN D 441 32.07 42.49 9.19
C GLN D 441 32.40 41.77 7.88
N ASP D 442 31.44 41.76 6.95
CA ASP D 442 31.75 41.18 5.66
C ASP D 442 32.99 41.80 4.98
N PRO D 443 33.07 43.18 4.91
CA PRO D 443 34.19 43.68 4.12
C PRO D 443 35.57 43.17 4.48
N VAL D 444 35.93 43.19 5.76
CA VAL D 444 37.27 42.74 6.15
C VAL D 444 37.58 41.27 5.77
N HIS D 445 36.61 40.38 5.95
CA HIS D 445 36.81 38.98 5.53
C HIS D 445 36.89 38.76 4.00
N VAL D 446 35.98 39.42 3.27
CA VAL D 446 35.99 39.40 1.82
C VAL D 446 37.36 39.94 1.27
N ARG D 447 37.86 41.01 1.86
N ARG D 447 37.85 41.01 1.88
CA ARG D 447 39.12 41.59 1.43
CA ARG D 447 39.10 41.63 1.50
C ARG D 447 40.26 40.62 1.69
C ARG D 447 40.26 40.67 1.72
N TRP D 448 40.28 40.03 2.88
CA TRP D 448 41.32 39.04 3.23
C TRP D 448 41.47 37.92 2.20
N ILE D 449 40.35 37.31 1.85
CA ILE D 449 40.31 36.24 0.87
C ILE D 449 40.58 36.73 -0.56
N ARG D 450 40.03 37.93 -0.94
CA ARG D 450 40.37 38.54 -2.24
C ARG D 450 41.88 38.80 -2.40
N GLU D 451 42.51 39.39 -1.37
N GLU D 451 42.51 39.40 -1.38
CA GLU D 451 43.96 39.68 -1.45
CA GLU D 451 43.94 39.69 -1.47
C GLU D 451 44.78 38.42 -1.49
C GLU D 451 44.81 38.43 -1.46
N LEU D 452 44.41 37.40 -0.69
CA LEU D 452 45.15 36.15 -0.71
C LEU D 452 45.15 35.51 -2.10
N TYR D 453 43.97 35.39 -2.70
CA TYR D 453 43.76 34.78 -4.01
C TYR D 453 44.45 35.57 -5.11
N ARG D 454 44.26 36.88 -5.09
CA ARG D 454 44.93 37.75 -6.10
C ARG D 454 46.44 37.55 -6.07
N ASP D 455 46.94 37.55 -4.85
CA ASP D 455 48.37 37.38 -4.63
C ASP D 455 48.90 36.05 -5.11
N VAL D 456 48.17 34.95 -4.83
CA VAL D 456 48.58 33.64 -5.32
C VAL D 456 48.69 33.61 -6.84
N TYR D 457 47.69 34.19 -7.52
CA TYR D 457 47.57 34.20 -8.97
C TYR D 457 48.02 35.50 -9.59
N ALA D 458 48.85 36.26 -8.87
CA ALA D 458 49.22 37.62 -9.34
C ALA D 458 49.90 37.65 -10.70
N ASP D 459 50.67 36.59 -11.02
CA ASP D 459 51.46 36.58 -12.25
C ASP D 459 50.61 36.36 -13.46
N THR D 460 49.37 36.01 -13.23
CA THR D 460 48.42 35.86 -14.31
C THR D 460 47.13 36.70 -14.04
N GLY D 461 47.31 37.92 -13.60
CA GLY D 461 46.18 38.88 -13.56
C GLY D 461 45.27 38.67 -12.36
N GLY D 462 45.80 37.95 -11.36
CA GLY D 462 45.01 37.74 -10.19
C GLY D 462 44.01 36.62 -10.27
N VAL D 463 43.98 35.87 -11.36
CA VAL D 463 42.99 34.79 -11.51
C VAL D 463 43.69 33.55 -12.09
N PRO D 464 43.10 32.35 -11.87
CA PRO D 464 43.86 31.16 -12.36
C PRO D 464 43.73 30.94 -13.89
N VAL D 465 44.44 31.69 -14.71
CA VAL D 465 44.29 31.52 -16.16
C VAL D 465 44.50 30.06 -16.59
N PRO D 466 43.59 29.52 -17.42
CA PRO D 466 43.78 28.16 -17.94
C PRO D 466 45.06 27.93 -18.73
N GLY D 467 45.48 26.67 -18.73
CA GLY D 467 46.53 26.24 -19.68
C GLY D 467 47.95 26.54 -19.24
N GLY D 468 48.17 26.78 -17.94
CA GLY D 468 49.54 26.92 -17.39
C GLY D 468 49.60 26.08 -16.11
N ALA D 469 50.09 26.66 -15.04
CA ALA D 469 50.11 26.02 -13.76
C ALA D 469 48.66 25.77 -13.21
N ALA D 470 47.67 26.56 -13.68
CA ALA D 470 46.29 26.43 -13.24
C ALA D 470 45.44 26.08 -14.45
N ASP D 471 44.18 25.67 -14.28
CA ASP D 471 43.35 25.44 -15.39
C ASP D 471 42.00 26.14 -15.25
N GLY D 472 42.01 27.35 -14.70
CA GLY D 472 40.71 28.02 -14.52
C GLY D 472 40.02 27.68 -13.22
N ALA D 473 38.70 27.63 -13.29
CA ALA D 473 37.83 27.60 -12.12
C ALA D 473 36.65 26.66 -12.34
N TYR D 474 36.02 26.26 -11.24
CA TYR D 474 34.99 25.26 -11.29
C TYR D 474 33.63 25.92 -11.01
N VAL D 475 32.66 25.75 -11.89
CA VAL D 475 31.38 26.50 -11.82
C VAL D 475 30.53 26.20 -10.55
N ASN D 476 30.71 25.03 -9.94
CA ASN D 476 30.02 24.73 -8.64
C ASN D 476 30.65 25.41 -7.42
N TYR D 477 31.81 26.06 -7.63
CA TYR D 477 32.42 26.95 -6.63
C TYR D 477 32.44 28.39 -7.25
N PRO D 478 31.26 28.98 -7.56
CA PRO D 478 31.30 30.27 -8.30
C PRO D 478 31.79 31.45 -7.47
N ASP D 479 32.41 32.42 -8.15
CA ASP D 479 33.00 33.58 -7.51
C ASP D 479 32.81 34.76 -8.47
N VAL D 480 31.82 35.62 -8.20
CA VAL D 480 31.59 36.80 -9.06
C VAL D 480 32.80 37.74 -9.31
N ASP D 481 33.78 37.69 -8.43
CA ASP D 481 34.97 38.53 -8.55
C ASP D 481 35.78 38.12 -9.81
N LEU D 482 35.53 36.93 -10.35
CA LEU D 482 36.26 36.53 -11.54
C LEU D 482 35.77 37.32 -12.78
N ALA D 483 34.59 37.98 -12.67
CA ALA D 483 34.11 38.88 -13.75
C ALA D 483 34.23 40.34 -13.43
N ASP D 484 34.94 40.69 -12.36
CA ASP D 484 35.05 42.01 -11.84
C ASP D 484 36.47 42.56 -12.26
N GLU D 485 36.46 43.62 -13.08
CA GLU D 485 37.70 44.26 -13.60
C GLU D 485 38.65 44.66 -12.51
N GLU D 486 38.16 44.96 -11.32
CA GLU D 486 39.06 45.32 -10.24
C GLU D 486 39.87 44.11 -9.68
N TRP D 487 39.39 42.87 -9.88
CA TRP D 487 40.06 41.69 -9.34
C TRP D 487 40.65 40.77 -10.42
N ASN D 488 40.20 40.92 -11.66
CA ASN D 488 40.67 40.11 -12.77
C ASN D 488 41.30 41.09 -13.77
N THR D 489 42.63 41.15 -13.77
CA THR D 489 43.38 42.00 -14.70
C THR D 489 44.10 41.15 -15.74
N SER D 490 43.63 39.91 -15.89
CA SER D 490 44.29 38.98 -16.85
C SER D 490 43.92 39.18 -18.31
N GLY D 491 42.83 39.90 -18.59
CA GLY D 491 42.33 39.99 -19.99
C GLY D 491 41.51 38.76 -20.47
N VAL D 492 41.33 37.77 -19.58
CA VAL D 492 40.63 36.56 -19.89
C VAL D 492 39.28 36.67 -19.16
N PRO D 493 38.15 36.47 -19.88
CA PRO D 493 36.90 36.69 -19.31
C PRO D 493 36.49 35.56 -18.39
N TRP D 494 35.56 35.84 -17.51
CA TRP D 494 35.15 34.87 -16.48
C TRP D 494 34.72 33.56 -17.18
N SER D 495 34.07 33.68 -18.34
CA SER D 495 33.51 32.54 -19.03
C SER D 495 34.61 31.61 -19.56
N GLU D 496 35.74 32.17 -19.98
CA GLU D 496 36.87 31.34 -20.39
C GLU D 496 37.54 30.67 -19.16
N LEU D 497 37.51 31.33 -17.99
CA LEU D 497 38.10 30.76 -16.79
C LEU D 497 37.27 29.54 -16.36
N TYR D 498 35.89 29.62 -16.41
CA TYR D 498 35.12 28.43 -16.00
C TYR D 498 34.99 27.38 -17.07
N TYR D 499 34.81 27.82 -18.32
CA TYR D 499 34.41 26.86 -19.36
C TYR D 499 35.44 26.64 -20.45
N LYS D 500 36.51 27.45 -20.46
CA LYS D 500 37.56 27.25 -21.46
C LYS D 500 36.88 27.21 -22.84
N ASP D 501 37.27 26.32 -23.74
CA ASP D 501 36.67 26.30 -25.11
C ASP D 501 35.29 25.71 -25.17
N ALA D 502 34.72 25.23 -24.05
CA ALA D 502 33.28 24.84 -24.09
C ALA D 502 32.35 26.04 -24.27
N TYR D 503 32.81 27.23 -23.95
CA TYR D 503 31.90 28.38 -23.93
C TYR D 503 31.12 28.66 -25.24
N PRO D 504 31.78 28.76 -26.42
CA PRO D 504 30.89 29.01 -27.58
C PRO D 504 29.79 27.94 -27.75
N ARG D 505 30.14 26.65 -27.52
CA ARG D 505 29.10 25.66 -27.65
C ARG D 505 27.94 25.87 -26.63
N LEU D 506 28.25 26.24 -25.37
CA LEU D 506 27.20 26.51 -24.35
C LEU D 506 26.35 27.75 -24.78
N GLN D 507 27.03 28.71 -25.38
CA GLN D 507 26.34 29.86 -25.97
C GLN D 507 25.33 29.49 -27.06
N ALA D 508 25.71 28.55 -27.94
CA ALA D 508 24.79 28.10 -29.01
C ALA D 508 23.57 27.41 -28.38
N VAL D 509 23.79 26.62 -27.32
CA VAL D 509 22.71 25.90 -26.64
C VAL D 509 21.78 26.95 -25.98
N LYS D 510 22.41 27.92 -25.31
CA LYS D 510 21.67 29.03 -24.71
C LYS D 510 20.72 29.68 -25.75
N ALA D 511 21.25 29.96 -26.96
CA ALA D 511 20.44 30.75 -27.94
C ALA D 511 19.30 29.92 -28.44
N ARG D 512 19.54 28.62 -28.52
CA ARG D 512 18.53 27.73 -29.04
C ARG D 512 17.43 27.44 -28.01
N TRP D 513 17.83 27.21 -26.74
CA TRP D 513 16.86 26.69 -25.73
C TRP D 513 16.34 27.72 -24.77
N ASP D 514 17.08 28.79 -24.55
CA ASP D 514 16.64 29.90 -23.70
C ASP D 514 16.83 31.28 -24.39
N PRO D 515 16.25 31.44 -25.61
CA PRO D 515 16.43 32.67 -26.44
C PRO D 515 15.95 33.93 -25.70
N ARG D 516 15.02 33.79 -24.76
CA ARG D 516 14.60 34.97 -24.01
C ARG D 516 15.49 35.29 -22.82
N ASN D 517 16.47 34.43 -22.54
CA ASN D 517 17.35 34.62 -21.39
C ASN D 517 16.51 34.70 -20.08
N VAL D 518 15.55 33.81 -19.97
CA VAL D 518 14.76 33.62 -18.72
C VAL D 518 15.66 33.21 -17.52
N PHE D 519 16.63 32.37 -17.79
CA PHE D 519 17.49 31.83 -16.75
C PHE D 519 18.87 32.49 -16.74
N ARG D 520 19.09 33.36 -15.73
CA ARG D 520 20.28 34.20 -15.69
C ARG D 520 20.68 34.52 -14.27
N HIS D 521 21.92 34.94 -14.10
CA HIS D 521 22.44 35.33 -12.78
C HIS D 521 23.83 35.84 -13.12
N ALA D 522 24.53 36.46 -12.16
CA ALA D 522 25.97 36.73 -12.40
C ALA D 522 26.64 35.43 -12.83
N LEU D 523 27.54 35.51 -13.82
CA LEU D 523 28.23 34.31 -14.33
C LEU D 523 27.31 33.31 -14.99
N SER D 524 26.14 33.74 -15.49
CA SER D 524 25.35 32.85 -16.34
C SER D 524 25.82 32.89 -17.78
N VAL D 525 25.68 31.76 -18.44
CA VAL D 525 25.94 31.64 -19.87
C VAL D 525 25.09 32.64 -20.62
N ARG D 526 25.74 33.44 -21.45
CA ARG D 526 25.06 34.55 -22.11
C ARG D 526 25.46 34.53 -23.57
N VAL D 527 24.51 34.75 -24.49
CA VAL D 527 24.82 34.82 -25.89
C VAL D 527 25.66 36.08 -26.24
N PRO D 528 26.42 36.05 -27.39
CA PRO D 528 27.23 37.22 -27.77
C PRO D 528 26.37 38.48 -27.92
N PRO D 529 26.90 39.69 -27.53
CA PRO D 529 26.08 40.91 -27.63
C PRO D 529 25.68 41.07 -29.08
N ALA D 530 24.39 41.31 -29.35
CA ALA D 530 23.87 41.44 -30.75
C ALA D 530 24.10 42.87 -31.31
PA FAD E . -18.10 -26.90 2.46
O1A FAD E . -19.47 -27.47 2.62
O2A FAD E . -17.66 -25.67 3.31
O5B FAD E . -17.02 -28.04 2.69
C5B FAD E . -17.24 -29.37 2.17
C4B FAD E . -16.36 -30.37 2.95
O4B FAD E . -15.01 -29.91 3.02
C3B FAD E . -16.82 -30.45 4.39
O3B FAD E . -16.44 -31.75 4.94
C2B FAD E . -16.02 -29.38 5.07
O2B FAD E . -15.93 -29.68 6.45
C1B FAD E . -14.68 -29.59 4.39
N9A FAD E . -13.93 -28.33 4.49
C8A FAD E . -14.42 -27.10 4.18
N7A FAD E . -13.46 -26.21 4.46
C5A FAD E . -12.36 -26.87 4.92
C6A FAD E . -11.07 -26.48 5.37
N6A FAD E . -10.69 -25.18 5.35
N1A FAD E . -10.16 -27.44 5.80
C2A FAD E . -10.56 -28.76 5.81
N3A FAD E . -11.80 -29.12 5.43
C4A FAD E . -12.69 -28.21 4.95
N1 FAD E . -17.07 -29.40 -7.94
C2 FAD E . -16.23 -29.52 -8.96
O2 FAD E . -15.21 -30.26 -8.81
N3 FAD E . -16.46 -28.87 -10.13
C4 FAD E . -17.50 -28.03 -10.33
O4 FAD E . -17.64 -27.49 -11.54
C4X FAD E . -18.35 -27.85 -9.22
N5 FAD E . -19.49 -27.06 -9.23
C5X FAD E . -20.25 -26.84 -8.11
C6 FAD E . -21.34 -25.96 -8.16
C7 FAD E . -22.19 -25.76 -7.12
C7M FAD E . -23.31 -24.75 -7.39
C8 FAD E . -21.97 -26.45 -5.92
C8M FAD E . -22.93 -26.27 -4.72
C9 FAD E . -20.90 -27.36 -5.85
C9A FAD E . -20.02 -27.58 -6.94
N10 FAD E . -18.95 -28.41 -6.96
C10 FAD E . -18.11 -28.52 -8.02
C1' FAD E . -18.65 -29.23 -5.74
C2' FAD E . -17.63 -28.67 -4.77
O2' FAD E . -16.40 -28.96 -5.47
C3' FAD E . -17.85 -29.39 -3.44
O3' FAD E . -19.25 -29.18 -3.00
C4' FAD E . -16.84 -28.84 -2.41
O4' FAD E . -16.56 -29.80 -1.40
C5' FAD E . -17.45 -27.62 -1.75
O5' FAD E . -16.45 -26.94 -0.99
P FAD E . -17.01 -25.76 -0.07
O1P FAD E . -17.90 -24.87 -0.85
O2P FAD E . -15.81 -25.19 0.65
O3P FAD E . -18.02 -26.63 0.89
N TIR F . -30.97 -26.56 -5.22
C1 TIR F . -29.74 -27.09 -4.59
O1 TIR F . -27.86 -28.20 -5.74
C2 TIR F . -29.01 -27.64 -5.80
O2 TIR F . -23.86 -28.70 -12.39
C3 TIR F . -29.72 -27.50 -7.05
O3 TIR F . -22.62 -27.47 -10.85
C4 TIR F . -29.37 -27.87 -8.41
O4 TIR F . -20.19 -30.13 -10.08
C5 TIR F . -28.15 -28.61 -8.70
O5 TIR F . -30.23 -27.57 -9.39
C6 TIR F . -27.87 -29.02 -9.94
O6 TIR F . -31.85 -26.44 -7.36
C7 TIR F . -26.66 -29.86 -10.19
C8 TIR F . -26.20 -29.93 -11.45
C9 TIR F . -24.99 -30.77 -11.86
C10 TIR F . -23.70 -29.96 -11.69
C11 TIR F . -22.86 -27.70 -12.24
C12 TIR F . -23.29 -26.39 -12.94
C13 TIR F . -22.15 -28.64 -10.12
C14 TIR F . -23.20 -29.76 -10.23
C15 TIR F . -22.73 -31.08 -9.63
C16 TIR F . -20.75 -28.94 -10.65
C17 TIR F . -20.65 -28.86 -12.19
C18 TIR F . -21.65 -28.28 -12.94
C19 TIR F . -21.69 -28.23 -14.47
C20 TIR F . -25.08 -31.13 -13.35
C21 TIR F . -26.03 -30.64 -9.02
C22 TIR F . -30.92 -26.78 -6.56
MG MG G . -31.75 -26.11 -9.58
C1 GOL H . -27.22 -25.68 -11.41
O1 GOL H . -27.78 -24.71 -12.25
C2 GOL H . -26.12 -25.05 -10.52
O2 GOL H . -26.81 -24.09 -9.81
C3 GOL H . -25.84 -26.00 -9.38
O3 GOL H . -24.58 -26.65 -9.44
CL CL I . -21.89 -36.96 8.20
PA FAD J . -20.10 0.87 -13.31
O1A FAD J . -20.53 0.59 -14.67
O2A FAD J . -18.64 0.50 -12.82
O5B FAD J . -20.36 2.43 -13.03
C5B FAD J . -21.58 3.10 -13.33
C4B FAD J . -21.29 4.62 -13.46
O4B FAD J . -20.73 5.09 -12.24
C3B FAD J . -20.26 5.00 -14.52
O3B FAD J . -20.52 6.35 -14.98
C2B FAD J . -18.95 5.00 -13.78
O2B FAD J . -17.91 5.69 -14.50
C1B FAD J . -19.41 5.58 -12.45
N9A FAD J . -18.52 5.06 -11.40
C8A FAD J . -18.20 3.73 -11.14
N7A FAD J . -17.29 3.69 -10.16
C5A FAD J . -17.08 4.99 -9.75
C6A FAD J . -16.27 5.58 -8.77
N6A FAD J . -15.47 4.86 -7.93
N1A FAD J . -16.31 6.94 -8.67
C2A FAD J . -17.08 7.72 -9.48
N3A FAD J . -17.87 7.18 -10.42
C4A FAD J . -17.88 5.84 -10.56
N1 FAD J . -29.81 -0.68 -8.93
C2 FAD J . -30.59 -0.52 -7.86
O2 FAD J . -30.63 0.63 -7.44
N3 FAD J . -31.25 -1.55 -7.25
C4 FAD J . -31.10 -2.80 -7.69
O4 FAD J . -31.73 -3.74 -7.11
C4X FAD J . -30.27 -3.00 -8.82
N5 FAD J . -30.01 -4.24 -9.36
C5X FAD J . -29.16 -4.37 -10.40
C6 FAD J . -28.88 -5.62 -10.93
C7 FAD J . -28.05 -5.87 -12.03
C7M FAD J . -27.83 -7.32 -12.50
C8 FAD J . -27.44 -4.74 -12.61
C8M FAD J . -26.55 -4.89 -13.83
C9 FAD J . -27.69 -3.47 -12.11
C9A FAD J . -28.58 -3.25 -11.02
N10 FAD J . -28.86 -2.01 -10.51
C10 FAD J . -29.66 -1.90 -9.44
C1' FAD J . -28.28 -0.77 -11.10
C2' FAD J . -26.94 -0.29 -10.61
O2' FAD J . -27.28 0.37 -9.38
C3' FAD J . -26.31 0.67 -11.63
O3' FAD J . -25.99 -0.09 -12.90
C4' FAD J . -25.05 1.25 -10.94
O4' FAD J . -24.65 2.56 -11.39
C5' FAD J . -23.89 0.29 -11.29
O5' FAD J . -22.75 0.46 -10.45
P FAD J . -21.39 -0.27 -10.89
O1P FAD J . -21.69 -1.72 -10.86
O2P FAD J . -20.19 0.24 -10.06
O3P FAD J . -21.25 0.26 -12.40
N TRK K . -28.62 -9.47 -20.55
C1 TRK K . -34.33 -5.27 -12.87
O1 TRK K . -34.22 -6.60 -12.27
C2 TRK K . -35.12 -5.45 -14.19
O2 TRK K . -30.43 -10.86 -20.21
C3 TRK K . -36.57 -5.85 -13.88
O3 TRK K . -29.22 -6.72 -18.40
C4 TRK K . -34.54 -6.59 -15.04
O4 TRK K . -32.40 -9.88 -18.32
C5 TRK K . -33.62 -6.49 -16.00
O5 TRK K . -32.05 -6.25 -11.51
C6 TRK K . -33.19 -7.69 -16.78
O6 TRK K . -32.34 -2.80 -10.66
C7 TRK K . -31.98 -7.75 -17.32
C8 TRK K . -31.58 -8.85 -18.18
C9 TRK K . -30.32 -8.81 -18.97
C10 TRK K . -29.81 -9.78 -19.95
C11 TRK K . -28.13 -8.20 -20.00
C12 TRK K . -29.26 -7.83 -19.08
C13 TRK K . -33.05 -5.14 -16.44
C14 TRK K . -32.97 -4.61 -13.07
C15 TRK K . -33.11 -3.14 -13.54
C16 TRK K . -32.06 -4.83 -11.85
C17 TRK K . -33.36 -6.71 -11.11
C18 TRK K . -33.27 -8.17 -10.63
C19 TRK K . -34.00 -5.87 -10.00
C20 TRK K . -35.13 -6.48 -9.22
C21 TRK K . -33.62 -4.59 -9.79
C22 TRK K . -32.61 -4.00 -10.70
MG MG L . -31.93 -11.75 -19.10
C1 GOL M . -32.35 -10.60 -14.55
O1 GOL M . -32.69 -11.80 -13.85
C2 GOL M . -31.27 -9.86 -13.74
O2 GOL M . -30.09 -10.56 -13.90
C3 GOL M . -30.95 -8.55 -14.44
O3 GOL M . -30.83 -7.45 -13.55
C1 GOL N . -30.25 3.88 -27.06
O1 GOL N . -31.59 4.25 -26.66
C2 GOL N . -29.34 3.71 -25.81
O2 GOL N . -28.95 2.42 -25.67
C3 GOL N . -28.08 4.60 -25.68
O3 GOL N . -26.83 4.17 -26.20
CL CL O . -21.69 8.47 -22.74
PA FAD P . 17.25 1.51 15.57
O1A FAD P . 18.59 1.17 16.10
O2A FAD P . 16.80 1.06 14.13
O5B FAD P . 16.13 0.89 16.57
C5B FAD P . 16.18 1.02 17.99
C4B FAD P . 15.29 -0.05 18.65
O4B FAD P . 13.95 0.02 18.13
C3B FAD P . 15.78 -1.44 18.28
O3B FAD P . 15.37 -2.33 19.31
C2B FAD P . 14.99 -1.78 17.04
O2B FAD P . 14.93 -3.19 16.82
C1B FAD P . 13.63 -1.13 17.35
N9A FAD P . 12.97 -0.72 16.11
C8A FAD P . 13.53 0.01 15.08
N7A FAD P . 12.59 0.11 14.11
C5A FAD P . 11.45 -0.52 14.54
C6A FAD P . 10.18 -0.78 14.00
N6A FAD P . 9.82 -0.33 12.75
N1A FAD P . 9.24 -1.52 14.74
C2A FAD P . 9.58 -1.98 15.94
N3A FAD P . 10.82 -1.76 16.48
C4A FAD P . 11.73 -1.05 15.82
N1 FAD P . 16.43 10.53 21.39
C2 FAD P . 15.62 11.52 21.81
O2 FAD P . 14.58 11.21 22.38
N3 FAD P . 15.88 12.83 21.64
C4 FAD P . 16.98 13.17 20.94
O4 FAD P . 17.22 14.39 20.75
C4X FAD P . 17.83 12.17 20.42
N5 FAD P . 18.95 12.46 19.69
C5X FAD P . 19.73 11.41 19.18
C6 FAD P . 20.84 11.69 18.40
C7 FAD P . 21.70 10.75 17.89
C7M FAD P . 22.92 11.20 17.07
C8 FAD P . 21.40 9.41 18.18
C8M FAD P . 22.32 8.31 17.67
C9 FAD P . 20.30 9.07 18.97
C9A FAD P . 19.45 10.07 19.50
N10 FAD P . 18.36 9.80 20.25
C10 FAD P . 17.55 10.82 20.69
C1' FAD P . 17.95 8.41 20.66
C2' FAD P . 17.00 7.69 19.75
O2' FAD P . 15.76 8.23 20.15
C3' FAD P . 17.08 6.19 19.98
O3' FAD P . 18.43 5.74 19.70
C4' FAD P . 16.07 5.45 19.08
O4' FAD P . 15.61 4.22 19.66
C5' FAD P . 16.70 5.20 17.71
O5' FAD P . 15.70 4.81 16.77
P FAD P . 16.27 4.26 15.37
O1P FAD P . 17.26 5.25 14.80
O2P FAD P . 15.02 3.89 14.57
O3P FAD P . 17.15 3.06 15.94
N TIR Q . 30.39 8.23 18.37
C1 TIR Q . 29.09 7.53 18.62
O1 TIR Q . 27.24 8.30 19.98
C2 TIR Q . 28.41 8.52 19.50
O2 TIR Q . 23.37 14.66 22.47
C3 TIR Q . 29.17 9.73 19.76
O3 TIR Q . 22.18 13.58 20.76
C4 TIR Q . 28.82 10.90 20.57
O4 TIR Q . 19.55 12.11 22.82
C5 TIR Q . 27.55 10.91 21.30
O5 TIR Q . 29.67 11.90 20.67
C6 TIR Q . 27.34 11.89 22.13
O6 TIR Q . 31.38 10.25 18.93
C7 TIR Q . 26.11 11.92 22.93
C8 TIR Q . 25.63 13.12 23.33
C9 TIR Q . 24.40 13.42 24.22
C10 TIR Q . 23.11 13.59 23.40
C11 TIR Q . 22.39 14.84 21.43
C12 TIR Q . 22.86 15.87 20.37
C13 TIR Q . 21.66 12.53 21.60
C14 TIR Q . 22.66 12.28 22.71
C15 TIR Q . 22.16 11.27 23.75
C16 TIR Q . 20.21 13.00 21.93
C17 TIR Q . 20.12 14.46 22.40
C18 TIR Q . 21.12 15.34 22.11
C19 TIR Q . 21.12 16.81 22.50
C20 TIR Q . 24.70 14.65 25.11
C21 TIR Q . 25.47 10.59 23.28
C22 TIR Q . 30.38 9.44 18.98
MG MG R . 31.32 12.35 19.44
C1 GOL S . 27.28 14.62 19.29
O1 GOL S . 27.60 15.95 18.92
C2 GOL S . 26.74 13.85 18.08
O2 GOL S . 27.27 12.58 18.14
C3 GOL S . 25.22 13.69 18.14
O3 GOL S . 24.86 12.72 19.14
C1 GOL T . 27.61 -1.43 27.05
O1 GOL T . 26.50 -2.08 26.64
C2 GOL T . 27.60 -1.87 28.47
O2 GOL T . 28.36 -3.03 28.63
C3 GOL T . 28.15 -0.81 29.36
O3 GOL T . 27.60 -1.36 30.51
CL CL U . 2.96 -1.17 3.20
CL CL V . 20.43 -7.40 23.35
PA FAD W . 21.13 25.50 -5.25
O1A FAD W . 21.60 26.66 -4.47
O2A FAD W . 19.63 25.02 -5.21
O5B FAD W . 21.44 25.71 -6.81
C5B FAD W . 22.73 26.19 -7.29
C4B FAD W . 22.55 26.75 -8.71
O4B FAD W . 21.97 25.76 -9.56
C3B FAD W . 21.55 27.89 -8.70
O3B FAD W . 21.79 28.76 -9.79
C2B FAD W . 20.23 27.24 -9.02
O2B FAD W . 19.28 28.15 -9.57
C1B FAD W . 20.70 26.18 -10.01
N9A FAD W . 19.75 25.06 -9.93
C8A FAD W . 19.35 24.42 -8.79
N7A FAD W . 18.44 23.50 -9.11
C5A FAD W . 18.25 23.54 -10.44
C6A FAD W . 17.46 22.83 -11.34
N6A FAD W . 16.63 21.84 -10.92
N1A FAD W . 17.53 23.16 -12.67
C2A FAD W . 18.34 24.14 -13.13
N3A FAD W . 19.12 24.81 -12.27
C4A FAD W . 19.09 24.53 -10.95
N1 FAD W . 30.63 20.37 -4.90
C2 FAD W . 31.39 19.37 -5.36
O2 FAD W . 31.56 19.27 -6.57
N3 FAD W . 31.96 18.44 -4.53
C4 FAD W . 31.75 18.47 -3.23
O4 FAD W . 32.31 17.58 -2.52
C4X FAD W . 30.92 19.51 -2.71
N5 FAD W . 30.68 19.61 -1.38
C5X FAD W . 29.83 20.59 -0.93
C6 FAD W . 29.48 20.64 0.41
C7 FAD W . 28.66 21.64 0.97
C7M FAD W . 28.42 21.58 2.46
C8 FAD W . 28.15 22.61 0.11
C8M FAD W . 27.26 23.71 0.64
C9 FAD W . 28.46 22.55 -1.28
C9A FAD W . 29.31 21.56 -1.79
N10 FAD W . 29.60 21.49 -3.11
C10 FAD W . 30.39 20.46 -3.58
C1' FAD W . 29.07 22.53 -4.03
C2' FAD W . 27.84 22.17 -4.85
O2' FAD W . 28.26 21.21 -5.81
C3' FAD W . 27.27 23.44 -5.45
O3' FAD W . 27.03 24.34 -4.32
C4' FAD W . 25.97 23.04 -6.14
O4' FAD W . 25.66 23.95 -7.21
C5' FAD W . 24.81 23.09 -5.13
O5' FAD W . 23.62 22.55 -5.74
P FAD W . 22.26 22.79 -4.93
O1P FAD W . 22.53 22.24 -3.53
O2P FAD W . 21.15 22.11 -5.80
O3P FAD W . 22.18 24.38 -4.82
N TRK X . 29.18 28.37 7.11
C1 TRK X . 35.06 22.41 1.02
O1 TRK X . 34.83 21.43 2.08
C2 TRK X . 35.83 23.57 1.65
O2 TRK X . 30.93 27.59 8.38
C3 TRK X . 37.28 23.12 1.97
O3 TRK X . 30.05 27.24 3.83
C4 TRK X . 35.19 23.96 2.99
O4 TRK X . 32.89 26.25 7.03
C5 TRK X . 34.33 24.97 3.11
O5 TRK X . 32.67 20.85 1.30
C6 TRK X . 33.84 25.31 4.46
O6 TRK X . 33.01 21.23 -2.19
C7 TRK X . 32.69 25.96 4.60
C8 TRK X . 32.21 26.41 5.93
C9 TRK X . 30.96 27.16 6.07
C10 TRK X . 30.34 27.70 7.29
C11 TRK X . 28.80 28.31 5.69
C12 TRK X . 29.95 27.54 5.10
C13 TRK X . 33.92 25.85 1.89
C14 TRK X . 33.74 22.85 0.36
C15 TRK X . 33.99 23.67 -0.91
C16 TRK X . 32.74 21.70 0.11
C17 TRK X . 33.97 20.34 1.69
C18 TRK X . 33.80 19.44 2.90
C19 TRK X . 34.58 19.53 0.53
C20 TRK X . 35.59 18.49 0.88
C21 TRK X . 34.21 19.73 -0.78
C22 TRK X . 33.26 20.86 -1.06
MG MG Y . 32.37 26.01 9.02
C1 GOL Z . 31.36 21.73 4.50
O1 GOL Z . 31.50 22.54 3.31
C2 GOL Z . 31.83 22.47 5.73
O2 GOL Z . 30.82 22.22 6.64
C3 GOL Z . 33.23 22.09 6.25
O3 GOL Z . 33.24 21.21 7.35
C1 GOL AA . 31.69 39.19 -3.19
O1 GOL AA . 33.06 38.73 -3.34
C2 GOL AA . 30.73 38.02 -3.52
O2 GOL AA . 31.02 37.15 -2.55
C3 GOL AA . 29.20 38.14 -3.24
O3 GOL AA . 28.34 38.23 -4.37
CL CL BA . 23.33 36.76 -9.16
CL CL CA . 40.99 18.25 6.94
#